data_2DK2
#
_entry.id   2DK2
#
_cell.length_a   1.000
_cell.length_b   1.000
_cell.length_c   1.000
_cell.angle_alpha   90.00
_cell.angle_beta   90.00
_cell.angle_gamma   90.00
#
_symmetry.space_group_name_H-M   'P 1'
#
_entity_poly.entity_id   1
_entity_poly.type   'polypeptide(L)'
_entity_poly.pdbx_seq_one_letter_code
;GSSGSSGDPEVMAKVKVLFVRNLATTVTEEILEKSFSEFGKLERVKKLKDYAFVHFEDRGAAVKAMDEMNGKEIEGEEIE
IVLAKPPDKKRSGPSSG
;
_entity_poly.pdbx_strand_id   A
#
# COMPACT_ATOMS: atom_id res chain seq x y z
N GLY A 1 12.85 15.17 16.46
CA GLY A 1 11.81 14.85 15.50
C GLY A 1 12.35 14.74 14.09
N SER A 2 12.26 13.55 13.50
CA SER A 2 12.75 13.31 12.16
C SER A 2 11.61 13.42 11.14
N SER A 3 11.96 13.84 9.93
CA SER A 3 10.97 14.00 8.86
C SER A 3 11.65 14.23 7.51
N GLY A 4 10.85 14.51 6.50
CA GLY A 4 11.39 14.75 5.17
C GLY A 4 10.31 14.84 4.12
N SER A 5 10.44 15.84 3.24
CA SER A 5 9.46 16.04 2.17
C SER A 5 10.03 16.94 1.08
N SER A 6 9.37 16.94 -0.08
CA SER A 6 9.82 17.75 -1.20
C SER A 6 8.81 17.68 -2.35
N GLY A 7 8.75 18.74 -3.15
CA GLY A 7 7.84 18.78 -4.27
C GLY A 7 6.50 19.39 -3.90
N ASP A 8 5.43 18.66 -4.17
CA ASP A 8 4.08 19.13 -3.87
C ASP A 8 3.29 18.06 -3.11
N PRO A 9 2.26 18.50 -2.37
CA PRO A 9 1.41 17.60 -1.59
C PRO A 9 0.52 16.72 -2.48
N GLU A 10 -0.13 17.34 -3.46
CA GLU A 10 -1.00 16.61 -4.36
C GLU A 10 -0.24 15.48 -5.05
N VAL A 11 1.07 15.64 -5.18
CA VAL A 11 1.91 14.63 -5.82
C VAL A 11 1.67 13.25 -5.21
N MET A 12 2.08 13.10 -3.95
CA MET A 12 1.92 11.83 -3.25
C MET A 12 0.48 11.66 -2.78
N ALA A 13 -0.13 12.75 -2.34
CA ALA A 13 -1.51 12.71 -1.86
C ALA A 13 -2.44 12.09 -2.90
N LYS A 14 -2.06 12.23 -4.17
CA LYS A 14 -2.87 11.69 -5.26
C LYS A 14 -3.01 10.17 -5.12
N VAL A 15 -2.00 9.54 -4.55
CA VAL A 15 -2.02 8.09 -4.36
C VAL A 15 -3.00 7.69 -3.27
N LYS A 16 -3.82 6.69 -3.56
CA LYS A 16 -4.82 6.21 -2.62
C LYS A 16 -4.73 4.69 -2.46
N VAL A 17 -3.55 4.14 -2.72
CA VAL A 17 -3.33 2.70 -2.60
C VAL A 17 -1.97 2.40 -1.97
N LEU A 18 -1.95 1.46 -1.03
CA LEU A 18 -0.72 1.08 -0.36
C LEU A 18 -0.23 -0.29 -0.85
N PHE A 19 1.08 -0.41 -1.04
CA PHE A 19 1.67 -1.65 -1.51
C PHE A 19 2.38 -2.37 -0.37
N VAL A 20 1.70 -3.33 0.24
CA VAL A 20 2.27 -4.10 1.34
C VAL A 20 2.99 -5.34 0.83
N ARG A 21 4.32 -5.34 0.96
CA ARG A 21 5.13 -6.46 0.51
C ARG A 21 5.57 -7.31 1.70
N ASN A 22 6.11 -8.49 1.40
CA ASN A 22 6.57 -9.41 2.44
C ASN A 22 5.45 -9.74 3.41
N LEU A 23 4.53 -10.60 2.99
CA LEU A 23 3.40 -11.00 3.82
C LEU A 23 3.62 -12.41 4.39
N ALA A 24 2.67 -12.87 5.19
CA ALA A 24 2.76 -14.19 5.80
C ALA A 24 1.89 -15.19 5.04
N THR A 25 2.34 -16.44 5.00
CA THR A 25 1.60 -17.49 4.31
C THR A 25 0.53 -18.11 5.21
N THR A 26 0.75 -18.01 6.53
CA THR A 26 -0.19 -18.56 7.49
C THR A 26 -1.37 -17.62 7.70
N VAL A 27 -1.13 -16.33 7.53
CA VAL A 27 -2.17 -15.32 7.69
C VAL A 27 -3.23 -15.44 6.60
N THR A 28 -4.40 -14.85 6.85
CA THR A 28 -5.50 -14.88 5.89
C THR A 28 -6.01 -13.48 5.58
N GLU A 29 -6.77 -13.36 4.50
CA GLU A 29 -7.33 -12.08 4.10
C GLU A 29 -8.12 -11.44 5.25
N GLU A 30 -8.65 -12.29 6.13
CA GLU A 30 -9.44 -11.82 7.26
C GLU A 30 -8.56 -11.02 8.23
N ILE A 31 -7.44 -11.61 8.63
CA ILE A 31 -6.53 -10.95 9.55
C ILE A 31 -6.01 -9.64 8.98
N LEU A 32 -5.59 -9.67 7.71
CA LEU A 32 -5.09 -8.48 7.05
C LEU A 32 -6.16 -7.40 6.96
N GLU A 33 -7.41 -7.83 6.84
CA GLU A 33 -8.53 -6.91 6.75
C GLU A 33 -8.85 -6.30 8.12
N LYS A 34 -8.51 -7.03 9.18
CA LYS A 34 -8.76 -6.57 10.53
C LYS A 34 -7.58 -5.77 11.06
N SER A 35 -6.39 -6.03 10.52
CA SER A 35 -5.19 -5.32 10.93
C SER A 35 -5.22 -3.87 10.49
N PHE A 36 -5.85 -3.62 9.34
CA PHE A 36 -5.96 -2.26 8.81
C PHE A 36 -7.28 -1.62 9.22
N SER A 37 -8.32 -2.46 9.33
CA SER A 37 -9.64 -1.97 9.70
C SER A 37 -9.58 -1.18 11.02
N GLU A 38 -8.60 -1.51 11.86
CA GLU A 38 -8.43 -0.83 13.13
C GLU A 38 -8.16 0.65 12.94
N PHE A 39 -7.60 0.99 11.78
CA PHE A 39 -7.28 2.39 11.46
C PHE A 39 -8.48 3.07 10.82
N GLY A 40 -9.04 2.44 9.79
CA GLY A 40 -10.18 3.02 9.10
C GLY A 40 -10.94 1.99 8.28
N LYS A 41 -12.22 2.26 8.03
CA LYS A 41 -13.05 1.35 7.25
C LYS A 41 -12.40 1.04 5.89
N LEU A 42 -11.80 -0.14 5.80
CA LEU A 42 -11.16 -0.55 4.56
C LEU A 42 -12.14 -0.58 3.40
N GLU A 43 -11.64 -0.86 2.20
CA GLU A 43 -12.48 -0.91 1.01
C GLU A 43 -12.49 -2.32 0.42
N ARG A 44 -11.31 -2.92 0.29
CA ARG A 44 -11.19 -4.26 -0.26
C ARG A 44 -9.73 -4.70 -0.27
N VAL A 45 -9.50 -5.96 0.11
CA VAL A 45 -8.15 -6.51 0.15
C VAL A 45 -8.05 -7.76 -0.73
N LYS A 46 -6.89 -7.94 -1.36
CA LYS A 46 -6.66 -9.09 -2.22
C LYS A 46 -5.24 -9.63 -2.03
N LYS A 47 -5.14 -10.95 -1.96
CA LYS A 47 -3.85 -11.61 -1.78
C LYS A 47 -3.19 -11.90 -3.13
N LEU A 48 -2.23 -11.04 -3.51
CA LEU A 48 -1.52 -11.21 -4.78
C LEU A 48 -0.02 -11.26 -4.55
N LYS A 49 0.56 -12.44 -4.77
CA LYS A 49 2.00 -12.63 -4.60
C LYS A 49 2.41 -12.40 -3.14
N ASP A 50 3.70 -12.20 -2.93
CA ASP A 50 4.23 -11.96 -1.58
C ASP A 50 3.62 -10.70 -0.98
N TYR A 51 3.04 -9.87 -1.83
CA TYR A 51 2.42 -8.62 -1.38
C TYR A 51 0.89 -8.73 -1.42
N ALA A 52 0.23 -7.61 -1.12
CA ALA A 52 -1.23 -7.57 -1.12
C ALA A 52 -1.74 -6.23 -1.62
N PHE A 53 -3.00 -6.20 -2.06
CA PHE A 53 -3.61 -4.98 -2.56
C PHE A 53 -4.82 -4.59 -1.72
N VAL A 54 -4.67 -3.55 -0.91
CA VAL A 54 -5.75 -3.07 -0.06
C VAL A 54 -6.21 -1.67 -0.47
N HIS A 55 -7.51 -1.43 -0.39
CA HIS A 55 -8.07 -0.13 -0.75
C HIS A 55 -8.66 0.57 0.47
N PHE A 56 -8.64 1.89 0.46
CA PHE A 56 -9.17 2.68 1.57
C PHE A 56 -10.22 3.66 1.08
N GLU A 57 -11.14 4.05 1.97
CA GLU A 57 -12.19 4.98 1.63
C GLU A 57 -11.62 6.28 1.06
N ASP A 58 -10.39 6.59 1.45
CA ASP A 58 -9.72 7.79 0.98
C ASP A 58 -8.21 7.71 1.20
N ARG A 59 -7.51 8.78 0.87
CA ARG A 59 -6.06 8.83 1.04
C ARG A 59 -5.69 9.05 2.50
N GLY A 60 -6.52 9.82 3.21
CA GLY A 60 -6.26 10.09 4.61
C GLY A 60 -6.22 8.83 5.45
N ALA A 61 -6.99 7.83 5.04
CA ALA A 61 -7.04 6.57 5.77
C ALA A 61 -5.87 5.67 5.42
N ALA A 62 -5.31 5.88 4.23
CA ALA A 62 -4.17 5.09 3.77
C ALA A 62 -2.85 5.64 4.34
N VAL A 63 -2.72 6.96 4.33
CA VAL A 63 -1.52 7.61 4.85
C VAL A 63 -1.40 7.42 6.35
N LYS A 64 -2.44 7.81 7.08
CA LYS A 64 -2.45 7.69 8.53
C LYS A 64 -2.17 6.24 8.95
N ALA A 65 -2.55 5.29 8.11
CA ALA A 65 -2.34 3.88 8.40
C ALA A 65 -0.92 3.46 8.03
N MET A 66 -0.58 3.57 6.75
CA MET A 66 0.75 3.20 6.29
C MET A 66 1.84 3.90 7.10
N ASP A 67 1.51 5.08 7.61
CA ASP A 67 2.46 5.86 8.42
C ASP A 67 2.92 5.05 9.62
N GLU A 68 1.96 4.53 10.39
CA GLU A 68 2.28 3.75 11.57
C GLU A 68 2.61 2.30 11.20
N MET A 69 1.78 1.70 10.35
CA MET A 69 1.99 0.33 9.90
C MET A 69 3.41 0.15 9.38
N ASN A 70 3.93 1.18 8.72
CA ASN A 70 5.28 1.11 8.16
C ASN A 70 6.29 0.68 9.22
N GLY A 71 6.73 -0.57 9.13
CA GLY A 71 7.69 -1.09 10.07
C GLY A 71 7.03 -1.79 11.25
N LYS A 72 6.03 -2.61 10.94
CA LYS A 72 5.30 -3.35 11.97
C LYS A 72 5.62 -4.84 11.90
N GLU A 73 5.26 -5.57 12.95
CA GLU A 73 5.50 -7.01 13.00
C GLU A 73 4.20 -7.78 13.03
N ILE A 74 3.84 -8.40 11.91
CA ILE A 74 2.62 -9.18 11.81
C ILE A 74 2.91 -10.67 11.69
N GLU A 75 2.30 -11.46 12.55
CA GLU A 75 2.49 -12.90 12.54
C GLU A 75 3.98 -13.25 12.61
N GLY A 76 4.74 -12.45 13.34
CA GLY A 76 6.17 -12.68 13.47
C GLY A 76 6.88 -12.59 12.14
N GLU A 77 6.31 -11.86 11.20
CA GLU A 77 6.90 -11.70 9.88
C GLU A 77 7.15 -10.22 9.57
N GLU A 78 8.33 -9.92 9.04
CA GLU A 78 8.69 -8.55 8.70
C GLU A 78 7.89 -8.06 7.50
N ILE A 79 6.85 -7.29 7.76
CA ILE A 79 6.01 -6.74 6.69
C ILE A 79 6.51 -5.38 6.23
N GLU A 80 6.57 -5.21 4.91
CA GLU A 80 7.04 -3.94 4.34
C GLU A 80 5.88 -3.16 3.73
N ILE A 81 6.04 -1.85 3.64
CA ILE A 81 5.00 -0.99 3.08
C ILE A 81 5.62 0.14 2.25
N VAL A 82 5.08 0.34 1.05
CA VAL A 82 5.57 1.38 0.16
C VAL A 82 4.43 1.98 -0.66
N LEU A 83 4.49 3.30 -0.87
CA LEU A 83 3.47 3.99 -1.64
C LEU A 83 3.40 3.46 -3.07
N ALA A 84 2.24 2.97 -3.46
CA ALA A 84 2.04 2.43 -4.80
C ALA A 84 1.67 3.54 -5.78
N LYS A 85 2.65 3.99 -6.57
CA LYS A 85 2.42 5.04 -7.55
C LYS A 85 1.75 4.49 -8.80
N PRO A 86 0.98 5.34 -9.48
CA PRO A 86 0.26 4.96 -10.71
C PRO A 86 1.21 4.73 -11.88
N PRO A 87 0.69 4.13 -12.96
CA PRO A 87 1.47 3.85 -14.17
C PRO A 87 1.84 5.11 -14.93
N ASP A 88 1.13 6.20 -14.65
CA ASP A 88 1.39 7.48 -15.30
C ASP A 88 1.19 7.36 -16.80
N LYS A 89 1.39 8.47 -17.52
CA LYS A 89 1.23 8.50 -18.96
C LYS A 89 2.53 8.14 -19.66
N LYS A 90 2.69 6.86 -19.99
CA LYS A 90 3.89 6.39 -20.67
C LYS A 90 3.70 6.39 -22.18
N ARG A 91 4.49 7.23 -22.86
CA ARG A 91 4.41 7.33 -24.31
C ARG A 91 5.49 6.48 -24.98
N SER A 92 5.52 6.51 -26.31
CA SER A 92 6.49 5.74 -27.07
C SER A 92 7.34 6.65 -27.95
N GLY A 93 8.66 6.48 -27.88
CA GLY A 93 9.55 7.29 -28.68
C GLY A 93 10.09 6.55 -29.89
N PRO A 94 10.97 7.21 -30.65
CA PRO A 94 11.58 6.62 -31.85
C PRO A 94 12.55 5.50 -31.51
N SER A 95 12.96 4.74 -32.54
CA SER A 95 13.88 3.64 -32.35
C SER A 95 15.17 3.87 -33.13
N SER A 96 15.05 4.46 -34.31
CA SER A 96 16.20 4.73 -35.16
C SER A 96 16.97 3.46 -35.46
N GLY A 97 16.65 2.83 -36.58
CA GLY A 97 17.33 1.60 -36.97
C GLY A 97 16.57 0.85 -38.05
N GLY A 1 15.26 20.84 10.25
CA GLY A 1 16.66 20.95 9.89
C GLY A 1 16.91 20.59 8.45
N SER A 2 17.04 19.29 8.17
CA SER A 2 17.28 18.82 6.81
C SER A 2 16.16 17.92 6.33
N SER A 3 15.78 18.09 5.07
CA SER A 3 14.70 17.30 4.48
C SER A 3 15.23 16.43 3.34
N GLY A 4 14.33 15.65 2.74
CA GLY A 4 14.72 14.78 1.64
C GLY A 4 13.53 14.12 0.98
N SER A 5 12.91 14.84 0.03
CA SER A 5 11.75 14.31 -0.68
C SER A 5 11.77 14.75 -2.14
N SER A 6 12.09 13.81 -3.02
CA SER A 6 12.14 14.10 -4.45
C SER A 6 10.75 14.11 -5.07
N GLY A 7 10.20 15.30 -5.28
CA GLY A 7 8.88 15.42 -5.86
C GLY A 7 8.02 16.43 -5.12
N ASP A 8 6.71 16.31 -5.28
CA ASP A 8 5.77 17.22 -4.62
C ASP A 8 4.78 16.46 -3.77
N PRO A 9 4.19 17.15 -2.78
CA PRO A 9 3.21 16.55 -1.86
C PRO A 9 1.89 16.24 -2.55
N GLU A 10 1.46 17.14 -3.43
CA GLU A 10 0.21 16.95 -4.16
C GLU A 10 0.21 15.62 -4.90
N VAL A 11 1.35 15.26 -5.47
CA VAL A 11 1.47 14.00 -6.21
C VAL A 11 1.32 12.80 -5.27
N MET A 12 1.87 12.92 -4.07
CA MET A 12 1.79 11.84 -3.09
C MET A 12 0.39 11.74 -2.51
N ALA A 13 -0.34 12.85 -2.51
CA ALA A 13 -1.70 12.90 -1.99
C ALA A 13 -2.68 12.26 -2.97
N LYS A 14 -2.33 12.26 -4.25
CA LYS A 14 -3.17 11.69 -5.28
C LYS A 14 -3.41 10.21 -5.03
N VAL A 15 -2.33 9.43 -5.04
CA VAL A 15 -2.40 7.99 -4.81
C VAL A 15 -3.15 7.69 -3.52
N LYS A 16 -3.97 6.63 -3.54
CA LYS A 16 -4.74 6.23 -2.37
C LYS A 16 -4.66 4.71 -2.16
N VAL A 17 -3.58 4.11 -2.64
CA VAL A 17 -3.38 2.67 -2.50
C VAL A 17 -2.04 2.35 -1.86
N LEU A 18 -2.05 1.44 -0.91
CA LEU A 18 -0.83 1.05 -0.21
C LEU A 18 -0.32 -0.29 -0.72
N PHE A 19 0.99 -0.41 -0.85
CA PHE A 19 1.61 -1.65 -1.34
C PHE A 19 2.33 -2.37 -0.20
N VAL A 20 1.65 -3.36 0.37
CA VAL A 20 2.22 -4.14 1.47
C VAL A 20 2.95 -5.37 0.95
N ARG A 21 4.28 -5.35 1.07
CA ARG A 21 5.10 -6.47 0.62
C ARG A 21 5.56 -7.33 1.79
N ASN A 22 6.16 -8.47 1.48
CA ASN A 22 6.64 -9.38 2.51
C ASN A 22 5.53 -9.74 3.49
N LEU A 23 4.61 -10.57 3.05
CA LEU A 23 3.48 -10.99 3.89
C LEU A 23 3.68 -12.41 4.39
N ALA A 24 2.74 -12.89 5.20
CA ALA A 24 2.81 -14.24 5.73
C ALA A 24 1.93 -15.21 4.94
N THR A 25 2.37 -16.45 4.85
CA THR A 25 1.62 -17.47 4.11
C THR A 25 0.54 -18.10 4.98
N THR A 26 0.74 -18.06 6.29
CA THR A 26 -0.22 -18.62 7.23
C THR A 26 -1.41 -17.69 7.43
N VAL A 27 -1.17 -16.40 7.30
CA VAL A 27 -2.22 -15.40 7.46
C VAL A 27 -3.22 -15.46 6.31
N THR A 28 -4.40 -14.88 6.52
CA THR A 28 -5.44 -14.88 5.50
C THR A 28 -5.98 -13.46 5.28
N GLU A 29 -6.71 -13.29 4.18
CA GLU A 29 -7.29 -11.99 3.87
C GLU A 29 -8.17 -11.48 5.01
N GLU A 30 -8.71 -12.42 5.79
CA GLU A 30 -9.56 -12.07 6.91
C GLU A 30 -8.76 -11.37 8.01
N ILE A 31 -7.51 -11.78 8.19
CA ILE A 31 -6.64 -11.19 9.19
C ILE A 31 -6.09 -9.85 8.72
N LEU A 32 -5.51 -9.85 7.53
CA LEU A 32 -4.93 -8.63 6.96
C LEU A 32 -5.95 -7.50 6.94
N GLU A 33 -7.23 -7.87 6.87
CA GLU A 33 -8.30 -6.88 6.84
C GLU A 33 -8.41 -6.16 8.19
N LYS A 34 -8.77 -6.92 9.22
CA LYS A 34 -8.91 -6.36 10.57
C LYS A 34 -7.66 -5.59 10.97
N SER A 35 -6.51 -6.01 10.45
CA SER A 35 -5.25 -5.35 10.75
C SER A 35 -5.33 -3.86 10.48
N PHE A 36 -5.61 -3.51 9.23
CA PHE A 36 -5.71 -2.10 8.84
C PHE A 36 -7.08 -1.54 9.22
N SER A 37 -8.08 -2.40 9.30
CA SER A 37 -9.44 -1.99 9.65
C SER A 37 -9.44 -1.22 10.97
N GLU A 38 -8.47 -1.51 11.82
CA GLU A 38 -8.37 -0.84 13.11
C GLU A 38 -8.11 0.66 12.93
N PHE A 39 -7.48 1.01 11.81
CA PHE A 39 -7.18 2.41 11.52
C PHE A 39 -8.38 3.11 10.90
N GLY A 40 -8.94 2.50 9.86
CA GLY A 40 -10.09 3.08 9.19
C GLY A 40 -10.89 2.05 8.42
N LYS A 41 -12.12 2.41 8.05
CA LYS A 41 -12.98 1.51 7.30
C LYS A 41 -12.36 1.14 5.96
N LEU A 42 -11.74 -0.03 5.91
CA LEU A 42 -11.11 -0.50 4.68
C LEU A 42 -12.11 -0.52 3.52
N GLU A 43 -11.62 -0.85 2.33
CA GLU A 43 -12.47 -0.90 1.14
C GLU A 43 -12.50 -2.31 0.56
N ARG A 44 -11.33 -2.91 0.42
CA ARG A 44 -11.21 -4.26 -0.13
C ARG A 44 -9.76 -4.71 -0.16
N VAL A 45 -9.53 -5.96 0.23
CA VAL A 45 -8.18 -6.52 0.24
C VAL A 45 -8.09 -7.75 -0.66
N LYS A 46 -6.91 -7.96 -1.24
CA LYS A 46 -6.68 -9.09 -2.13
C LYS A 46 -5.27 -9.65 -1.95
N LYS A 47 -5.16 -10.98 -1.91
CA LYS A 47 -3.88 -11.63 -1.75
C LYS A 47 -3.22 -11.89 -3.11
N LEU A 48 -2.27 -11.03 -3.46
CA LEU A 48 -1.56 -11.17 -4.73
C LEU A 48 -0.05 -11.22 -4.51
N LYS A 49 0.53 -12.39 -4.76
CA LYS A 49 1.97 -12.57 -4.59
C LYS A 49 2.38 -12.37 -3.13
N ASP A 50 3.67 -12.18 -2.91
CA ASP A 50 4.19 -11.97 -1.56
C ASP A 50 3.60 -10.70 -0.94
N TYR A 51 3.00 -9.86 -1.78
CA TYR A 51 2.39 -8.62 -1.31
C TYR A 51 0.87 -8.72 -1.32
N ALA A 52 0.21 -7.61 -1.01
CA ALA A 52 -1.25 -7.57 -0.99
C ALA A 52 -1.77 -6.24 -1.49
N PHE A 53 -3.02 -6.22 -1.95
CA PHE A 53 -3.64 -5.00 -2.46
C PHE A 53 -4.85 -4.61 -1.61
N VAL A 54 -4.69 -3.56 -0.82
CA VAL A 54 -5.78 -3.08 0.04
C VAL A 54 -6.23 -1.68 -0.38
N HIS A 55 -7.53 -1.45 -0.31
CA HIS A 55 -8.09 -0.15 -0.67
C HIS A 55 -8.67 0.56 0.55
N PHE A 56 -8.67 1.89 0.52
CA PHE A 56 -9.19 2.68 1.62
C PHE A 56 -10.26 3.65 1.14
N GLU A 57 -11.17 4.02 2.05
CA GLU A 57 -12.25 4.95 1.71
C GLU A 57 -11.69 6.23 1.12
N ASP A 58 -10.46 6.57 1.49
CA ASP A 58 -9.82 7.78 1.00
C ASP A 58 -8.30 7.70 1.17
N ARG A 59 -7.63 8.82 0.95
CA ARG A 59 -6.17 8.87 1.07
C ARG A 59 -5.75 9.06 2.52
N GLY A 60 -6.55 9.83 3.26
CA GLY A 60 -6.24 10.08 4.66
C GLY A 60 -6.22 8.81 5.48
N ALA A 61 -7.02 7.83 5.07
CA ALA A 61 -7.09 6.56 5.78
C ALA A 61 -5.92 5.65 5.40
N ALA A 62 -5.38 5.87 4.21
CA ALA A 62 -4.25 5.08 3.72
C ALA A 62 -2.93 5.60 4.28
N VAL A 63 -2.73 6.90 4.18
CA VAL A 63 -1.51 7.54 4.67
C VAL A 63 -1.39 7.41 6.18
N LYS A 64 -2.44 7.82 6.88
CA LYS A 64 -2.46 7.74 8.35
C LYS A 64 -2.17 6.32 8.82
N ALA A 65 -2.50 5.34 7.99
CA ALA A 65 -2.27 3.94 8.32
C ALA A 65 -0.84 3.53 8.00
N MET A 66 -0.47 3.65 6.72
CA MET A 66 0.88 3.29 6.28
C MET A 66 1.93 4.03 7.09
N ASP A 67 1.56 5.20 7.60
CA ASP A 67 2.47 6.02 8.40
C ASP A 67 2.97 5.24 9.62
N GLU A 68 2.05 4.57 10.30
CA GLU A 68 2.39 3.80 11.49
C GLU A 68 2.70 2.35 11.12
N MET A 69 1.84 1.76 10.30
CA MET A 69 2.01 0.37 9.88
C MET A 69 3.42 0.15 9.31
N ASN A 70 3.96 1.19 8.68
CA ASN A 70 5.30 1.11 8.10
C ASN A 70 6.31 0.61 9.12
N GLY A 71 6.74 -0.64 8.96
CA GLY A 71 7.70 -1.22 9.87
C GLY A 71 7.04 -1.95 11.03
N LYS A 72 6.00 -2.71 10.73
CA LYS A 72 5.28 -3.46 11.74
C LYS A 72 5.63 -4.95 11.67
N GLU A 73 5.10 -5.72 12.62
CA GLU A 73 5.36 -7.15 12.66
C GLU A 73 4.05 -7.94 12.65
N ILE A 74 3.67 -8.43 11.47
CA ILE A 74 2.45 -9.20 11.31
C ILE A 74 2.73 -10.70 11.34
N GLU A 75 2.07 -11.40 12.25
CA GLU A 75 2.25 -12.84 12.38
C GLU A 75 3.72 -13.19 12.59
N GLY A 76 4.46 -12.27 13.20
CA GLY A 76 5.87 -12.50 13.45
C GLY A 76 6.69 -12.49 12.18
N GLU A 77 6.14 -11.90 11.12
CA GLU A 77 6.83 -11.82 9.85
C GLU A 77 7.09 -10.38 9.45
N GLU A 78 8.37 -10.04 9.24
CA GLU A 78 8.75 -8.68 8.87
C GLU A 78 7.97 -8.23 7.64
N ILE A 79 7.01 -7.34 7.86
CA ILE A 79 6.20 -6.81 6.76
C ILE A 79 6.72 -5.46 6.28
N GLU A 80 6.57 -5.20 4.99
CA GLU A 80 7.03 -3.95 4.40
C GLU A 80 5.86 -3.17 3.80
N ILE A 81 6.02 -1.85 3.72
CA ILE A 81 4.98 -1.00 3.16
C ILE A 81 5.58 0.13 2.33
N VAL A 82 5.05 0.34 1.13
CA VAL A 82 5.53 1.39 0.25
C VAL A 82 4.39 2.01 -0.55
N LEU A 83 4.58 3.24 -0.99
CA LEU A 83 3.58 3.95 -1.75
C LEU A 83 3.50 3.41 -3.18
N ALA A 84 2.39 2.74 -3.50
CA ALA A 84 2.21 2.17 -4.83
C ALA A 84 2.13 3.28 -5.89
N LYS A 85 2.53 2.95 -7.11
CA LYS A 85 2.52 3.90 -8.20
C LYS A 85 1.30 3.69 -9.10
N PRO A 86 0.83 4.76 -9.73
CA PRO A 86 -0.33 4.73 -10.62
C PRO A 86 -0.05 3.97 -11.91
N PRO A 87 -1.11 3.66 -12.67
CA PRO A 87 -0.99 2.93 -13.93
C PRO A 87 -0.35 3.78 -15.03
N ASP A 88 0.72 3.25 -15.62
CA ASP A 88 1.43 3.96 -16.68
C ASP A 88 2.16 2.98 -17.59
N LYS A 89 2.08 3.22 -18.90
CA LYS A 89 2.73 2.36 -19.87
C LYS A 89 2.26 0.92 -19.73
N LYS A 90 1.18 0.58 -20.43
CA LYS A 90 0.62 -0.76 -20.38
C LYS A 90 1.52 -1.75 -21.13
N ARG A 91 2.28 -2.53 -20.38
CA ARG A 91 3.18 -3.52 -20.97
C ARG A 91 2.41 -4.50 -21.84
N SER A 92 2.80 -4.59 -23.11
CA SER A 92 2.15 -5.49 -24.05
C SER A 92 2.77 -6.88 -24.00
N GLY A 93 2.05 -7.87 -24.52
CA GLY A 93 2.55 -9.23 -24.53
C GLY A 93 1.48 -10.24 -24.89
N PRO A 94 1.81 -11.54 -24.75
CA PRO A 94 0.88 -12.63 -25.06
C PRO A 94 -0.26 -12.71 -24.06
N SER A 95 -1.48 -12.89 -24.58
CA SER A 95 -2.66 -12.98 -23.73
C SER A 95 -3.64 -14.02 -24.27
N SER A 96 -4.67 -14.32 -23.49
CA SER A 96 -5.68 -15.30 -23.90
C SER A 96 -7.09 -14.73 -23.70
N GLY A 97 -7.50 -13.87 -24.63
CA GLY A 97 -8.82 -13.27 -24.54
C GLY A 97 -9.25 -12.64 -25.85
N GLY A 1 3.93 18.20 10.15
CA GLY A 1 4.39 17.54 8.95
C GLY A 1 5.78 17.99 8.53
N SER A 2 6.79 17.21 8.91
CA SER A 2 8.16 17.54 8.58
C SER A 2 8.79 16.45 7.71
N SER A 3 8.00 15.91 6.79
CA SER A 3 8.46 14.85 5.90
C SER A 3 9.55 15.38 4.96
N GLY A 4 10.52 14.52 4.65
CA GLY A 4 11.60 14.91 3.76
C GLY A 4 11.89 13.87 2.70
N SER A 5 11.05 13.85 1.66
CA SER A 5 11.22 12.89 0.57
C SER A 5 10.98 13.56 -0.78
N SER A 6 11.58 13.01 -1.83
CA SER A 6 11.43 13.55 -3.17
C SER A 6 10.00 13.37 -3.66
N GLY A 7 9.66 14.09 -4.73
CA GLY A 7 8.32 14.00 -5.29
C GLY A 7 7.48 15.23 -4.98
N ASP A 8 6.45 15.46 -5.79
CA ASP A 8 5.58 16.60 -5.59
C ASP A 8 4.44 16.25 -4.63
N PRO A 9 3.86 17.29 -4.00
CA PRO A 9 2.76 17.12 -3.05
C PRO A 9 1.47 16.67 -3.72
N GLU A 10 1.30 17.06 -4.97
CA GLU A 10 0.11 16.71 -5.74
C GLU A 10 0.12 15.22 -6.09
N VAL A 11 1.30 14.68 -6.35
CA VAL A 11 1.44 13.28 -6.70
C VAL A 11 1.06 12.38 -5.52
N MET A 12 1.55 12.74 -4.34
CA MET A 12 1.26 11.96 -3.13
C MET A 12 -0.21 12.07 -2.75
N ALA A 13 -0.84 13.18 -3.16
CA ALA A 13 -2.25 13.40 -2.86
C ALA A 13 -3.14 12.59 -3.79
N LYS A 14 -2.62 12.26 -4.97
CA LYS A 14 -3.37 11.49 -5.95
C LYS A 14 -3.44 10.02 -5.55
N VAL A 15 -2.28 9.41 -5.35
CA VAL A 15 -2.21 8.01 -4.96
C VAL A 15 -3.08 7.74 -3.74
N LYS A 16 -3.88 6.67 -3.82
CA LYS A 16 -4.77 6.29 -2.72
C LYS A 16 -4.71 4.79 -2.47
N VAL A 17 -3.59 4.17 -2.82
CA VAL A 17 -3.41 2.75 -2.64
C VAL A 17 -2.07 2.44 -1.98
N LEU A 18 -2.08 1.52 -1.01
CA LEU A 18 -0.87 1.14 -0.30
C LEU A 18 -0.35 -0.21 -0.79
N PHE A 19 0.96 -0.31 -0.98
CA PHE A 19 1.58 -1.54 -1.44
C PHE A 19 2.30 -2.25 -0.30
N VAL A 20 1.63 -3.23 0.29
CA VAL A 20 2.21 -3.99 1.40
C VAL A 20 2.96 -5.22 0.89
N ARG A 21 4.28 -5.20 1.04
CA ARG A 21 5.12 -6.31 0.59
C ARG A 21 5.59 -7.14 1.77
N ASN A 22 6.20 -8.29 1.49
CA ASN A 22 6.70 -9.18 2.53
C ASN A 22 5.58 -9.55 3.51
N LEU A 23 4.67 -10.39 3.06
CA LEU A 23 3.55 -10.83 3.89
C LEU A 23 3.77 -12.25 4.38
N ALA A 24 2.83 -12.74 5.19
CA ALA A 24 2.91 -14.10 5.72
C ALA A 24 1.93 -15.03 5.02
N THR A 25 2.31 -16.30 4.89
CA THR A 25 1.48 -17.28 4.23
C THR A 25 0.46 -17.89 5.21
N THR A 26 0.80 -17.85 6.49
CA THR A 26 -0.07 -18.39 7.53
C THR A 26 -1.28 -17.49 7.75
N VAL A 27 -1.10 -16.20 7.51
CA VAL A 27 -2.19 -15.23 7.69
C VAL A 27 -3.19 -15.33 6.55
N THR A 28 -4.39 -14.79 6.78
CA THR A 28 -5.44 -14.82 5.78
C THR A 28 -5.99 -13.43 5.52
N GLU A 29 -6.74 -13.29 4.43
CA GLU A 29 -7.33 -12.00 4.07
C GLU A 29 -8.19 -11.46 5.19
N GLU A 30 -8.72 -12.36 6.02
CA GLU A 30 -9.57 -11.98 7.14
C GLU A 30 -8.77 -11.20 8.19
N ILE A 31 -7.52 -11.62 8.39
CA ILE A 31 -6.65 -10.97 9.37
C ILE A 31 -6.14 -9.64 8.83
N LEU A 32 -5.58 -9.65 7.63
CA LEU A 32 -5.05 -8.44 7.02
C LEU A 32 -6.13 -7.36 6.94
N GLU A 33 -7.39 -7.77 6.86
CA GLU A 33 -8.50 -6.85 6.79
C GLU A 33 -8.81 -6.25 8.17
N LYS A 34 -8.47 -7.00 9.21
CA LYS A 34 -8.70 -6.55 10.58
C LYS A 34 -7.54 -5.70 11.08
N SER A 35 -6.35 -5.94 10.52
CA SER A 35 -5.16 -5.20 10.91
C SER A 35 -5.27 -3.74 10.49
N PHE A 36 -5.88 -3.51 9.34
CA PHE A 36 -6.04 -2.15 8.81
C PHE A 36 -7.40 -1.57 9.22
N SER A 37 -8.37 -2.45 9.42
CA SER A 37 -9.72 -2.03 9.82
C SER A 37 -9.66 -1.16 11.07
N GLU A 38 -8.69 -1.43 11.93
CA GLU A 38 -8.54 -0.67 13.17
C GLU A 38 -8.24 0.80 12.88
N PHE A 39 -7.64 1.04 11.72
CA PHE A 39 -7.30 2.40 11.32
C PHE A 39 -8.49 3.12 10.69
N GLY A 40 -9.12 2.46 9.72
CA GLY A 40 -10.28 3.04 9.06
C GLY A 40 -11.03 2.03 8.23
N LYS A 41 -12.29 2.34 7.94
CA LYS A 41 -13.14 1.44 7.14
C LYS A 41 -12.46 1.09 5.82
N LEU A 42 -11.95 -0.13 5.73
CA LEU A 42 -11.28 -0.58 4.52
C LEU A 42 -12.26 -0.63 3.34
N GLU A 43 -11.72 -0.87 2.15
CA GLU A 43 -12.55 -0.94 0.95
C GLU A 43 -12.55 -2.36 0.37
N ARG A 44 -11.36 -2.94 0.25
CA ARG A 44 -11.23 -4.29 -0.27
C ARG A 44 -9.77 -4.74 -0.28
N VAL A 45 -9.53 -5.98 0.11
CA VAL A 45 -8.18 -6.52 0.15
C VAL A 45 -8.06 -7.76 -0.74
N LYS A 46 -6.86 -7.97 -1.30
CA LYS A 46 -6.61 -9.12 -2.16
C LYS A 46 -5.19 -9.64 -1.96
N LYS A 47 -5.06 -10.96 -1.89
CA LYS A 47 -3.76 -11.60 -1.71
C LYS A 47 -3.10 -11.87 -3.06
N LEU A 48 -2.16 -11.01 -3.44
CA LEU A 48 -1.45 -11.16 -4.70
C LEU A 48 0.06 -11.20 -4.48
N LYS A 49 0.66 -12.37 -4.69
CA LYS A 49 2.09 -12.53 -4.52
C LYS A 49 2.50 -12.28 -3.07
N ASP A 50 3.79 -12.06 -2.85
CA ASP A 50 4.30 -11.82 -1.50
C ASP A 50 3.69 -10.56 -0.90
N TYR A 51 3.08 -9.74 -1.76
CA TYR A 51 2.45 -8.50 -1.32
C TYR A 51 0.94 -8.62 -1.35
N ALA A 52 0.26 -7.52 -1.06
CA ALA A 52 -1.20 -7.49 -1.04
C ALA A 52 -1.74 -6.17 -1.57
N PHE A 53 -2.99 -6.17 -2.01
CA PHE A 53 -3.63 -4.97 -2.53
C PHE A 53 -4.84 -4.59 -1.70
N VAL A 54 -4.72 -3.52 -0.92
CA VAL A 54 -5.81 -3.06 -0.07
C VAL A 54 -6.27 -1.67 -0.49
N HIS A 55 -7.58 -1.44 -0.44
CA HIS A 55 -8.14 -0.14 -0.81
C HIS A 55 -8.74 0.56 0.40
N PHE A 56 -8.72 1.88 0.38
CA PHE A 56 -9.26 2.67 1.48
C PHE A 56 -10.29 3.67 0.98
N GLU A 57 -11.22 4.05 1.86
CA GLU A 57 -12.26 5.01 1.50
C GLU A 57 -11.66 6.30 0.96
N ASP A 58 -10.43 6.59 1.39
CA ASP A 58 -9.74 7.80 0.94
C ASP A 58 -8.23 7.67 1.16
N ARG A 59 -7.52 8.78 0.97
CA ARG A 59 -6.07 8.79 1.14
C ARG A 59 -5.70 9.00 2.61
N GLY A 60 -6.49 9.79 3.31
CA GLY A 60 -6.23 10.06 4.71
C GLY A 60 -6.25 8.80 5.56
N ALA A 61 -6.96 7.78 5.07
CA ALA A 61 -7.07 6.52 5.78
C ALA A 61 -5.90 5.59 5.43
N ALA A 62 -5.36 5.75 4.24
CA ALA A 62 -4.25 4.93 3.77
C ALA A 62 -2.92 5.47 4.28
N VAL A 63 -2.77 6.78 4.25
CA VAL A 63 -1.55 7.42 4.70
C VAL A 63 -1.41 7.32 6.23
N LYS A 64 -2.46 7.70 6.94
CA LYS A 64 -2.45 7.65 8.39
C LYS A 64 -2.15 6.24 8.88
N ALA A 65 -2.49 5.25 8.07
CA ALA A 65 -2.25 3.85 8.42
C ALA A 65 -0.84 3.42 8.04
N MET A 66 -0.52 3.55 6.75
CA MET A 66 0.80 3.17 6.26
C MET A 66 1.90 3.92 7.02
N ASP A 67 1.56 5.08 7.55
CA ASP A 67 2.51 5.89 8.30
C ASP A 67 2.99 5.14 9.55
N GLU A 68 2.07 4.46 10.21
CA GLU A 68 2.41 3.71 11.42
C GLU A 68 2.75 2.26 11.08
N MET A 69 1.89 1.63 10.28
CA MET A 69 2.10 0.24 9.88
C MET A 69 3.50 0.06 9.30
N ASN A 70 4.03 1.10 8.68
CA ASN A 70 5.36 1.05 8.08
C ASN A 70 6.40 0.65 9.12
N GLY A 71 6.80 -0.62 9.09
CA GLY A 71 7.79 -1.10 10.03
C GLY A 71 7.17 -1.81 11.23
N LYS A 72 6.23 -2.71 10.96
CA LYS A 72 5.55 -3.44 12.02
C LYS A 72 5.92 -4.93 11.96
N GLU A 73 5.44 -5.69 12.94
CA GLU A 73 5.69 -7.12 13.00
C GLU A 73 4.40 -7.91 13.06
N ILE A 74 3.93 -8.38 11.91
CA ILE A 74 2.70 -9.15 11.84
C ILE A 74 3.00 -10.65 11.73
N GLU A 75 2.38 -11.44 12.61
CA GLU A 75 2.57 -12.88 12.61
C GLU A 75 4.06 -13.22 12.68
N GLY A 76 4.82 -12.42 13.42
CA GLY A 76 6.24 -12.66 13.56
C GLY A 76 6.97 -12.58 12.24
N GLU A 77 6.41 -11.83 11.29
CA GLU A 77 7.02 -11.68 9.97
C GLU A 77 7.24 -10.20 9.64
N GLU A 78 8.44 -9.89 9.15
CA GLU A 78 8.77 -8.51 8.79
C GLU A 78 7.91 -8.03 7.64
N ILE A 79 6.92 -7.19 7.95
CA ILE A 79 6.01 -6.65 6.95
C ILE A 79 6.54 -5.32 6.41
N GLU A 80 6.60 -5.22 5.08
CA GLU A 80 7.08 -3.99 4.44
C GLU A 80 5.93 -3.23 3.79
N ILE A 81 6.06 -1.92 3.72
CA ILE A 81 5.03 -1.07 3.12
C ILE A 81 5.65 0.06 2.32
N VAL A 82 5.07 0.32 1.15
CA VAL A 82 5.55 1.38 0.28
C VAL A 82 4.41 2.04 -0.48
N LEU A 83 4.69 3.18 -1.11
CA LEU A 83 3.69 3.91 -1.87
C LEU A 83 3.57 3.34 -3.28
N ALA A 84 2.36 2.89 -3.63
CA ALA A 84 2.11 2.32 -4.95
C ALA A 84 1.78 3.42 -5.95
N LYS A 85 2.72 3.71 -6.83
CA LYS A 85 2.52 4.75 -7.85
C LYS A 85 1.70 4.20 -9.01
N PRO A 86 0.96 5.09 -9.69
CA PRO A 86 0.12 4.73 -10.83
C PRO A 86 0.95 4.35 -12.06
N PRO A 87 0.28 3.76 -13.06
CA PRO A 87 0.92 3.35 -14.30
C PRO A 87 1.36 4.52 -15.16
N ASP A 88 1.85 4.24 -16.37
CA ASP A 88 2.29 5.28 -17.28
C ASP A 88 3.37 6.15 -16.63
N LYS A 89 4.60 5.63 -16.60
CA LYS A 89 5.71 6.36 -16.01
C LYS A 89 6.60 6.98 -17.09
N LYS A 90 7.09 8.18 -16.84
CA LYS A 90 7.95 8.88 -17.78
C LYS A 90 9.23 8.09 -18.04
N ARG A 91 9.97 7.81 -16.97
CA ARG A 91 11.21 7.07 -17.08
C ARG A 91 11.09 5.70 -16.41
N SER A 92 11.40 4.65 -17.16
CA SER A 92 11.31 3.29 -16.63
C SER A 92 12.58 2.93 -15.85
N GLY A 93 12.57 1.75 -15.25
CA GLY A 93 13.72 1.32 -14.47
C GLY A 93 13.59 -0.13 -14.00
N PRO A 94 14.63 -0.63 -13.32
CA PRO A 94 14.67 -2.01 -12.82
C PRO A 94 13.69 -2.21 -11.66
N SER A 95 13.55 -3.46 -11.23
CA SER A 95 12.65 -3.80 -10.14
C SER A 95 13.44 -4.15 -8.87
N SER A 96 12.73 -4.27 -7.76
CA SER A 96 13.35 -4.61 -6.49
C SER A 96 14.44 -3.59 -6.14
N GLY A 97 14.08 -2.32 -6.17
CA GLY A 97 15.03 -1.27 -5.85
C GLY A 97 15.56 -1.38 -4.43
N GLY A 1 5.01 19.84 -11.24
CA GLY A 1 4.20 19.26 -10.17
C GLY A 1 3.16 20.23 -9.65
N SER A 2 3.10 20.37 -8.33
CA SER A 2 2.13 21.26 -7.70
C SER A 2 2.81 22.54 -7.21
N SER A 3 4.05 22.41 -6.74
CA SER A 3 4.80 23.55 -6.25
C SER A 3 6.29 23.35 -6.46
N GLY A 4 6.80 23.88 -7.56
CA GLY A 4 8.21 23.75 -7.87
C GLY A 4 8.56 22.38 -8.43
N SER A 5 9.68 21.83 -7.97
CA SER A 5 10.13 20.52 -8.43
C SER A 5 9.03 19.47 -8.24
N SER A 6 9.16 18.35 -8.95
CA SER A 6 8.18 17.27 -8.86
C SER A 6 8.71 16.13 -8.01
N GLY A 7 8.73 16.34 -6.69
CA GLY A 7 9.21 15.31 -5.78
C GLY A 7 8.94 15.66 -4.33
N ASP A 8 7.70 15.45 -3.89
CA ASP A 8 7.32 15.74 -2.52
C ASP A 8 6.64 14.53 -1.88
N PRO A 9 6.67 14.47 -0.53
CA PRO A 9 6.06 13.38 0.22
C PRO A 9 4.54 13.39 0.16
N GLU A 10 3.97 14.59 0.16
CA GLU A 10 2.52 14.74 0.08
C GLU A 10 1.97 14.20 -1.23
N VAL A 11 2.79 14.25 -2.27
CA VAL A 11 2.39 13.77 -3.58
C VAL A 11 2.22 12.26 -3.58
N MET A 12 3.31 11.54 -3.32
CA MET A 12 3.30 10.09 -3.28
C MET A 12 2.27 9.59 -2.28
N ALA A 13 2.01 10.38 -1.25
CA ALA A 13 1.05 10.01 -0.22
C ALA A 13 -0.38 10.25 -0.69
N LYS A 14 -0.54 11.17 -1.64
CA LYS A 14 -1.86 11.49 -2.18
C LYS A 14 -2.58 10.23 -2.64
N VAL A 15 -1.80 9.23 -3.07
CA VAL A 15 -2.37 7.97 -3.53
C VAL A 15 -3.27 7.36 -2.47
N LYS A 16 -4.10 6.40 -2.89
CA LYS A 16 -5.02 5.74 -1.97
C LYS A 16 -4.82 4.22 -2.02
N VAL A 17 -3.61 3.80 -2.34
CA VAL A 17 -3.28 2.38 -2.41
C VAL A 17 -1.92 2.08 -1.79
N LEU A 18 -1.92 1.30 -0.72
CA LEU A 18 -0.69 0.95 -0.03
C LEU A 18 -0.18 -0.41 -0.48
N PHE A 19 1.05 -0.45 -0.96
CA PHE A 19 1.65 -1.69 -1.43
C PHE A 19 2.38 -2.41 -0.29
N VAL A 20 1.69 -3.39 0.30
CA VAL A 20 2.27 -4.15 1.40
C VAL A 20 3.06 -5.35 0.89
N ARG A 21 4.38 -5.30 1.06
CA ARG A 21 5.24 -6.38 0.61
C ARG A 21 5.69 -7.25 1.78
N ASN A 22 6.20 -8.43 1.48
CA ASN A 22 6.66 -9.36 2.51
C ASN A 22 5.53 -9.69 3.49
N LEU A 23 4.61 -10.53 3.06
CA LEU A 23 3.48 -10.92 3.89
C LEU A 23 3.66 -12.35 4.41
N ALA A 24 2.71 -12.81 5.22
CA ALA A 24 2.75 -14.15 5.77
C ALA A 24 1.88 -15.11 4.97
N THR A 25 2.30 -16.37 4.91
CA THR A 25 1.56 -17.39 4.17
C THR A 25 0.47 -18.01 5.03
N THR A 26 0.68 -17.96 6.35
CA THR A 26 -0.28 -18.52 7.29
C THR A 26 -1.46 -17.57 7.51
N VAL A 27 -1.20 -16.28 7.39
CA VAL A 27 -2.24 -15.27 7.56
C VAL A 27 -3.28 -15.35 6.45
N THR A 28 -4.44 -14.75 6.71
CA THR A 28 -5.53 -14.76 5.72
C THR A 28 -6.09 -13.35 5.52
N GLU A 29 -6.85 -13.18 4.44
CA GLU A 29 -7.45 -11.89 4.14
C GLU A 29 -8.26 -11.36 5.32
N GLU A 30 -8.77 -12.28 6.13
CA GLU A 30 -9.56 -11.91 7.30
C GLU A 30 -8.71 -11.17 8.33
N ILE A 31 -7.46 -11.60 8.47
CA ILE A 31 -6.53 -10.98 9.42
C ILE A 31 -6.01 -9.66 8.88
N LEU A 32 -5.45 -9.69 7.68
CA LEU A 32 -4.91 -8.49 7.05
C LEU A 32 -5.94 -7.36 7.06
N GLU A 33 -7.19 -7.71 6.78
CA GLU A 33 -8.27 -6.73 6.74
C GLU A 33 -8.49 -6.13 8.13
N LYS A 34 -8.37 -6.96 9.16
CA LYS A 34 -8.57 -6.51 10.54
C LYS A 34 -7.37 -5.68 11.00
N SER A 35 -6.21 -5.91 10.39
CA SER A 35 -5.00 -5.18 10.75
C SER A 35 -5.10 -3.73 10.31
N PHE A 36 -5.74 -3.49 9.17
CA PHE A 36 -5.91 -2.15 8.65
C PHE A 36 -7.24 -1.55 9.07
N SER A 37 -8.25 -2.41 9.22
CA SER A 37 -9.58 -1.97 9.63
C SER A 37 -9.52 -1.20 10.93
N GLU A 38 -8.51 -1.49 11.75
CA GLU A 38 -8.34 -0.82 13.03
C GLU A 38 -7.95 0.65 12.83
N PHE A 39 -7.32 0.93 11.70
CA PHE A 39 -6.88 2.29 11.39
C PHE A 39 -8.02 3.10 10.78
N GLY A 40 -8.65 2.54 9.76
CA GLY A 40 -9.75 3.23 9.11
C GLY A 40 -10.56 2.31 8.22
N LYS A 41 -11.77 2.74 7.85
CA LYS A 41 -12.64 1.95 7.00
C LYS A 41 -11.93 1.54 5.72
N LEU A 42 -11.84 0.23 5.50
CA LEU A 42 -11.18 -0.30 4.31
C LEU A 42 -12.17 -0.42 3.15
N GLU A 43 -11.63 -0.66 1.95
CA GLU A 43 -12.47 -0.80 0.77
C GLU A 43 -12.50 -2.24 0.28
N ARG A 44 -11.33 -2.84 0.16
CA ARG A 44 -11.22 -4.23 -0.29
C ARG A 44 -9.76 -4.68 -0.31
N VAL A 45 -9.54 -5.94 0.05
CA VAL A 45 -8.19 -6.51 0.08
C VAL A 45 -8.09 -7.74 -0.81
N LYS A 46 -6.91 -7.96 -1.36
CA LYS A 46 -6.67 -9.11 -2.23
C LYS A 46 -5.26 -9.66 -2.03
N LYS A 47 -5.15 -10.98 -1.97
CA LYS A 47 -3.87 -11.64 -1.80
C LYS A 47 -3.20 -11.92 -3.15
N LEU A 48 -2.25 -11.07 -3.51
CA LEU A 48 -1.54 -11.23 -4.78
C LEU A 48 -0.03 -11.28 -4.56
N LYS A 49 0.56 -12.46 -4.77
CA LYS A 49 1.98 -12.65 -4.60
C LYS A 49 2.39 -12.42 -3.14
N ASP A 50 3.68 -12.22 -2.92
CA ASP A 50 4.20 -11.99 -1.58
C ASP A 50 3.60 -10.73 -0.97
N TYR A 51 3.01 -9.89 -1.82
CA TYR A 51 2.40 -8.64 -1.38
C TYR A 51 0.88 -8.74 -1.40
N ALA A 52 0.22 -7.62 -1.11
CA ALA A 52 -1.24 -7.58 -1.10
C ALA A 52 -1.75 -6.24 -1.61
N PHE A 53 -3.00 -6.23 -2.06
CA PHE A 53 -3.61 -5.01 -2.58
C PHE A 53 -4.83 -4.61 -1.74
N VAL A 54 -4.68 -3.55 -0.95
CA VAL A 54 -5.76 -3.08 -0.10
C VAL A 54 -6.20 -1.68 -0.51
N HIS A 55 -7.50 -1.42 -0.44
CA HIS A 55 -8.05 -0.12 -0.79
C HIS A 55 -8.62 0.59 0.44
N PHE A 56 -8.66 1.91 0.38
CA PHE A 56 -9.18 2.71 1.48
C PHE A 56 -10.24 3.70 0.99
N GLU A 57 -11.14 4.08 1.89
CA GLU A 57 -12.21 5.01 1.55
C GLU A 57 -11.63 6.31 0.98
N ASP A 58 -10.41 6.63 1.37
CA ASP A 58 -9.74 7.83 0.90
C ASP A 58 -8.23 7.74 1.12
N ARG A 59 -7.54 8.86 0.92
CA ARG A 59 -6.10 8.90 1.09
C ARG A 59 -5.72 9.03 2.56
N GLY A 60 -6.47 9.85 3.29
CA GLY A 60 -6.21 10.05 4.70
C GLY A 60 -6.15 8.75 5.47
N ALA A 61 -7.01 7.80 5.08
CA ALA A 61 -7.06 6.50 5.74
C ALA A 61 -5.86 5.64 5.36
N ALA A 62 -5.29 5.92 4.19
CA ALA A 62 -4.13 5.18 3.71
C ALA A 62 -2.83 5.72 4.32
N VAL A 63 -2.68 7.05 4.29
CA VAL A 63 -1.49 7.68 4.84
C VAL A 63 -1.38 7.44 6.34
N LYS A 64 -2.41 7.83 7.07
CA LYS A 64 -2.43 7.65 8.53
C LYS A 64 -2.17 6.20 8.90
N ALA A 65 -2.58 5.29 8.02
CA ALA A 65 -2.40 3.86 8.25
C ALA A 65 -0.95 3.44 8.00
N MET A 66 -0.52 3.57 6.74
CA MET A 66 0.84 3.21 6.37
C MET A 66 1.86 3.94 7.24
N ASP A 67 1.47 5.11 7.75
CA ASP A 67 2.35 5.89 8.61
C ASP A 67 2.87 5.06 9.78
N GLU A 68 1.95 4.40 10.47
CA GLU A 68 2.32 3.56 11.61
C GLU A 68 2.55 2.12 11.18
N MET A 69 1.70 1.62 10.30
CA MET A 69 1.81 0.25 9.80
C MET A 69 3.22 -0.01 9.28
N ASN A 70 3.79 0.97 8.59
CA ASN A 70 5.13 0.84 8.03
C ASN A 70 6.13 0.44 9.11
N GLY A 71 6.61 -0.80 9.02
CA GLY A 71 7.57 -1.29 10.00
C GLY A 71 6.90 -1.97 11.18
N LYS A 72 5.96 -2.87 10.88
CA LYS A 72 5.25 -3.60 11.91
C LYS A 72 5.54 -5.10 11.83
N GLU A 73 5.16 -5.83 12.87
CA GLU A 73 5.38 -7.28 12.90
C GLU A 73 4.05 -8.03 12.88
N ILE A 74 3.75 -8.65 11.75
CA ILE A 74 2.51 -9.40 11.61
C ILE A 74 2.78 -10.90 11.54
N GLU A 75 2.21 -11.64 12.49
CA GLU A 75 2.39 -13.08 12.54
C GLU A 75 3.87 -13.45 12.63
N GLY A 76 4.66 -12.55 13.22
CA GLY A 76 6.09 -12.79 13.34
C GLY A 76 6.82 -12.64 12.03
N GLU A 77 6.20 -11.94 11.09
CA GLU A 77 6.81 -11.72 9.77
C GLU A 77 6.94 -10.24 9.48
N GLU A 78 8.17 -9.80 9.18
CA GLU A 78 8.44 -8.41 8.87
C GLU A 78 7.66 -7.97 7.63
N ILE A 79 6.66 -7.12 7.83
CA ILE A 79 5.85 -6.63 6.73
C ILE A 79 6.30 -5.23 6.29
N GLU A 80 6.47 -5.05 4.98
CA GLU A 80 6.89 -3.76 4.45
C GLU A 80 5.73 -3.05 3.77
N ILE A 81 5.84 -1.73 3.65
CA ILE A 81 4.81 -0.93 3.01
C ILE A 81 5.41 0.20 2.19
N VAL A 82 4.97 0.31 0.94
CA VAL A 82 5.46 1.36 0.04
C VAL A 82 4.34 1.92 -0.81
N LEU A 83 4.32 3.25 -0.95
CA LEU A 83 3.29 3.92 -1.74
C LEU A 83 3.29 3.40 -3.18
N ALA A 84 2.13 2.96 -3.64
CA ALA A 84 1.99 2.44 -5.00
C ALA A 84 1.61 3.55 -5.97
N LYS A 85 2.43 3.73 -7.00
CA LYS A 85 2.19 4.76 -8.01
C LYS A 85 1.00 4.38 -8.89
N PRO A 86 0.30 5.40 -9.42
CA PRO A 86 -0.86 5.19 -10.29
C PRO A 86 -0.46 4.63 -11.65
N PRO A 87 -1.47 4.18 -12.42
CA PRO A 87 -1.25 3.61 -13.75
C PRO A 87 -0.82 4.67 -14.77
N ASP A 88 0.47 4.69 -15.07
CA ASP A 88 1.00 5.65 -16.03
C ASP A 88 0.24 5.59 -17.35
N LYS A 89 0.29 6.68 -18.11
CA LYS A 89 -0.40 6.75 -19.39
C LYS A 89 0.05 5.62 -20.31
N LYS A 90 -0.90 4.77 -20.71
CA LYS A 90 -0.60 3.65 -21.60
C LYS A 90 -0.05 4.15 -22.92
N ARG A 91 0.60 3.24 -23.66
CA ARG A 91 1.18 3.57 -24.95
C ARG A 91 0.08 3.96 -25.95
N SER A 92 0.49 4.54 -27.07
CA SER A 92 -0.45 4.95 -28.10
C SER A 92 -0.17 4.23 -29.42
N GLY A 93 -1.23 3.94 -30.17
CA GLY A 93 -1.08 3.25 -31.44
C GLY A 93 -2.26 2.36 -31.75
N PRO A 94 -2.18 1.65 -32.89
CA PRO A 94 -3.24 0.74 -33.33
C PRO A 94 -3.36 -0.50 -32.44
N SER A 95 -4.22 -1.42 -32.84
CA SER A 95 -4.44 -2.64 -32.07
C SER A 95 -5.42 -3.57 -32.79
N SER A 96 -6.45 -2.98 -33.38
CA SER A 96 -7.46 -3.75 -34.10
C SER A 96 -8.14 -4.77 -33.16
N GLY A 97 -8.98 -5.62 -33.75
CA GLY A 97 -9.66 -6.63 -32.95
C GLY A 97 -10.91 -7.14 -33.64
N GLY A 1 9.64 11.66 7.16
CA GLY A 1 10.94 12.19 6.83
C GLY A 1 11.11 12.43 5.34
N SER A 2 10.29 11.77 4.54
CA SER A 2 10.35 11.91 3.09
C SER A 2 9.03 12.43 2.54
N SER A 3 8.59 13.56 3.07
CA SER A 3 7.33 14.17 2.63
C SER A 3 7.44 14.67 1.20
N GLY A 4 6.94 13.88 0.26
CA GLY A 4 6.99 14.26 -1.14
C GLY A 4 8.39 14.62 -1.60
N SER A 5 9.32 13.69 -1.45
CA SER A 5 10.70 13.91 -1.84
C SER A 5 10.83 13.99 -3.36
N SER A 6 9.98 13.25 -4.06
CA SER A 6 10.00 13.23 -5.52
C SER A 6 8.61 13.47 -6.09
N GLY A 7 8.54 14.14 -7.24
CA GLY A 7 7.27 14.42 -7.86
C GLY A 7 6.53 15.55 -7.18
N ASP A 8 5.22 15.62 -7.41
CA ASP A 8 4.39 16.66 -6.80
C ASP A 8 3.53 16.09 -5.68
N PRO A 9 3.10 16.96 -4.76
CA PRO A 9 2.26 16.57 -3.62
C PRO A 9 0.85 16.17 -4.05
N GLU A 10 0.36 16.81 -5.11
CA GLU A 10 -0.98 16.54 -5.61
C GLU A 10 -1.08 15.09 -6.10
N VAL A 11 0.03 14.57 -6.61
CA VAL A 11 0.07 13.20 -7.11
C VAL A 11 -0.04 12.20 -5.97
N MET A 12 0.93 12.25 -5.06
CA MET A 12 0.95 11.34 -3.93
C MET A 12 -0.33 11.46 -3.10
N ALA A 13 -0.94 12.64 -3.15
CA ALA A 13 -2.18 12.90 -2.42
C ALA A 13 -3.34 12.10 -2.99
N LYS A 14 -3.23 11.77 -4.28
CA LYS A 14 -4.28 11.00 -4.96
C LYS A 14 -3.92 9.52 -5.00
N VAL A 15 -3.25 9.05 -3.95
CA VAL A 15 -2.85 7.65 -3.86
C VAL A 15 -3.59 6.93 -2.74
N LYS A 16 -4.56 6.10 -3.11
CA LYS A 16 -5.35 5.35 -2.13
C LYS A 16 -5.00 3.86 -2.18
N VAL A 17 -3.80 3.55 -2.63
CA VAL A 17 -3.35 2.16 -2.73
C VAL A 17 -1.99 1.98 -2.09
N LEU A 18 -1.94 1.20 -1.02
CA LEU A 18 -0.69 0.94 -0.31
C LEU A 18 -0.13 -0.44 -0.67
N PHE A 19 1.08 -0.45 -1.23
CA PHE A 19 1.72 -1.70 -1.63
C PHE A 19 2.43 -2.35 -0.44
N VAL A 20 1.80 -3.37 0.13
CA VAL A 20 2.36 -4.09 1.27
C VAL A 20 3.04 -5.37 0.84
N ARG A 21 4.37 -5.40 0.92
CA ARG A 21 5.14 -6.57 0.54
C ARG A 21 5.60 -7.35 1.77
N ASN A 22 6.17 -8.53 1.54
CA ASN A 22 6.66 -9.36 2.63
C ASN A 22 5.53 -9.71 3.59
N LEU A 23 4.61 -10.55 3.14
CA LEU A 23 3.47 -10.96 3.97
C LEU A 23 3.65 -12.40 4.46
N ALA A 24 2.69 -12.86 5.26
CA ALA A 24 2.74 -14.21 5.80
C ALA A 24 1.84 -15.15 5.00
N THR A 25 2.25 -16.41 4.90
CA THR A 25 1.48 -17.40 4.17
C THR A 25 0.40 -18.03 5.05
N THR A 26 0.63 -18.01 6.35
CA THR A 26 -0.32 -18.57 7.30
C THR A 26 -1.51 -17.63 7.52
N VAL A 27 -1.26 -16.33 7.38
CA VAL A 27 -2.31 -15.33 7.56
C VAL A 27 -3.32 -15.39 6.43
N THR A 28 -4.49 -14.81 6.66
CA THR A 28 -5.56 -14.80 5.67
C THR A 28 -6.09 -13.39 5.44
N GLU A 29 -6.85 -13.21 4.36
CA GLU A 29 -7.41 -11.91 4.03
C GLU A 29 -8.22 -11.35 5.20
N GLU A 30 -8.77 -12.26 6.02
CA GLU A 30 -9.57 -11.85 7.17
C GLU A 30 -8.71 -11.10 8.19
N ILE A 31 -7.51 -11.61 8.43
CA ILE A 31 -6.60 -10.99 9.38
C ILE A 31 -6.09 -9.66 8.86
N LEU A 32 -5.53 -9.66 7.66
CA LEU A 32 -5.01 -8.44 7.05
C LEU A 32 -6.08 -7.35 7.02
N GLU A 33 -7.31 -7.74 6.75
CA GLU A 33 -8.43 -6.80 6.70
C GLU A 33 -8.70 -6.21 8.08
N LYS A 34 -8.35 -6.95 9.12
CA LYS A 34 -8.56 -6.50 10.49
C LYS A 34 -7.38 -5.66 10.97
N SER A 35 -6.21 -5.91 10.39
CA SER A 35 -5.00 -5.17 10.76
C SER A 35 -5.10 -3.71 10.33
N PHE A 36 -5.71 -3.48 9.18
CA PHE A 36 -5.87 -2.12 8.65
C PHE A 36 -7.19 -1.52 9.12
N SER A 37 -8.20 -2.35 9.28
CA SER A 37 -9.51 -1.90 9.73
C SER A 37 -9.41 -1.14 11.04
N GLU A 38 -8.38 -1.46 11.82
CA GLU A 38 -8.17 -0.81 13.11
C GLU A 38 -7.79 0.65 12.93
N PHE A 39 -7.21 0.97 11.78
CA PHE A 39 -6.80 2.34 11.48
C PHE A 39 -7.96 3.13 10.88
N GLY A 40 -8.58 2.57 9.85
CA GLY A 40 -9.69 3.24 9.20
C GLY A 40 -10.49 2.31 8.31
N LYS A 41 -11.72 2.70 7.98
CA LYS A 41 -12.58 1.90 7.13
C LYS A 41 -11.87 1.49 5.84
N LEU A 42 -11.80 0.19 5.60
CA LEU A 42 -11.13 -0.33 4.40
C LEU A 42 -12.12 -0.42 3.23
N GLU A 43 -11.60 -0.65 2.04
CA GLU A 43 -12.42 -0.77 0.84
C GLU A 43 -12.46 -2.21 0.35
N ARG A 44 -11.28 -2.81 0.23
CA ARG A 44 -11.18 -4.19 -0.24
C ARG A 44 -9.72 -4.65 -0.24
N VAL A 45 -9.52 -5.93 0.11
CA VAL A 45 -8.17 -6.48 0.15
C VAL A 45 -8.07 -7.72 -0.74
N LYS A 46 -6.88 -7.95 -1.29
CA LYS A 46 -6.65 -9.09 -2.17
C LYS A 46 -5.24 -9.65 -1.97
N LYS A 47 -5.14 -10.97 -1.91
CA LYS A 47 -3.85 -11.64 -1.73
C LYS A 47 -3.19 -11.92 -3.07
N LEU A 48 -2.23 -11.07 -3.44
CA LEU A 48 -1.52 -11.23 -4.71
C LEU A 48 -0.01 -11.29 -4.48
N LYS A 49 0.57 -12.47 -4.70
CA LYS A 49 2.00 -12.66 -4.52
C LYS A 49 2.40 -12.44 -3.06
N ASP A 50 3.70 -12.25 -2.83
CA ASP A 50 4.21 -12.03 -1.49
C ASP A 50 3.61 -10.76 -0.88
N TYR A 51 3.03 -9.92 -1.73
CA TYR A 51 2.42 -8.67 -1.29
C TYR A 51 0.90 -8.76 -1.31
N ALA A 52 0.25 -7.65 -1.02
CA ALA A 52 -1.21 -7.60 -1.02
C ALA A 52 -1.72 -6.25 -1.53
N PHE A 53 -2.97 -6.24 -1.98
CA PHE A 53 -3.57 -5.01 -2.49
C PHE A 53 -4.79 -4.61 -1.67
N VAL A 54 -4.63 -3.55 -0.87
CA VAL A 54 -5.72 -3.08 -0.03
C VAL A 54 -6.15 -1.68 -0.44
N HIS A 55 -7.45 -1.41 -0.35
CA HIS A 55 -7.99 -0.11 -0.71
C HIS A 55 -8.58 0.60 0.51
N PHE A 56 -8.62 1.93 0.46
CA PHE A 56 -9.15 2.72 1.56
C PHE A 56 -10.21 3.70 1.07
N GLU A 57 -11.12 4.07 1.96
CA GLU A 57 -12.20 5.00 1.62
C GLU A 57 -11.63 6.30 1.06
N ASP A 58 -10.40 6.62 1.44
CA ASP A 58 -9.74 7.84 0.98
C ASP A 58 -8.23 7.73 1.13
N ARG A 59 -7.53 8.83 0.85
CA ARG A 59 -6.08 8.86 0.96
C ARG A 59 -5.65 8.95 2.42
N GLY A 60 -6.35 9.78 3.19
CA GLY A 60 -6.02 9.93 4.59
C GLY A 60 -5.96 8.61 5.34
N ALA A 61 -7.01 7.81 5.19
CA ALA A 61 -7.08 6.52 5.84
C ALA A 61 -5.90 5.64 5.45
N ALA A 62 -5.33 5.90 4.28
CA ALA A 62 -4.20 5.13 3.78
C ALA A 62 -2.89 5.66 4.36
N VAL A 63 -2.74 6.99 4.38
CA VAL A 63 -1.54 7.62 4.91
C VAL A 63 -1.42 7.40 6.41
N LYS A 64 -2.44 7.82 7.15
CA LYS A 64 -2.45 7.66 8.60
C LYS A 64 -2.18 6.21 8.99
N ALA A 65 -2.57 5.29 8.12
CA ALA A 65 -2.37 3.87 8.38
C ALA A 65 -0.93 3.45 8.10
N MET A 66 -0.50 3.63 6.85
CA MET A 66 0.85 3.27 6.45
C MET A 66 1.88 3.98 7.33
N ASP A 67 1.49 5.12 7.88
CA ASP A 67 2.39 5.89 8.74
C ASP A 67 2.92 5.03 9.89
N GLU A 68 2.00 4.35 10.57
CA GLU A 68 2.37 3.49 11.69
C GLU A 68 2.60 2.06 11.23
N MET A 69 1.74 1.59 10.33
CA MET A 69 1.84 0.23 9.81
C MET A 69 3.24 -0.04 9.28
N ASN A 70 3.79 0.93 8.54
CA ASN A 70 5.12 0.81 7.98
C ASN A 70 6.13 0.40 9.04
N GLY A 71 6.71 -0.79 8.89
CA GLY A 71 7.68 -1.28 9.85
C GLY A 71 7.04 -1.93 11.05
N LYS A 72 6.12 -2.86 10.79
CA LYS A 72 5.43 -3.58 11.87
C LYS A 72 5.73 -5.06 11.81
N GLU A 73 5.15 -5.81 12.75
CA GLU A 73 5.35 -7.26 12.80
C GLU A 73 4.02 -7.99 12.78
N ILE A 74 3.73 -8.66 11.66
CA ILE A 74 2.50 -9.40 11.52
C ILE A 74 2.76 -10.90 11.47
N GLU A 75 2.17 -11.63 12.42
CA GLU A 75 2.34 -13.07 12.49
C GLU A 75 3.82 -13.45 12.55
N GLY A 76 4.59 -12.66 13.29
CA GLY A 76 6.02 -12.92 13.42
C GLY A 76 6.74 -12.86 12.09
N GLU A 77 6.20 -12.09 11.15
CA GLU A 77 6.80 -11.94 9.83
C GLU A 77 6.99 -10.48 9.47
N GLU A 78 8.21 -10.13 9.08
CA GLU A 78 8.54 -8.75 8.72
C GLU A 78 7.66 -8.29 7.55
N ILE A 79 6.95 -7.19 7.76
CA ILE A 79 6.08 -6.64 6.73
C ILE A 79 6.54 -5.25 6.30
N GLU A 80 6.47 -4.98 5.00
CA GLU A 80 6.89 -3.70 4.46
C GLU A 80 5.72 -3.00 3.76
N ILE A 81 5.80 -1.68 3.66
CA ILE A 81 4.76 -0.89 3.02
C ILE A 81 5.35 0.26 2.22
N VAL A 82 4.80 0.49 1.03
CA VAL A 82 5.28 1.57 0.17
C VAL A 82 4.14 2.14 -0.67
N LEU A 83 4.26 3.40 -1.04
CA LEU A 83 3.25 4.08 -1.86
C LEU A 83 3.21 3.50 -3.27
N ALA A 84 2.01 3.16 -3.72
CA ALA A 84 1.83 2.60 -5.06
C ALA A 84 1.35 3.67 -6.04
N LYS A 85 2.23 4.05 -6.96
CA LYS A 85 1.90 5.06 -7.96
C LYS A 85 1.63 4.41 -9.32
N PRO A 86 0.78 5.06 -10.12
CA PRO A 86 0.43 4.57 -11.46
C PRO A 86 1.59 4.67 -12.45
N PRO A 87 1.43 4.01 -13.60
CA PRO A 87 2.46 4.02 -14.65
C PRO A 87 2.61 5.38 -15.32
N ASP A 88 3.78 5.99 -15.16
CA ASP A 88 4.04 7.29 -15.75
C ASP A 88 4.19 7.19 -17.27
N LYS A 89 4.05 8.32 -17.96
CA LYS A 89 4.16 8.34 -19.41
C LYS A 89 5.19 9.39 -19.85
N LYS A 90 6.32 8.91 -20.36
CA LYS A 90 7.39 9.79 -20.82
C LYS A 90 7.90 9.37 -22.20
N ARG A 91 8.93 10.05 -22.68
CA ARG A 91 9.51 9.74 -23.98
C ARG A 91 8.47 9.90 -25.09
N SER A 92 8.30 11.14 -25.55
CA SER A 92 7.34 11.44 -26.61
C SER A 92 7.78 10.82 -27.93
N GLY A 93 6.83 10.61 -28.84
CA GLY A 93 7.14 10.04 -30.13
C GLY A 93 7.53 8.58 -30.03
N PRO A 94 7.87 7.98 -31.18
CA PRO A 94 8.28 6.57 -31.25
C PRO A 94 9.64 6.33 -30.61
N SER A 95 9.77 5.20 -29.92
CA SER A 95 11.02 4.85 -29.27
C SER A 95 11.50 3.46 -29.69
N SER A 96 12.81 3.28 -29.73
CA SER A 96 13.39 2.01 -30.14
C SER A 96 13.00 1.64 -31.57
N GLY A 97 13.61 0.60 -32.10
CA GLY A 97 13.31 0.17 -33.45
C GLY A 97 14.37 -0.75 -34.02
N GLY A 1 3.05 0.22 -21.01
CA GLY A 1 4.42 -0.24 -21.04
C GLY A 1 5.34 0.72 -21.77
N SER A 2 6.61 0.34 -21.91
CA SER A 2 7.58 1.18 -22.58
C SER A 2 7.72 2.53 -21.88
N SER A 3 7.99 2.49 -20.59
CA SER A 3 8.15 3.72 -19.80
C SER A 3 8.48 3.39 -18.35
N GLY A 4 8.70 4.43 -17.55
CA GLY A 4 9.02 4.23 -16.15
C GLY A 4 8.81 5.48 -15.32
N SER A 5 8.19 5.32 -14.16
CA SER A 5 7.93 6.46 -13.27
C SER A 5 7.01 7.48 -13.95
N SER A 6 5.96 6.98 -14.61
CA SER A 6 5.01 7.84 -15.30
C SER A 6 3.90 8.28 -14.35
N GLY A 7 3.51 9.55 -14.47
CA GLY A 7 2.46 10.09 -13.63
C GLY A 7 2.82 11.44 -13.04
N ASP A 8 1.92 11.98 -12.23
CA ASP A 8 2.14 13.28 -11.60
C ASP A 8 2.79 13.11 -10.22
N PRO A 9 3.46 14.16 -9.75
CA PRO A 9 4.13 14.15 -8.45
C PRO A 9 3.15 14.15 -7.28
N GLU A 10 2.11 14.96 -7.40
CA GLU A 10 1.09 15.06 -6.36
C GLU A 10 0.48 13.69 -6.08
N VAL A 11 0.26 12.91 -7.14
CA VAL A 11 -0.31 11.58 -7.00
C VAL A 11 0.45 10.75 -5.98
N MET A 12 1.76 10.62 -6.17
CA MET A 12 2.61 9.86 -5.27
C MET A 12 2.49 10.39 -3.85
N ALA A 13 2.14 11.66 -3.72
CA ALA A 13 2.00 12.29 -2.41
C ALA A 13 0.80 11.72 -1.66
N LYS A 14 -0.19 11.23 -2.41
CA LYS A 14 -1.39 10.66 -1.82
C LYS A 14 -1.35 9.14 -1.90
N VAL A 15 -1.58 8.61 -3.09
CA VAL A 15 -1.58 7.16 -3.29
C VAL A 15 -2.65 6.48 -2.45
N LYS A 16 -3.77 6.17 -3.07
CA LYS A 16 -4.87 5.50 -2.37
C LYS A 16 -4.59 4.02 -2.17
N VAL A 17 -3.75 3.46 -3.04
CA VAL A 17 -3.40 2.06 -2.96
C VAL A 17 -2.03 1.87 -2.31
N LEU A 18 -2.02 1.28 -1.13
CA LEU A 18 -0.78 1.04 -0.39
C LEU A 18 -0.21 -0.34 -0.71
N PHE A 19 1.00 -0.36 -1.25
CA PHE A 19 1.66 -1.62 -1.59
C PHE A 19 2.35 -2.23 -0.38
N VAL A 20 1.82 -3.36 0.09
CA VAL A 20 2.38 -4.04 1.24
C VAL A 20 3.11 -5.31 0.83
N ARG A 21 4.42 -5.32 0.98
CA ARG A 21 5.23 -6.48 0.63
C ARG A 21 5.66 -7.25 1.87
N ASN A 22 6.25 -8.42 1.66
CA ASN A 22 6.70 -9.26 2.76
C ASN A 22 5.55 -9.59 3.71
N LEU A 23 4.65 -10.44 3.25
CA LEU A 23 3.50 -10.85 4.05
C LEU A 23 3.67 -12.28 4.56
N ALA A 24 2.83 -12.66 5.51
CA ALA A 24 2.88 -14.00 6.09
C ALA A 24 2.07 -14.98 5.25
N THR A 25 2.52 -16.23 5.20
CA THR A 25 1.84 -17.27 4.43
C THR A 25 0.71 -17.90 5.25
N THR A 26 0.84 -17.85 6.57
CA THR A 26 -0.17 -18.42 7.46
C THR A 26 -1.35 -17.48 7.62
N VAL A 27 -1.09 -16.17 7.52
CA VAL A 27 -2.14 -15.17 7.65
C VAL A 27 -3.14 -15.26 6.51
N THR A 28 -4.31 -14.67 6.70
CA THR A 28 -5.35 -14.68 5.67
C THR A 28 -5.90 -13.28 5.44
N GLU A 29 -6.63 -13.11 4.33
CA GLU A 29 -7.20 -11.82 3.99
C GLU A 29 -8.06 -11.29 5.14
N GLU A 30 -8.60 -12.19 5.93
CA GLU A 30 -9.43 -11.81 7.07
C GLU A 30 -8.62 -11.04 8.11
N ILE A 31 -7.44 -11.56 8.43
CA ILE A 31 -6.57 -10.94 9.41
C ILE A 31 -6.13 -9.56 8.94
N LEU A 32 -5.55 -9.50 7.75
CA LEU A 32 -5.09 -8.24 7.19
C LEU A 32 -6.20 -7.18 7.20
N GLU A 33 -7.40 -7.61 6.81
CA GLU A 33 -8.55 -6.70 6.78
C GLU A 33 -8.79 -6.09 8.15
N LYS A 34 -8.38 -6.81 9.19
CA LYS A 34 -8.56 -6.34 10.56
C LYS A 34 -7.35 -5.54 11.03
N SER A 35 -6.20 -5.84 10.44
CA SER A 35 -4.95 -5.14 10.80
C SER A 35 -5.00 -3.69 10.34
N PHE A 36 -5.66 -3.44 9.22
CA PHE A 36 -5.77 -2.09 8.68
C PHE A 36 -7.06 -1.42 9.14
N SER A 37 -8.11 -2.24 9.29
CA SER A 37 -9.41 -1.72 9.72
C SER A 37 -9.27 -0.90 11.01
N GLU A 38 -8.37 -1.33 11.88
CA GLU A 38 -8.13 -0.64 13.14
C GLU A 38 -7.81 0.83 12.91
N PHE A 39 -7.26 1.12 11.74
CA PHE A 39 -6.90 2.49 11.39
C PHE A 39 -8.07 3.22 10.76
N GLY A 40 -8.68 2.60 9.74
CA GLY A 40 -9.82 3.21 9.07
C GLY A 40 -10.61 2.20 8.25
N LYS A 41 -11.87 2.50 8.03
CA LYS A 41 -12.75 1.62 7.27
C LYS A 41 -12.12 1.26 5.93
N LEU A 42 -11.70 0.00 5.80
CA LEU A 42 -11.08 -0.47 4.56
C LEU A 42 -12.09 -0.52 3.42
N GLU A 43 -11.61 -0.79 2.22
CA GLU A 43 -12.48 -0.87 1.05
C GLU A 43 -12.50 -2.28 0.48
N ARG A 44 -11.31 -2.86 0.31
CA ARG A 44 -11.18 -4.21 -0.22
C ARG A 44 -9.72 -4.66 -0.24
N VAL A 45 -9.50 -5.92 0.10
CA VAL A 45 -8.14 -6.48 0.13
C VAL A 45 -8.05 -7.73 -0.73
N LYS A 46 -6.86 -7.96 -1.30
CA LYS A 46 -6.63 -9.13 -2.14
C LYS A 46 -5.22 -9.67 -1.94
N LYS A 47 -5.12 -11.00 -1.84
CA LYS A 47 -3.82 -11.65 -1.64
C LYS A 47 -3.17 -11.95 -2.99
N LEU A 48 -2.22 -11.12 -3.38
CA LEU A 48 -1.51 -11.30 -4.64
C LEU A 48 0.00 -11.36 -4.41
N LYS A 49 0.57 -12.54 -4.61
CA LYS A 49 2.02 -12.73 -4.44
C LYS A 49 2.42 -12.46 -2.99
N ASP A 50 3.71 -12.26 -2.77
CA ASP A 50 4.23 -12.01 -1.43
C ASP A 50 3.64 -10.73 -0.86
N TYR A 51 3.05 -9.91 -1.72
CA TYR A 51 2.44 -8.66 -1.30
C TYR A 51 0.92 -8.76 -1.32
N ALA A 52 0.25 -7.64 -1.05
CA ALA A 52 -1.20 -7.59 -1.03
C ALA A 52 -1.71 -6.25 -1.56
N PHE A 53 -2.95 -6.25 -2.03
CA PHE A 53 -3.57 -5.04 -2.57
C PHE A 53 -4.78 -4.62 -1.73
N VAL A 54 -4.63 -3.56 -0.96
CA VAL A 54 -5.71 -3.07 -0.11
C VAL A 54 -6.13 -1.67 -0.54
N HIS A 55 -7.44 -1.39 -0.44
CA HIS A 55 -7.97 -0.09 -0.80
C HIS A 55 -8.59 0.61 0.40
N PHE A 56 -8.50 1.94 0.42
CA PHE A 56 -9.05 2.72 1.52
C PHE A 56 -10.11 3.69 1.01
N GLU A 57 -11.03 4.08 1.90
CA GLU A 57 -12.10 5.01 1.55
C GLU A 57 -11.52 6.30 0.99
N ASP A 58 -10.29 6.63 1.38
CA ASP A 58 -9.63 7.84 0.93
C ASP A 58 -8.13 7.77 1.20
N ARG A 59 -7.45 8.90 1.02
CA ARG A 59 -6.02 8.98 1.25
C ARG A 59 -5.71 9.11 2.74
N GLY A 60 -6.46 9.99 3.41
CA GLY A 60 -6.25 10.19 4.83
C GLY A 60 -6.29 8.91 5.63
N ALA A 61 -7.06 7.94 5.13
CA ALA A 61 -7.19 6.65 5.80
C ALA A 61 -6.02 5.73 5.45
N ALA A 62 -5.41 5.97 4.30
CA ALA A 62 -4.28 5.17 3.85
C ALA A 62 -2.99 5.65 4.48
N VAL A 63 -2.74 6.95 4.42
CA VAL A 63 -1.54 7.54 4.99
C VAL A 63 -1.46 7.29 6.49
N LYS A 64 -2.53 7.65 7.20
CA LYS A 64 -2.58 7.46 8.65
C LYS A 64 -2.34 6.00 9.02
N ALA A 65 -2.64 5.10 8.09
CA ALA A 65 -2.45 3.68 8.32
C ALA A 65 -1.02 3.26 8.02
N MET A 66 -0.62 3.35 6.75
CA MET A 66 0.74 2.99 6.35
C MET A 66 1.77 3.71 7.20
N ASP A 67 1.42 4.89 7.68
CA ASP A 67 2.32 5.68 8.51
C ASP A 67 2.83 4.86 9.69
N GLU A 68 1.91 4.18 10.37
CA GLU A 68 2.27 3.36 11.52
C GLU A 68 2.54 1.91 11.09
N MET A 69 1.69 1.40 10.22
CA MET A 69 1.82 0.03 9.73
C MET A 69 3.24 -0.22 9.19
N ASN A 70 3.75 0.76 8.45
CA ASN A 70 5.10 0.65 7.88
C ASN A 70 6.12 0.32 8.96
N GLY A 71 6.71 -0.87 8.86
CA GLY A 71 7.70 -1.30 9.83
C GLY A 71 7.08 -1.94 11.05
N LYS A 72 6.10 -2.80 10.83
CA LYS A 72 5.41 -3.49 11.92
C LYS A 72 5.75 -4.98 11.92
N GLU A 73 5.34 -5.68 12.97
CA GLU A 73 5.58 -7.10 13.09
C GLU A 73 4.28 -7.90 13.09
N ILE A 74 3.86 -8.36 11.92
CA ILE A 74 2.64 -9.12 11.79
C ILE A 74 2.92 -10.62 11.76
N GLU A 75 2.29 -11.36 12.67
CA GLU A 75 2.47 -12.80 12.74
C GLU A 75 3.94 -13.15 12.86
N GLY A 76 4.72 -12.24 13.45
CA GLY A 76 6.14 -12.48 13.61
C GLY A 76 6.89 -12.45 12.30
N GLU A 77 6.35 -11.73 11.33
CA GLU A 77 6.98 -11.64 10.00
C GLU A 77 7.17 -10.18 9.60
N GLU A 78 8.42 -9.80 9.36
CA GLU A 78 8.75 -8.43 8.97
C GLU A 78 7.93 -8.01 7.76
N ILE A 79 7.00 -7.08 7.96
CA ILE A 79 6.15 -6.59 6.89
C ILE A 79 6.59 -5.21 6.43
N GLU A 80 6.60 -5.00 5.11
CA GLU A 80 7.00 -3.72 4.55
C GLU A 80 5.84 -3.08 3.79
N ILE A 81 5.86 -1.74 3.73
CA ILE A 81 4.81 -1.00 3.05
C ILE A 81 5.39 0.20 2.30
N VAL A 82 4.87 0.45 1.10
CA VAL A 82 5.32 1.57 0.29
C VAL A 82 4.17 2.20 -0.48
N LEU A 83 4.47 3.25 -1.24
CA LEU A 83 3.45 3.94 -2.03
C LEU A 83 3.40 3.41 -3.45
N ALA A 84 2.28 2.81 -3.82
CA ALA A 84 2.11 2.26 -5.16
C ALA A 84 1.55 3.32 -6.12
N LYS A 85 1.76 3.09 -7.41
CA LYS A 85 1.27 4.02 -8.43
C LYS A 85 0.03 3.47 -9.13
N PRO A 86 -0.83 4.38 -9.61
CA PRO A 86 -2.06 4.00 -10.31
C PRO A 86 -1.79 3.39 -11.67
N PRO A 87 -2.84 2.80 -12.27
CA PRO A 87 -2.73 2.15 -13.60
C PRO A 87 -2.54 3.17 -14.71
N ASP A 88 -1.51 2.97 -15.52
CA ASP A 88 -1.22 3.86 -16.63
C ASP A 88 -1.28 3.12 -17.96
N LYS A 89 -2.02 3.68 -18.91
CA LYS A 89 -2.16 3.07 -20.23
C LYS A 89 -2.68 1.64 -20.11
N LYS A 90 -4.00 1.49 -20.11
CA LYS A 90 -4.63 0.18 -20.01
C LYS A 90 -5.96 0.16 -20.77
N ARG A 91 -5.92 -0.41 -21.97
CA ARG A 91 -7.12 -0.51 -22.79
C ARG A 91 -8.11 -1.51 -22.22
N SER A 92 -9.39 -1.15 -22.24
CA SER A 92 -10.43 -2.01 -21.70
C SER A 92 -10.96 -2.97 -22.77
N GLY A 93 -10.84 -4.27 -22.52
CA GLY A 93 -11.30 -5.25 -23.47
C GLY A 93 -11.56 -6.61 -22.83
N PRO A 94 -12.23 -7.50 -23.57
CA PRO A 94 -12.56 -8.84 -23.09
C PRO A 94 -11.33 -9.73 -22.96
N SER A 95 -10.70 -9.71 -21.79
CA SER A 95 -9.51 -10.51 -21.54
C SER A 95 -9.32 -10.76 -20.04
N SER A 96 -9.77 -11.92 -19.59
CA SER A 96 -9.65 -12.28 -18.18
C SER A 96 -10.30 -11.21 -17.29
N GLY A 97 -10.12 -11.37 -15.98
CA GLY A 97 -10.68 -10.41 -15.05
C GLY A 97 -12.20 -10.33 -15.13
N GLY A 1 20.04 8.13 9.55
CA GLY A 1 20.35 9.15 8.58
C GLY A 1 19.32 9.23 7.47
N SER A 2 18.07 9.44 7.84
CA SER A 2 16.99 9.53 6.86
C SER A 2 16.72 10.99 6.49
N SER A 3 16.05 11.18 5.35
CA SER A 3 15.73 12.52 4.88
C SER A 3 14.46 12.51 4.03
N GLY A 4 13.36 12.10 4.65
CA GLY A 4 12.09 12.06 3.94
C GLY A 4 12.17 11.24 2.65
N SER A 5 11.98 11.91 1.53
CA SER A 5 12.03 11.24 0.23
C SER A 5 12.12 12.26 -0.91
N SER A 6 12.08 11.77 -2.13
CA SER A 6 12.17 12.63 -3.31
C SER A 6 10.88 12.56 -4.13
N GLY A 7 9.99 13.53 -3.92
CA GLY A 7 8.73 13.56 -4.64
C GLY A 7 7.86 14.73 -4.23
N ASP A 8 7.05 15.21 -5.17
CA ASP A 8 6.16 16.33 -4.91
C ASP A 8 4.94 15.89 -4.10
N PRO A 9 4.31 16.83 -3.41
CA PRO A 9 3.13 16.56 -2.58
C PRO A 9 1.90 16.23 -3.43
N GLU A 10 1.73 16.94 -4.54
CA GLU A 10 0.60 16.73 -5.42
C GLU A 10 0.59 15.29 -5.95
N VAL A 11 1.77 14.70 -6.07
CA VAL A 11 1.90 13.34 -6.55
C VAL A 11 1.26 12.35 -5.58
N MET A 12 1.63 12.46 -4.31
CA MET A 12 1.09 11.57 -3.28
C MET A 12 -0.40 11.83 -3.06
N ALA A 13 -0.81 13.07 -3.27
CA ALA A 13 -2.21 13.45 -3.11
C ALA A 13 -3.12 12.55 -3.92
N LYS A 14 -2.59 12.01 -5.02
CA LYS A 14 -3.37 11.13 -5.89
C LYS A 14 -3.01 9.67 -5.64
N VAL A 15 -2.80 9.33 -4.36
CA VAL A 15 -2.46 7.96 -3.99
C VAL A 15 -3.36 7.45 -2.87
N LYS A 16 -4.17 6.45 -3.18
CA LYS A 16 -5.08 5.87 -2.20
C LYS A 16 -4.94 4.35 -2.15
N VAL A 17 -3.76 3.86 -2.53
CA VAL A 17 -3.50 2.42 -2.53
C VAL A 17 -2.14 2.12 -1.94
N LEU A 18 -2.12 1.46 -0.78
CA LEU A 18 -0.88 1.11 -0.11
C LEU A 18 -0.37 -0.25 -0.60
N PHE A 19 0.93 -0.33 -0.83
CA PHE A 19 1.56 -1.56 -1.30
C PHE A 19 2.27 -2.28 -0.16
N VAL A 20 1.64 -3.32 0.36
CA VAL A 20 2.22 -4.10 1.45
C VAL A 20 2.98 -5.32 0.92
N ARG A 21 4.30 -5.30 1.08
CA ARG A 21 5.14 -6.40 0.61
C ARG A 21 5.60 -7.26 1.79
N ASN A 22 6.15 -8.43 1.48
CA ASN A 22 6.62 -9.34 2.51
C ASN A 22 5.50 -9.70 3.48
N LEU A 23 4.58 -10.54 3.03
CA LEU A 23 3.46 -10.96 3.86
C LEU A 23 3.64 -12.40 4.35
N ALA A 24 2.69 -12.88 5.14
CA ALA A 24 2.75 -14.23 5.66
C ALA A 24 1.76 -15.15 4.93
N THR A 25 2.12 -16.41 4.79
CA THR A 25 1.27 -17.38 4.11
C THR A 25 0.25 -17.98 5.06
N THR A 26 0.57 -17.97 6.36
CA THR A 26 -0.32 -18.50 7.37
C THR A 26 -1.53 -17.59 7.58
N VAL A 27 -1.32 -16.29 7.38
CA VAL A 27 -2.38 -15.31 7.55
C VAL A 27 -3.39 -15.38 6.40
N THR A 28 -4.57 -14.82 6.62
CA THR A 28 -5.61 -14.81 5.60
C THR A 28 -6.15 -13.41 5.38
N GLU A 29 -6.91 -13.24 4.29
CA GLU A 29 -7.49 -11.94 3.96
C GLU A 29 -8.29 -11.38 5.14
N GLU A 30 -8.83 -12.28 5.95
CA GLU A 30 -9.62 -11.89 7.11
C GLU A 30 -8.74 -11.18 8.15
N ILE A 31 -7.51 -11.65 8.29
CA ILE A 31 -6.58 -11.07 9.25
C ILE A 31 -6.05 -9.73 8.75
N LEU A 32 -5.44 -9.73 7.58
CA LEU A 32 -4.90 -8.51 6.99
C LEU A 32 -5.95 -7.41 6.95
N GLU A 33 -7.21 -7.81 6.83
CA GLU A 33 -8.31 -6.85 6.79
C GLU A 33 -8.55 -6.23 8.16
N LYS A 34 -8.51 -7.07 9.20
CA LYS A 34 -8.73 -6.60 10.56
C LYS A 34 -7.51 -5.82 11.06
N SER A 35 -6.35 -6.13 10.50
CA SER A 35 -5.12 -5.45 10.90
C SER A 35 -5.13 -3.99 10.47
N PHE A 36 -5.72 -3.72 9.31
CA PHE A 36 -5.80 -2.37 8.78
C PHE A 36 -7.13 -1.71 9.17
N SER A 37 -8.18 -2.52 9.23
CA SER A 37 -9.51 -2.01 9.58
C SER A 37 -9.46 -1.24 10.90
N GLU A 38 -8.56 -1.64 11.78
CA GLU A 38 -8.42 -0.98 13.08
C GLU A 38 -8.16 0.51 12.89
N PHE A 39 -7.59 0.88 11.75
CA PHE A 39 -7.30 2.28 11.46
C PHE A 39 -8.52 2.99 10.89
N GLY A 40 -9.12 2.38 9.86
CA GLY A 40 -10.29 2.97 9.23
C GLY A 40 -11.06 1.97 8.39
N LYS A 41 -12.31 2.30 8.08
CA LYS A 41 -13.15 1.41 7.29
C LYS A 41 -12.50 1.09 5.94
N LEU A 42 -11.89 -0.09 5.86
CA LEU A 42 -11.22 -0.51 4.64
C LEU A 42 -12.18 -0.50 3.46
N GLU A 43 -11.66 -0.80 2.27
CA GLU A 43 -12.48 -0.83 1.07
C GLU A 43 -12.50 -2.22 0.44
N ARG A 44 -11.32 -2.82 0.34
CA ARG A 44 -11.20 -4.16 -0.25
C ARG A 44 -9.74 -4.62 -0.24
N VAL A 45 -9.53 -5.89 0.09
CA VAL A 45 -8.18 -6.45 0.14
C VAL A 45 -8.08 -7.69 -0.75
N LYS A 46 -6.90 -7.90 -1.32
CA LYS A 46 -6.67 -9.05 -2.19
C LYS A 46 -5.26 -9.60 -2.00
N LYS A 47 -5.16 -10.92 -1.94
CA LYS A 47 -3.86 -11.58 -1.76
C LYS A 47 -3.20 -11.86 -3.10
N LEU A 48 -2.24 -11.01 -3.48
CA LEU A 48 -1.53 -11.17 -4.74
C LEU A 48 -0.03 -11.23 -4.51
N LYS A 49 0.56 -12.40 -4.72
CA LYS A 49 1.99 -12.60 -4.55
C LYS A 49 2.40 -12.37 -3.10
N ASP A 50 3.69 -12.17 -2.87
CA ASP A 50 4.20 -11.94 -1.52
C ASP A 50 3.60 -10.68 -0.93
N TYR A 51 3.02 -9.85 -1.78
CA TYR A 51 2.40 -8.60 -1.33
C TYR A 51 0.89 -8.69 -1.35
N ALA A 52 0.23 -7.58 -1.06
CA ALA A 52 -1.23 -7.53 -1.06
C ALA A 52 -1.74 -6.19 -1.55
N PHE A 53 -2.99 -6.17 -2.01
CA PHE A 53 -3.60 -4.95 -2.52
C PHE A 53 -4.82 -4.55 -1.68
N VAL A 54 -4.66 -3.49 -0.89
CA VAL A 54 -5.74 -3.02 -0.03
C VAL A 54 -6.21 -1.63 -0.46
N HIS A 55 -7.51 -1.38 -0.33
CA HIS A 55 -8.07 -0.09 -0.70
C HIS A 55 -8.69 0.61 0.50
N PHE A 56 -8.69 1.93 0.49
CA PHE A 56 -9.25 2.72 1.58
C PHE A 56 -10.30 3.69 1.08
N GLU A 57 -11.24 4.06 1.95
CA GLU A 57 -12.30 4.99 1.59
C GLU A 57 -11.73 6.29 1.04
N ASP A 58 -10.51 6.61 1.46
CA ASP A 58 -9.85 7.83 1.01
C ASP A 58 -8.34 7.70 1.14
N ARG A 59 -7.64 8.82 0.95
CA ARG A 59 -6.18 8.84 1.05
C ARG A 59 -5.73 9.04 2.49
N GLY A 60 -6.53 9.76 3.26
CA GLY A 60 -6.21 10.01 4.65
C GLY A 60 -6.21 8.75 5.49
N ALA A 61 -7.06 7.81 5.13
CA ALA A 61 -7.16 6.55 5.85
C ALA A 61 -6.03 5.60 5.48
N ALA A 62 -5.48 5.79 4.28
CA ALA A 62 -4.38 4.95 3.80
C ALA A 62 -3.04 5.49 4.29
N VAL A 63 -2.81 6.78 4.09
CA VAL A 63 -1.57 7.40 4.52
C VAL A 63 -1.41 7.34 6.04
N LYS A 64 -2.42 7.81 6.76
CA LYS A 64 -2.39 7.81 8.21
C LYS A 64 -2.08 6.42 8.75
N ALA A 65 -2.53 5.39 8.02
CA ALA A 65 -2.31 4.01 8.42
C ALA A 65 -0.88 3.58 8.09
N MET A 66 -0.52 3.66 6.81
CA MET A 66 0.81 3.27 6.37
C MET A 66 1.88 4.01 7.16
N ASP A 67 1.57 5.22 7.59
CA ASP A 67 2.51 6.04 8.35
C ASP A 67 3.02 5.27 9.57
N GLU A 68 2.11 4.59 10.27
CA GLU A 68 2.47 3.82 11.45
C GLU A 68 2.77 2.37 11.08
N MET A 69 1.88 1.78 10.29
CA MET A 69 2.04 0.39 9.86
C MET A 69 3.43 0.17 9.26
N ASN A 70 3.98 1.22 8.64
CA ASN A 70 5.29 1.14 8.02
C ASN A 70 6.33 0.63 9.02
N GLY A 71 6.69 -0.64 8.90
CA GLY A 71 7.67 -1.22 9.79
C GLY A 71 7.05 -1.86 11.01
N LYS A 72 6.07 -2.74 10.78
CA LYS A 72 5.38 -3.42 11.87
C LYS A 72 5.65 -4.92 11.83
N GLU A 73 5.08 -5.64 12.78
CA GLU A 73 5.25 -7.09 12.85
C GLU A 73 3.90 -7.81 12.86
N ILE A 74 3.61 -8.51 11.77
CA ILE A 74 2.35 -9.25 11.66
C ILE A 74 2.59 -10.75 11.58
N GLU A 75 1.99 -11.49 12.50
CA GLU A 75 2.14 -12.94 12.52
C GLU A 75 3.61 -13.33 12.64
N GLY A 76 4.36 -12.58 13.43
CA GLY A 76 5.77 -12.87 13.60
C GLY A 76 6.54 -12.81 12.30
N GLU A 77 6.02 -12.05 11.33
CA GLU A 77 6.66 -11.92 10.04
C GLU A 77 6.90 -10.45 9.69
N GLU A 78 8.13 -10.12 9.33
CA GLU A 78 8.48 -8.75 8.97
C GLU A 78 7.71 -8.29 7.75
N ILE A 79 6.80 -7.34 7.95
CA ILE A 79 5.99 -6.81 6.87
C ILE A 79 6.51 -5.45 6.39
N GLU A 80 6.52 -5.25 5.09
CA GLU A 80 6.99 -4.00 4.51
C GLU A 80 5.85 -3.23 3.86
N ILE A 81 6.02 -1.91 3.76
CA ILE A 81 4.98 -1.06 3.16
C ILE A 81 5.62 0.06 2.33
N VAL A 82 5.09 0.26 1.13
CA VAL A 82 5.60 1.30 0.24
C VAL A 82 4.48 1.94 -0.55
N LEU A 83 4.66 3.20 -0.91
CA LEU A 83 3.65 3.94 -1.68
C LEU A 83 3.53 3.37 -3.09
N ALA A 84 2.30 3.02 -3.47
CA ALA A 84 2.04 2.47 -4.79
C ALA A 84 1.71 3.57 -5.79
N LYS A 85 2.51 3.67 -6.86
CA LYS A 85 2.30 4.67 -7.88
C LYS A 85 1.24 4.23 -8.88
N PRO A 86 0.53 5.20 -9.48
CA PRO A 86 -0.52 4.93 -10.46
C PRO A 86 0.05 4.40 -11.77
N PRO A 87 -0.84 3.88 -12.64
CA PRO A 87 -0.46 3.33 -13.93
C PRO A 87 0.00 4.41 -14.91
N ASP A 88 0.86 4.03 -15.85
CA ASP A 88 1.38 4.97 -16.84
C ASP A 88 0.32 5.27 -17.90
N LYS A 89 0.50 6.39 -18.59
CA LYS A 89 -0.43 6.80 -19.64
C LYS A 89 -0.35 5.87 -20.84
N LYS A 90 -1.50 5.64 -21.49
CA LYS A 90 -1.55 4.76 -22.65
C LYS A 90 -0.79 5.37 -23.83
N ARG A 91 0.02 4.55 -24.50
CA ARG A 91 0.79 5.01 -25.65
C ARG A 91 -0.03 4.97 -26.93
N SER A 92 0.35 5.78 -27.90
CA SER A 92 -0.35 5.84 -29.18
C SER A 92 0.32 4.95 -30.21
N GLY A 93 -0.46 4.03 -30.79
CA GLY A 93 0.08 3.13 -31.79
C GLY A 93 -0.83 2.99 -32.99
N PRO A 94 -0.43 2.14 -33.95
CA PRO A 94 -1.21 1.89 -35.17
C PRO A 94 -2.49 1.12 -34.89
N SER A 95 -3.62 1.80 -35.01
CA SER A 95 -4.92 1.18 -34.77
C SER A 95 -5.64 0.90 -36.09
N SER A 96 -6.35 -0.22 -36.14
CA SER A 96 -7.09 -0.61 -37.34
C SER A 96 -8.54 -0.13 -37.27
N GLY A 97 -9.11 0.15 -38.44
CA GLY A 97 -10.49 0.61 -38.49
C GLY A 97 -10.81 1.32 -39.79
N GLY A 1 20.23 13.01 -4.83
CA GLY A 1 20.38 13.13 -3.39
C GLY A 1 19.46 14.19 -2.80
N SER A 2 19.32 15.31 -3.50
CA SER A 2 18.47 16.40 -3.04
C SER A 2 17.23 16.53 -3.91
N SER A 3 16.07 16.29 -3.33
CA SER A 3 14.81 16.38 -4.06
C SER A 3 14.84 15.50 -5.32
N GLY A 4 14.98 14.20 -5.11
CA GLY A 4 15.03 13.27 -6.24
C GLY A 4 14.07 12.11 -6.07
N SER A 5 12.78 12.44 -5.89
CA SER A 5 11.76 11.41 -5.71
C SER A 5 10.37 12.02 -5.73
N SER A 6 10.22 13.16 -5.06
CA SER A 6 8.93 13.85 -5.00
C SER A 6 9.10 15.33 -5.28
N GLY A 7 8.04 15.96 -5.78
CA GLY A 7 8.09 17.37 -6.09
C GLY A 7 6.90 18.14 -5.53
N ASP A 8 5.79 18.08 -6.24
CA ASP A 8 4.57 18.77 -5.81
C ASP A 8 3.78 17.91 -4.83
N PRO A 9 2.93 18.56 -4.02
CA PRO A 9 2.10 17.88 -3.03
C PRO A 9 0.99 17.05 -3.68
N GLU A 10 0.49 17.52 -4.82
CA GLU A 10 -0.57 16.83 -5.54
C GLU A 10 -0.06 15.51 -6.13
N VAL A 11 1.25 15.48 -6.43
CA VAL A 11 1.86 14.28 -7.00
C VAL A 11 1.76 13.09 -6.06
N MET A 12 1.92 13.36 -4.77
CA MET A 12 1.84 12.32 -3.75
C MET A 12 0.39 12.04 -3.37
N ALA A 13 -0.40 13.09 -3.29
CA ALA A 13 -1.82 12.95 -2.94
C ALA A 13 -2.56 12.12 -3.98
N LYS A 14 -2.04 12.11 -5.20
CA LYS A 14 -2.66 11.36 -6.29
C LYS A 14 -2.71 9.88 -5.96
N VAL A 15 -1.77 9.42 -5.15
CA VAL A 15 -1.72 8.02 -4.75
C VAL A 15 -2.69 7.72 -3.61
N LYS A 16 -3.53 6.72 -3.82
CA LYS A 16 -4.52 6.33 -2.82
C LYS A 16 -4.52 4.82 -2.61
N VAL A 17 -3.39 4.18 -2.90
CA VAL A 17 -3.26 2.74 -2.74
C VAL A 17 -1.92 2.36 -2.12
N LEU A 18 -1.97 1.63 -1.02
CA LEU A 18 -0.76 1.20 -0.33
C LEU A 18 -0.29 -0.16 -0.84
N PHE A 19 1.03 -0.29 -0.99
CA PHE A 19 1.60 -1.55 -1.47
C PHE A 19 2.33 -2.29 -0.35
N VAL A 20 1.65 -3.25 0.25
CA VAL A 20 2.23 -4.03 1.34
C VAL A 20 2.98 -5.24 0.81
N ARG A 21 4.30 -5.22 0.94
CA ARG A 21 5.13 -6.32 0.48
C ARG A 21 5.61 -7.18 1.64
N ASN A 22 6.15 -8.35 1.33
CA ASN A 22 6.64 -9.26 2.35
C ASN A 22 5.54 -9.60 3.35
N LEU A 23 4.62 -10.47 2.94
CA LEU A 23 3.52 -10.88 3.80
C LEU A 23 3.72 -12.30 4.31
N ALA A 24 2.82 -12.74 5.18
CA ALA A 24 2.91 -14.08 5.75
C ALA A 24 2.01 -15.06 4.98
N THR A 25 2.45 -16.32 4.90
CA THR A 25 1.69 -17.34 4.20
C THR A 25 0.63 -17.97 5.10
N THR A 26 0.87 -17.91 6.41
CA THR A 26 -0.06 -18.47 7.38
C THR A 26 -1.25 -17.53 7.61
N VAL A 27 -1.00 -16.23 7.47
CA VAL A 27 -2.05 -15.23 7.65
C VAL A 27 -3.10 -15.32 6.56
N THR A 28 -4.27 -14.74 6.82
CA THR A 28 -5.37 -14.76 5.85
C THR A 28 -5.93 -13.36 5.64
N GLU A 29 -6.68 -13.19 4.56
CA GLU A 29 -7.28 -11.90 4.25
C GLU A 29 -8.15 -11.41 5.41
N GLU A 30 -8.66 -12.35 6.19
CA GLU A 30 -9.51 -12.01 7.33
C GLU A 30 -8.72 -11.27 8.40
N ILE A 31 -7.42 -11.56 8.48
CA ILE A 31 -6.56 -10.91 9.45
C ILE A 31 -6.07 -9.56 8.95
N LEU A 32 -5.52 -9.54 7.75
CA LEU A 32 -5.02 -8.30 7.16
C LEU A 32 -6.09 -7.21 7.19
N GLU A 33 -7.32 -7.59 6.88
CA GLU A 33 -8.43 -6.65 6.87
C GLU A 33 -8.64 -6.05 8.26
N LYS A 34 -8.53 -6.88 9.28
CA LYS A 34 -8.71 -6.44 10.66
C LYS A 34 -7.50 -5.63 11.13
N SER A 35 -6.35 -5.88 10.52
CA SER A 35 -5.13 -5.19 10.87
C SER A 35 -5.20 -3.71 10.46
N PHE A 36 -5.83 -3.47 9.32
CA PHE A 36 -5.98 -2.11 8.80
C PHE A 36 -7.31 -1.50 9.23
N SER A 37 -8.31 -2.35 9.40
CA SER A 37 -9.63 -1.90 9.80
C SER A 37 -9.57 -1.09 11.10
N GLU A 38 -8.55 -1.37 11.90
CA GLU A 38 -8.36 -0.66 13.17
C GLU A 38 -8.04 0.81 12.93
N PHE A 39 -7.45 1.09 11.77
CA PHE A 39 -7.08 2.46 11.42
C PHE A 39 -8.26 3.21 10.81
N GLY A 40 -8.88 2.60 9.80
CA GLY A 40 -10.01 3.21 9.15
C GLY A 40 -10.84 2.21 8.35
N LYS A 41 -11.98 2.66 7.84
CA LYS A 41 -12.85 1.81 7.06
C LYS A 41 -12.19 1.38 5.75
N LEU A 42 -11.87 0.10 5.64
CA LEU A 42 -11.23 -0.43 4.44
C LEU A 42 -12.19 -0.41 3.26
N GLU A 43 -11.71 -0.88 2.11
CA GLU A 43 -12.53 -0.93 0.91
C GLU A 43 -12.53 -2.33 0.29
N ARG A 44 -11.35 -2.92 0.19
CA ARG A 44 -11.22 -4.26 -0.37
C ARG A 44 -9.76 -4.71 -0.36
N VAL A 45 -9.53 -5.96 0.05
CA VAL A 45 -8.18 -6.51 0.09
C VAL A 45 -8.06 -7.75 -0.79
N LYS A 46 -6.89 -7.94 -1.37
CA LYS A 46 -6.63 -9.09 -2.23
C LYS A 46 -5.22 -9.62 -2.03
N LYS A 47 -5.10 -10.95 -1.95
CA LYS A 47 -3.80 -11.59 -1.76
C LYS A 47 -3.14 -11.88 -3.11
N LEU A 48 -2.19 -11.03 -3.49
CA LEU A 48 -1.48 -11.20 -4.75
C LEU A 48 0.02 -11.24 -4.52
N LYS A 49 0.62 -12.41 -4.73
CA LYS A 49 2.05 -12.59 -4.55
C LYS A 49 2.46 -12.34 -3.10
N ASP A 50 3.75 -12.13 -2.88
CA ASP A 50 4.26 -11.87 -1.54
C ASP A 50 3.65 -10.61 -0.95
N TYR A 51 3.05 -9.79 -1.82
CA TYR A 51 2.43 -8.54 -1.38
C TYR A 51 0.91 -8.66 -1.41
N ALA A 52 0.24 -7.54 -1.13
CA ALA A 52 -1.22 -7.51 -1.12
C ALA A 52 -1.74 -6.18 -1.63
N PHE A 53 -3.00 -6.17 -2.06
CA PHE A 53 -3.62 -4.96 -2.57
C PHE A 53 -4.85 -4.58 -1.74
N VAL A 54 -4.70 -3.52 -0.94
CA VAL A 54 -5.79 -3.06 -0.10
C VAL A 54 -6.25 -1.66 -0.51
N HIS A 55 -7.56 -1.44 -0.45
CA HIS A 55 -8.13 -0.14 -0.82
C HIS A 55 -8.73 0.55 0.41
N PHE A 56 -8.71 1.88 0.40
CA PHE A 56 -9.26 2.66 1.50
C PHE A 56 -10.31 3.65 1.00
N GLU A 57 -11.23 4.01 1.89
CA GLU A 57 -12.30 4.94 1.53
C GLU A 57 -11.72 6.24 1.00
N ASP A 58 -10.51 6.56 1.41
CA ASP A 58 -9.84 7.78 0.97
C ASP A 58 -8.33 7.68 1.18
N ARG A 59 -7.64 8.80 0.94
CA ARG A 59 -6.19 8.83 1.11
C ARG A 59 -5.81 9.02 2.57
N GLY A 60 -6.62 9.79 3.29
CA GLY A 60 -6.36 10.04 4.70
C GLY A 60 -6.39 8.76 5.52
N ALA A 61 -7.10 7.76 5.04
CA ALA A 61 -7.20 6.48 5.74
C ALA A 61 -6.03 5.57 5.38
N ALA A 62 -5.45 5.79 4.20
CA ALA A 62 -4.33 4.98 3.75
C ALA A 62 -3.01 5.51 4.32
N VAL A 63 -2.83 6.82 4.25
CA VAL A 63 -1.62 7.44 4.76
C VAL A 63 -1.48 7.24 6.26
N LYS A 64 -2.51 7.64 7.00
CA LYS A 64 -2.50 7.50 8.45
C LYS A 64 -2.19 6.06 8.86
N ALA A 65 -2.59 5.12 8.01
CA ALA A 65 -2.36 3.70 8.28
C ALA A 65 -0.92 3.31 7.97
N MET A 66 -0.52 3.48 6.72
CA MET A 66 0.84 3.14 6.30
C MET A 66 1.87 3.88 7.16
N ASP A 67 1.47 5.02 7.70
CA ASP A 67 2.36 5.82 8.54
C ASP A 67 2.85 5.02 9.73
N GLU A 68 1.92 4.35 10.42
CA GLU A 68 2.26 3.54 11.58
C GLU A 68 2.63 2.12 11.17
N MET A 69 1.81 1.53 10.30
CA MET A 69 2.06 0.18 9.83
C MET A 69 3.48 0.03 9.30
N ASN A 70 4.01 1.12 8.73
CA ASN A 70 5.35 1.11 8.18
C ASN A 70 6.37 0.65 9.23
N GLY A 71 6.79 -0.61 9.12
CA GLY A 71 7.75 -1.15 10.06
C GLY A 71 7.10 -1.83 11.24
N LYS A 72 6.15 -2.72 10.96
CA LYS A 72 5.44 -3.44 12.01
C LYS A 72 5.72 -4.94 11.93
N GLU A 73 5.23 -5.68 12.91
CA GLU A 73 5.43 -7.12 12.95
C GLU A 73 4.10 -7.87 12.93
N ILE A 74 3.93 -8.74 11.95
CA ILE A 74 2.71 -9.52 11.81
C ILE A 74 3.01 -11.01 11.71
N GLU A 75 2.48 -11.78 12.66
CA GLU A 75 2.69 -13.22 12.68
C GLU A 75 4.17 -13.56 12.74
N GLY A 76 4.95 -12.65 13.33
CA GLY A 76 6.39 -12.87 13.45
C GLY A 76 7.10 -12.74 12.12
N GLU A 77 6.48 -12.03 11.18
CA GLU A 77 7.07 -11.84 9.85
C GLU A 77 7.28 -10.35 9.56
N GLU A 78 8.50 -10.00 9.16
CA GLU A 78 8.83 -8.62 8.84
C GLU A 78 8.02 -8.13 7.65
N ILE A 79 6.98 -7.33 7.92
CA ILE A 79 6.13 -6.80 6.87
C ILE A 79 6.70 -5.50 6.32
N GLU A 80 6.59 -5.32 5.00
CA GLU A 80 7.10 -4.12 4.35
C GLU A 80 5.96 -3.31 3.74
N ILE A 81 6.16 -2.00 3.64
CA ILE A 81 5.15 -1.11 3.08
C ILE A 81 5.78 -0.01 2.23
N VAL A 82 5.17 0.27 1.09
CA VAL A 82 5.68 1.30 0.19
C VAL A 82 4.55 1.96 -0.58
N LEU A 83 4.74 3.23 -0.96
CA LEU A 83 3.74 3.97 -1.70
C LEU A 83 3.61 3.45 -3.12
N ALA A 84 2.47 2.84 -3.43
CA ALA A 84 2.23 2.30 -4.76
C ALA A 84 2.01 3.41 -5.78
N LYS A 85 3.00 3.60 -6.66
CA LYS A 85 2.91 4.63 -7.69
C LYS A 85 2.03 4.18 -8.85
N PRO A 86 1.40 5.16 -9.52
CA PRO A 86 0.52 4.89 -10.66
C PRO A 86 1.29 4.40 -11.88
N PRO A 87 0.55 3.88 -12.88
CA PRO A 87 1.14 3.38 -14.13
C PRO A 87 1.71 4.50 -14.99
N ASP A 88 2.26 4.13 -16.14
CA ASP A 88 2.85 5.09 -17.06
C ASP A 88 3.33 4.41 -18.34
N LYS A 89 3.21 5.10 -19.46
CA LYS A 89 3.64 4.57 -20.74
C LYS A 89 5.03 5.08 -21.11
N LYS A 90 6.01 4.18 -21.11
CA LYS A 90 7.38 4.54 -21.45
C LYS A 90 7.82 3.87 -22.74
N ARG A 91 8.82 4.45 -23.40
CA ARG A 91 9.32 3.92 -24.65
C ARG A 91 9.77 2.47 -24.49
N SER A 92 9.44 1.63 -25.46
CA SER A 92 9.81 0.22 -25.41
C SER A 92 10.99 -0.06 -26.34
N GLY A 93 11.87 -0.96 -25.90
CA GLY A 93 13.03 -1.30 -26.70
C GLY A 93 12.73 -2.34 -27.75
N PRO A 94 13.75 -2.77 -28.50
CA PRO A 94 13.61 -3.78 -29.55
C PRO A 94 13.32 -5.16 -29.00
N SER A 95 12.70 -6.01 -29.81
CA SER A 95 12.36 -7.36 -29.39
C SER A 95 12.93 -8.39 -30.37
N SER A 96 12.92 -9.65 -29.97
CA SER A 96 13.44 -10.73 -30.80
C SER A 96 12.31 -11.43 -31.54
N GLY A 97 12.65 -12.09 -32.65
CA GLY A 97 11.64 -12.80 -33.43
C GLY A 97 12.24 -13.92 -34.25
N GLY A 1 12.65 18.38 10.05
CA GLY A 1 11.75 17.25 10.19
C GLY A 1 11.62 16.45 8.90
N SER A 2 10.88 16.99 7.94
CA SER A 2 10.68 16.31 6.67
C SER A 2 12.02 16.00 6.00
N SER A 3 12.33 14.71 5.90
CA SER A 3 13.58 14.27 5.29
C SER A 3 13.33 13.71 3.89
N GLY A 4 13.92 14.37 2.90
CA GLY A 4 13.76 13.93 1.52
C GLY A 4 12.47 14.43 0.89
N SER A 5 11.65 13.51 0.39
CA SER A 5 10.39 13.88 -0.24
C SER A 5 10.62 14.94 -1.33
N SER A 6 11.00 14.48 -2.52
CA SER A 6 11.25 15.39 -3.63
C SER A 6 10.12 15.30 -4.66
N GLY A 7 9.42 16.41 -4.86
CA GLY A 7 8.33 16.44 -5.82
C GLY A 7 7.16 17.27 -5.34
N ASP A 8 6.04 17.16 -6.04
CA ASP A 8 4.84 17.92 -5.68
C ASP A 8 3.97 17.13 -4.71
N PRO A 9 3.12 17.84 -3.95
CA PRO A 9 2.22 17.23 -2.97
C PRO A 9 1.11 16.43 -3.63
N GLU A 10 0.45 17.03 -4.62
CA GLU A 10 -0.63 16.38 -5.33
C GLU A 10 -0.18 15.02 -5.89
N VAL A 11 1.11 14.91 -6.15
CA VAL A 11 1.67 13.67 -6.70
C VAL A 11 1.31 12.48 -5.81
N MET A 12 1.89 12.44 -4.62
CA MET A 12 1.64 11.35 -3.67
C MET A 12 0.25 11.50 -3.06
N ALA A 13 -0.18 12.73 -2.83
CA ALA A 13 -1.48 13.00 -2.25
C ALA A 13 -2.58 12.26 -3.01
N LYS A 14 -2.37 12.05 -4.30
CA LYS A 14 -3.34 11.35 -5.13
C LYS A 14 -3.35 9.85 -4.83
N VAL A 15 -2.16 9.30 -4.61
CA VAL A 15 -2.03 7.87 -4.30
C VAL A 15 -2.89 7.49 -3.12
N LYS A 16 -3.87 6.63 -3.36
CA LYS A 16 -4.77 6.16 -2.31
C LYS A 16 -4.69 4.65 -2.15
N VAL A 17 -3.55 4.08 -2.51
CA VAL A 17 -3.35 2.64 -2.41
C VAL A 17 -2.01 2.31 -1.76
N LEU A 18 -2.03 1.40 -0.80
CA LEU A 18 -0.82 0.99 -0.10
C LEU A 18 -0.32 -0.36 -0.60
N PHE A 19 0.97 -0.43 -0.90
CA PHE A 19 1.57 -1.67 -1.38
C PHE A 19 2.32 -2.39 -0.26
N VAL A 20 1.66 -3.39 0.32
CA VAL A 20 2.26 -4.15 1.41
C VAL A 20 3.08 -5.32 0.87
N ARG A 21 4.39 -5.26 1.05
CA ARG A 21 5.29 -6.30 0.58
C ARG A 21 5.73 -7.20 1.74
N ASN A 22 6.24 -8.39 1.39
CA ASN A 22 6.69 -9.33 2.40
C ASN A 22 5.56 -9.66 3.39
N LEU A 23 4.63 -10.50 2.97
CA LEU A 23 3.51 -10.89 3.81
C LEU A 23 3.69 -12.30 4.33
N ALA A 24 2.80 -12.72 5.24
CA ALA A 24 2.85 -14.06 5.81
C ALA A 24 2.01 -15.03 5.00
N THR A 25 2.45 -16.28 4.96
CA THR A 25 1.74 -17.32 4.22
C THR A 25 0.65 -17.96 5.08
N THR A 26 0.83 -17.90 6.40
CA THR A 26 -0.15 -18.46 7.32
C THR A 26 -1.33 -17.53 7.52
N VAL A 27 -1.08 -16.24 7.40
CA VAL A 27 -2.13 -15.24 7.57
C VAL A 27 -3.18 -15.36 6.46
N THR A 28 -4.35 -14.76 6.70
CA THR A 28 -5.43 -14.80 5.74
C THR A 28 -5.95 -13.40 5.42
N GLU A 29 -6.72 -13.28 4.35
CA GLU A 29 -7.28 -11.99 3.95
C GLU A 29 -8.06 -11.36 5.10
N GLU A 30 -8.58 -12.19 5.99
CA GLU A 30 -9.35 -11.70 7.14
C GLU A 30 -8.45 -10.93 8.09
N ILE A 31 -7.38 -11.56 8.55
CA ILE A 31 -6.44 -10.92 9.47
C ILE A 31 -5.94 -9.59 8.91
N LEU A 32 -5.41 -9.64 7.68
CA LEU A 32 -4.89 -8.44 7.03
C LEU A 32 -5.93 -7.33 7.04
N GLU A 33 -7.19 -7.70 6.89
CA GLU A 33 -8.28 -6.74 6.88
C GLU A 33 -8.48 -6.11 8.26
N LYS A 34 -8.47 -6.95 9.29
CA LYS A 34 -8.64 -6.49 10.66
C LYS A 34 -7.47 -5.61 11.09
N SER A 35 -6.32 -5.82 10.46
CA SER A 35 -5.13 -5.04 10.78
C SER A 35 -5.34 -3.57 10.43
N PHE A 36 -5.70 -3.30 9.18
CA PHE A 36 -5.93 -1.94 8.73
C PHE A 36 -7.29 -1.43 9.19
N SER A 37 -8.23 -2.36 9.37
CA SER A 37 -9.57 -2.01 9.80
C SER A 37 -9.54 -1.20 11.11
N GLU A 38 -8.48 -1.41 11.89
CA GLU A 38 -8.33 -0.71 13.17
C GLU A 38 -8.06 0.76 12.94
N PHE A 39 -7.48 1.08 11.79
CA PHE A 39 -7.15 2.46 11.45
C PHE A 39 -8.36 3.17 10.83
N GLY A 40 -8.94 2.53 9.82
CA GLY A 40 -10.09 3.11 9.15
C GLY A 40 -10.87 2.10 8.35
N LYS A 41 -12.09 2.46 7.95
CA LYS A 41 -12.94 1.56 7.17
C LYS A 41 -12.28 1.20 5.85
N LEU A 42 -11.86 -0.06 5.72
CA LEU A 42 -11.21 -0.53 4.51
C LEU A 42 -12.19 -0.54 3.33
N GLU A 43 -11.67 -0.82 2.14
CA GLU A 43 -12.50 -0.86 0.95
C GLU A 43 -12.53 -2.27 0.35
N ARG A 44 -11.36 -2.88 0.23
CA ARG A 44 -11.25 -4.22 -0.34
C ARG A 44 -9.79 -4.69 -0.34
N VAL A 45 -9.57 -5.93 0.05
CA VAL A 45 -8.23 -6.50 0.10
C VAL A 45 -8.13 -7.73 -0.80
N LYS A 46 -6.94 -7.96 -1.35
CA LYS A 46 -6.71 -9.10 -2.23
C LYS A 46 -5.30 -9.66 -2.04
N LYS A 47 -5.19 -10.97 -1.98
CA LYS A 47 -3.89 -11.62 -1.81
C LYS A 47 -3.24 -11.90 -3.16
N LEU A 48 -2.29 -11.06 -3.54
CA LEU A 48 -1.59 -11.21 -4.81
C LEU A 48 -0.08 -11.28 -4.60
N LYS A 49 0.50 -12.45 -4.82
CA LYS A 49 1.93 -12.64 -4.65
C LYS A 49 2.35 -12.40 -3.20
N ASP A 50 3.65 -12.20 -2.99
CA ASP A 50 4.17 -11.97 -1.65
C ASP A 50 3.57 -10.70 -1.04
N TYR A 51 2.97 -9.87 -1.90
CA TYR A 51 2.37 -8.63 -1.44
C TYR A 51 0.85 -8.72 -1.45
N ALA A 52 0.18 -7.62 -1.16
CA ALA A 52 -1.28 -7.57 -1.14
C ALA A 52 -1.79 -6.23 -1.64
N PHE A 53 -3.05 -6.22 -2.08
CA PHE A 53 -3.67 -4.99 -2.59
C PHE A 53 -4.87 -4.61 -1.75
N VAL A 54 -4.73 -3.55 -0.95
CA VAL A 54 -5.81 -3.08 -0.09
C VAL A 54 -6.23 -1.67 -0.48
N HIS A 55 -7.54 -1.43 -0.46
CA HIS A 55 -8.08 -0.12 -0.80
C HIS A 55 -8.69 0.57 0.42
N PHE A 56 -8.69 1.90 0.42
CA PHE A 56 -9.25 2.66 1.53
C PHE A 56 -10.32 3.62 1.04
N GLU A 57 -11.25 3.96 1.93
CA GLU A 57 -12.34 4.87 1.59
C GLU A 57 -11.80 6.19 1.03
N ASP A 58 -10.58 6.53 1.44
CA ASP A 58 -9.95 7.76 0.99
C ASP A 58 -8.43 7.66 1.06
N ARG A 59 -7.75 8.78 0.85
CA ARG A 59 -6.29 8.81 0.89
C ARG A 59 -5.78 8.89 2.33
N GLY A 60 -6.40 9.76 3.12
CA GLY A 60 -6.00 9.91 4.51
C GLY A 60 -5.99 8.59 5.26
N ALA A 61 -7.07 7.83 5.13
CA ALA A 61 -7.19 6.53 5.80
C ALA A 61 -6.03 5.62 5.40
N ALA A 62 -5.48 5.85 4.23
CA ALA A 62 -4.37 5.04 3.72
C ALA A 62 -3.03 5.57 4.24
N VAL A 63 -2.87 6.89 4.22
CA VAL A 63 -1.64 7.52 4.68
C VAL A 63 -1.46 7.34 6.18
N LYS A 64 -2.47 7.77 6.94
CA LYS A 64 -2.42 7.66 8.40
C LYS A 64 -2.12 6.23 8.83
N ALA A 65 -2.61 5.27 8.05
CA ALA A 65 -2.39 3.86 8.34
C ALA A 65 -0.94 3.46 8.08
N MET A 66 -0.48 3.66 6.85
CA MET A 66 0.88 3.32 6.48
C MET A 66 1.89 4.02 7.39
N ASP A 67 1.48 5.15 7.96
CA ASP A 67 2.34 5.92 8.85
C ASP A 67 2.78 5.07 10.03
N GLU A 68 1.85 4.33 10.61
CA GLU A 68 2.14 3.48 11.75
C GLU A 68 2.50 2.06 11.30
N MET A 69 1.72 1.53 10.36
CA MET A 69 1.96 0.19 9.84
C MET A 69 3.40 0.04 9.37
N ASN A 70 3.93 1.07 8.73
CA ASN A 70 5.30 1.05 8.23
C ASN A 70 6.27 0.66 9.33
N GLY A 71 6.75 -0.58 9.28
CA GLY A 71 7.69 -1.05 10.28
C GLY A 71 7.01 -1.84 11.38
N LYS A 72 6.05 -2.67 11.01
CA LYS A 72 5.31 -3.48 11.98
C LYS A 72 5.68 -4.95 11.85
N GLU A 73 5.22 -5.76 12.79
CA GLU A 73 5.50 -7.19 12.78
C GLU A 73 4.21 -8.00 12.84
N ILE A 74 3.73 -8.41 11.67
CA ILE A 74 2.49 -9.19 11.57
C ILE A 74 2.79 -10.69 11.59
N GLU A 75 2.18 -11.39 12.53
CA GLU A 75 2.38 -12.84 12.65
C GLU A 75 3.87 -13.17 12.79
N GLY A 76 4.61 -12.28 13.44
CA GLY A 76 6.03 -12.50 13.63
C GLY A 76 6.81 -12.43 12.32
N GLU A 77 6.23 -11.76 11.33
CA GLU A 77 6.87 -11.63 10.03
C GLU A 77 7.10 -10.16 9.68
N GLU A 78 8.35 -9.80 9.43
CA GLU A 78 8.71 -8.43 9.09
C GLU A 78 8.02 -7.99 7.80
N ILE A 79 6.90 -7.28 7.94
CA ILE A 79 6.15 -6.80 6.79
C ILE A 79 6.70 -5.47 6.30
N GLU A 80 6.61 -5.24 4.98
CA GLU A 80 7.09 -4.00 4.39
C GLU A 80 5.93 -3.23 3.76
N ILE A 81 6.13 -1.92 3.60
CA ILE A 81 5.11 -1.06 3.01
C ILE A 81 5.73 0.01 2.13
N VAL A 82 5.12 0.25 0.97
CA VAL A 82 5.61 1.25 0.04
C VAL A 82 4.47 1.87 -0.76
N LEU A 83 4.54 3.17 -0.96
CA LEU A 83 3.51 3.89 -1.71
C LEU A 83 3.42 3.36 -3.14
N ALA A 84 2.25 2.85 -3.50
CA ALA A 84 2.02 2.32 -4.84
C ALA A 84 1.69 3.44 -5.82
N LYS A 85 2.61 3.68 -6.77
CA LYS A 85 2.41 4.72 -7.77
C LYS A 85 1.57 4.20 -8.94
N PRO A 86 0.84 5.12 -9.59
CA PRO A 86 -0.02 4.78 -10.73
C PRO A 86 0.80 4.40 -11.96
N PRO A 87 0.11 3.83 -12.98
CA PRO A 87 0.75 3.41 -14.23
C PRO A 87 1.20 4.60 -15.07
N ASP A 88 2.39 4.50 -15.65
CA ASP A 88 2.93 5.57 -16.48
C ASP A 88 2.82 5.21 -17.96
N LYS A 89 1.73 4.54 -18.32
CA LYS A 89 1.49 4.15 -19.70
C LYS A 89 2.70 3.39 -20.26
N LYS A 90 3.22 2.46 -19.47
CA LYS A 90 4.37 1.66 -19.88
C LYS A 90 3.93 0.31 -20.43
N ARG A 91 3.43 0.31 -21.66
CA ARG A 91 2.98 -0.93 -22.29
C ARG A 91 4.13 -1.64 -22.99
N SER A 92 5.03 -0.86 -23.57
CA SER A 92 6.18 -1.42 -24.28
C SER A 92 5.73 -2.45 -25.32
N GLY A 93 5.45 -1.98 -26.52
CA GLY A 93 5.01 -2.87 -27.58
C GLY A 93 3.52 -2.81 -27.81
N PRO A 94 3.04 -1.67 -28.34
CA PRO A 94 1.61 -1.47 -28.62
C PRO A 94 1.12 -2.33 -29.78
N SER A 95 0.54 -3.48 -29.45
CA SER A 95 0.03 -4.39 -30.46
C SER A 95 -1.49 -4.30 -30.55
N SER A 96 -1.97 -3.83 -31.71
CA SER A 96 -3.40 -3.68 -31.92
C SER A 96 -3.85 -4.43 -33.18
N GLY A 97 -4.59 -5.51 -32.99
CA GLY A 97 -5.06 -6.29 -34.13
C GLY A 97 -4.06 -7.36 -34.55
N GLY A 1 20.29 13.95 5.22
CA GLY A 1 20.11 14.84 4.09
C GLY A 1 18.92 15.77 4.27
N SER A 2 17.76 15.34 3.80
CA SER A 2 16.54 16.13 3.91
C SER A 2 16.73 17.50 3.26
N SER A 3 16.49 17.56 1.96
CA SER A 3 16.63 18.81 1.20
C SER A 3 15.89 18.74 -0.12
N GLY A 4 14.70 19.33 -0.17
CA GLY A 4 13.91 19.32 -1.38
C GLY A 4 12.67 18.45 -1.26
N SER A 5 11.64 18.80 -2.01
CA SER A 5 10.38 18.04 -1.99
C SER A 5 10.34 17.02 -3.12
N SER A 6 10.61 17.48 -4.33
CA SER A 6 10.60 16.60 -5.50
C SER A 6 9.23 15.96 -5.68
N GLY A 7 8.31 16.69 -6.30
CA GLY A 7 6.97 16.18 -6.53
C GLY A 7 5.90 17.23 -6.29
N ASP A 8 4.64 16.82 -6.45
CA ASP A 8 3.52 17.74 -6.25
C ASP A 8 2.55 17.19 -5.19
N PRO A 9 1.78 18.09 -4.59
CA PRO A 9 0.80 17.73 -3.56
C PRO A 9 -0.38 16.95 -4.12
N GLU A 10 -0.76 17.27 -5.36
CA GLU A 10 -1.88 16.59 -6.00
C GLU A 10 -1.48 15.19 -6.44
N VAL A 11 -0.23 15.03 -6.85
CA VAL A 11 0.28 13.74 -7.29
C VAL A 11 0.23 12.72 -6.15
N MET A 12 0.78 13.09 -5.01
CA MET A 12 0.81 12.21 -3.84
C MET A 12 -0.60 11.92 -3.35
N ALA A 13 -1.50 12.89 -3.54
CA ALA A 13 -2.88 12.74 -3.11
C ALA A 13 -3.65 11.80 -4.05
N LYS A 14 -3.18 11.72 -5.29
CA LYS A 14 -3.83 10.87 -6.28
C LYS A 14 -3.85 9.41 -5.83
N VAL A 15 -2.66 8.84 -5.64
CA VAL A 15 -2.54 7.45 -5.20
C VAL A 15 -3.32 7.22 -3.91
N LYS A 16 -3.96 6.05 -3.83
CA LYS A 16 -4.76 5.70 -2.65
C LYS A 16 -4.69 4.20 -2.38
N VAL A 17 -3.60 3.58 -2.81
CA VAL A 17 -3.40 2.15 -2.61
C VAL A 17 -2.05 1.87 -1.97
N LEU A 18 -2.07 1.20 -0.81
CA LEU A 18 -0.85 0.86 -0.11
C LEU A 18 -0.30 -0.49 -0.56
N PHE A 19 0.98 -0.51 -0.92
CA PHE A 19 1.62 -1.74 -1.39
C PHE A 19 2.36 -2.43 -0.24
N VAL A 20 1.71 -3.44 0.34
CA VAL A 20 2.30 -4.19 1.43
C VAL A 20 3.13 -5.37 0.93
N ARG A 21 4.44 -5.28 1.12
CA ARG A 21 5.34 -6.35 0.68
C ARG A 21 5.77 -7.22 1.85
N ASN A 22 6.28 -8.41 1.54
CA ASN A 22 6.72 -9.35 2.57
C ASN A 22 5.58 -9.67 3.54
N LEU A 23 4.65 -10.51 3.08
CA LEU A 23 3.51 -10.90 3.90
C LEU A 23 3.68 -12.32 4.44
N ALA A 24 2.73 -12.77 5.23
CA ALA A 24 2.78 -14.11 5.81
C ALA A 24 1.92 -15.08 5.01
N THR A 25 2.35 -16.33 4.96
CA THR A 25 1.62 -17.37 4.22
C THR A 25 0.53 -17.99 5.09
N THR A 26 0.71 -17.92 6.41
CA THR A 26 -0.27 -18.47 7.34
C THR A 26 -1.44 -17.53 7.53
N VAL A 27 -1.19 -16.23 7.39
CA VAL A 27 -2.23 -15.22 7.54
C VAL A 27 -3.25 -15.32 6.42
N THR A 28 -4.43 -14.73 6.64
CA THR A 28 -5.49 -14.75 5.65
C THR A 28 -6.02 -13.34 5.39
N GLU A 29 -6.77 -13.19 4.31
CA GLU A 29 -7.34 -11.90 3.94
C GLU A 29 -8.12 -11.29 5.12
N GLU A 30 -8.68 -12.16 5.95
CA GLU A 30 -9.44 -11.71 7.11
C GLU A 30 -8.55 -10.95 8.09
N ILE A 31 -7.40 -11.53 8.41
CA ILE A 31 -6.46 -10.90 9.34
C ILE A 31 -5.99 -9.55 8.81
N LEU A 32 -5.47 -9.55 7.59
CA LEU A 32 -4.98 -8.33 6.97
C LEU A 32 -6.07 -7.27 6.93
N GLU A 33 -7.31 -7.70 6.70
CA GLU A 33 -8.44 -6.78 6.65
C GLU A 33 -8.71 -6.16 8.01
N LYS A 34 -8.32 -6.88 9.07
CA LYS A 34 -8.51 -6.39 10.43
C LYS A 34 -7.30 -5.61 10.91
N SER A 35 -6.14 -5.92 10.34
CA SER A 35 -4.90 -5.24 10.71
C SER A 35 -4.93 -3.79 10.28
N PHE A 36 -5.58 -3.51 9.15
CA PHE A 36 -5.69 -2.16 8.63
C PHE A 36 -6.98 -1.49 9.09
N SER A 37 -8.04 -2.29 9.20
CA SER A 37 -9.34 -1.78 9.62
C SER A 37 -9.23 -1.04 10.95
N GLU A 38 -8.24 -1.42 11.76
CA GLU A 38 -8.03 -0.79 13.05
C GLU A 38 -7.71 0.69 12.89
N PHE A 39 -7.17 1.05 11.73
CA PHE A 39 -6.81 2.44 11.45
C PHE A 39 -7.99 3.19 10.83
N GLY A 40 -8.56 2.59 9.78
CA GLY A 40 -9.69 3.22 9.11
C GLY A 40 -10.49 2.23 8.29
N LYS A 41 -11.76 2.55 8.05
CA LYS A 41 -12.64 1.69 7.26
C LYS A 41 -11.98 1.32 5.93
N LEU A 42 -11.66 0.05 5.78
CA LEU A 42 -11.03 -0.44 4.55
C LEU A 42 -12.05 -0.52 3.42
N GLU A 43 -11.56 -0.75 2.20
CA GLU A 43 -12.42 -0.84 1.03
C GLU A 43 -12.46 -2.26 0.50
N ARG A 44 -11.29 -2.88 0.36
CA ARG A 44 -11.19 -4.24 -0.14
C ARG A 44 -9.74 -4.70 -0.18
N VAL A 45 -9.51 -5.96 0.19
CA VAL A 45 -8.16 -6.52 0.20
C VAL A 45 -8.08 -7.75 -0.70
N LYS A 46 -6.91 -7.98 -1.28
CA LYS A 46 -6.69 -9.11 -2.15
C LYS A 46 -5.28 -9.68 -1.99
N LYS A 47 -5.17 -11.00 -1.94
CA LYS A 47 -3.88 -11.66 -1.78
C LYS A 47 -3.24 -11.92 -3.14
N LEU A 48 -2.29 -11.08 -3.51
CA LEU A 48 -1.60 -11.22 -4.78
C LEU A 48 -0.09 -11.28 -4.58
N LYS A 49 0.49 -12.45 -4.82
CA LYS A 49 1.93 -12.63 -4.66
C LYS A 49 2.35 -12.43 -3.21
N ASP A 50 3.65 -12.22 -3.00
CA ASP A 50 4.18 -12.01 -1.66
C ASP A 50 3.58 -10.75 -1.04
N TYR A 51 2.99 -9.91 -1.87
CA TYR A 51 2.39 -8.67 -1.40
C TYR A 51 0.86 -8.77 -1.41
N ALA A 52 0.20 -7.65 -1.12
CA ALA A 52 -1.25 -7.60 -1.09
C ALA A 52 -1.77 -6.27 -1.60
N PHE A 53 -3.03 -6.25 -2.04
CA PHE A 53 -3.64 -5.03 -2.55
C PHE A 53 -4.84 -4.62 -1.70
N VAL A 54 -4.68 -3.57 -0.90
CA VAL A 54 -5.74 -3.08 -0.05
C VAL A 54 -6.19 -1.69 -0.46
N HIS A 55 -7.50 -1.44 -0.38
CA HIS A 55 -8.05 -0.14 -0.74
C HIS A 55 -8.58 0.59 0.49
N PHE A 56 -8.59 1.91 0.44
CA PHE A 56 -9.08 2.73 1.55
C PHE A 56 -10.14 3.70 1.08
N GLU A 57 -11.02 4.10 2.00
CA GLU A 57 -12.10 5.02 1.68
C GLU A 57 -11.55 6.31 1.07
N ASP A 58 -10.30 6.63 1.41
CA ASP A 58 -9.65 7.83 0.90
C ASP A 58 -8.14 7.76 1.10
N ARG A 59 -7.46 8.87 0.83
CA ARG A 59 -6.01 8.92 0.98
C ARG A 59 -5.62 9.01 2.45
N GLY A 60 -6.32 9.85 3.20
CA GLY A 60 -6.02 10.00 4.62
C GLY A 60 -6.00 8.67 5.35
N ALA A 61 -7.04 7.87 5.16
CA ALA A 61 -7.13 6.57 5.81
C ALA A 61 -5.95 5.68 5.42
N ALA A 62 -5.37 5.95 4.26
CA ALA A 62 -4.24 5.17 3.77
C ALA A 62 -2.93 5.67 4.38
N VAL A 63 -2.73 6.98 4.33
CA VAL A 63 -1.51 7.59 4.87
C VAL A 63 -1.44 7.41 6.38
N LYS A 64 -2.52 7.78 7.07
CA LYS A 64 -2.59 7.67 8.52
C LYS A 64 -2.33 6.24 8.96
N ALA A 65 -2.62 5.28 8.08
CA ALA A 65 -2.42 3.88 8.37
C ALA A 65 -0.98 3.46 8.09
N MET A 66 -0.55 3.62 6.85
CA MET A 66 0.81 3.27 6.45
C MET A 66 1.83 3.97 7.34
N ASP A 67 1.46 5.11 7.89
CA ASP A 67 2.35 5.87 8.76
C ASP A 67 2.86 5.01 9.90
N GLU A 68 1.93 4.33 10.59
CA GLU A 68 2.30 3.46 11.70
C GLU A 68 2.53 2.03 11.23
N MET A 69 1.67 1.57 10.34
CA MET A 69 1.78 0.21 9.80
C MET A 69 3.18 -0.06 9.27
N ASN A 70 3.75 0.93 8.59
CA ASN A 70 5.09 0.81 8.03
C ASN A 70 6.09 0.43 9.11
N GLY A 71 6.71 -0.74 8.96
CA GLY A 71 7.69 -1.20 9.93
C GLY A 71 7.04 -1.90 11.11
N LYS A 72 6.10 -2.80 10.83
CA LYS A 72 5.41 -3.54 11.88
C LYS A 72 5.74 -5.02 11.80
N GLU A 73 5.32 -5.77 12.82
CA GLU A 73 5.57 -7.21 12.87
C GLU A 73 4.26 -7.98 12.94
N ILE A 74 3.84 -8.53 11.80
CA ILE A 74 2.61 -9.31 11.73
C ILE A 74 2.90 -10.80 11.65
N GLU A 75 2.27 -11.56 12.55
CA GLU A 75 2.46 -13.00 12.58
C GLU A 75 3.95 -13.36 12.65
N GLY A 76 4.73 -12.49 13.28
CA GLY A 76 6.16 -12.73 13.41
C GLY A 76 6.88 -12.66 12.07
N GLU A 77 6.33 -11.87 11.15
CA GLU A 77 6.92 -11.71 9.83
C GLU A 77 7.12 -10.24 9.49
N GLU A 78 8.36 -9.88 9.14
CA GLU A 78 8.68 -8.50 8.79
C GLU A 78 7.87 -8.04 7.59
N ILE A 79 6.89 -7.20 7.84
CA ILE A 79 6.03 -6.68 6.78
C ILE A 79 6.49 -5.28 6.35
N GLU A 80 6.50 -5.05 5.04
CA GLU A 80 6.91 -3.76 4.50
C GLU A 80 5.75 -3.07 3.79
N ILE A 81 5.82 -1.75 3.69
CA ILE A 81 4.78 -0.96 3.05
C ILE A 81 5.38 0.18 2.23
N VAL A 82 4.86 0.37 1.02
CA VAL A 82 5.33 1.42 0.14
C VAL A 82 4.20 1.98 -0.72
N LEU A 83 4.28 3.26 -1.05
CA LEU A 83 3.26 3.90 -1.88
C LEU A 83 3.31 3.37 -3.31
N ALA A 84 2.27 2.64 -3.69
CA ALA A 84 2.18 2.08 -5.03
C ALA A 84 2.05 3.18 -6.08
N LYS A 85 2.52 2.89 -7.29
CA LYS A 85 2.46 3.86 -8.38
C LYS A 85 1.52 3.38 -9.48
N PRO A 86 0.91 4.33 -10.20
CA PRO A 86 -0.01 4.03 -11.30
C PRO A 86 0.69 3.43 -12.51
N PRO A 87 -0.10 2.88 -13.44
CA PRO A 87 0.43 2.27 -14.66
C PRO A 87 1.03 3.29 -15.62
N ASP A 88 1.81 2.81 -16.58
CA ASP A 88 2.44 3.68 -17.56
C ASP A 88 1.97 3.35 -18.97
N LYS A 89 1.91 2.06 -19.27
CA LYS A 89 1.49 1.60 -20.59
C LYS A 89 2.33 2.24 -21.69
N LYS A 90 3.63 2.29 -21.48
CA LYS A 90 4.55 2.86 -22.45
C LYS A 90 5.17 1.78 -23.33
N ARG A 91 4.78 1.76 -24.60
CA ARG A 91 5.30 0.78 -25.54
C ARG A 91 6.38 1.40 -26.44
N SER A 92 7.57 0.81 -26.40
CA SER A 92 8.68 1.30 -27.21
C SER A 92 9.85 0.31 -27.19
N GLY A 93 10.52 0.17 -28.33
CA GLY A 93 11.64 -0.73 -28.42
C GLY A 93 11.73 -1.41 -29.78
N PRO A 94 12.16 -0.64 -30.80
CA PRO A 94 12.30 -1.14 -32.16
C PRO A 94 13.45 -2.14 -32.31
N SER A 95 13.49 -2.82 -33.45
CA SER A 95 14.54 -3.79 -33.70
C SER A 95 15.81 -3.13 -34.21
N SER A 96 16.85 -3.92 -34.42
CA SER A 96 18.13 -3.41 -34.91
C SER A 96 18.74 -2.43 -33.89
N GLY A 97 19.90 -1.89 -34.23
CA GLY A 97 20.57 -0.95 -33.34
C GLY A 97 22.01 -0.71 -33.74
N GLY A 1 6.67 25.19 -0.06
CA GLY A 1 7.65 25.48 0.98
C GLY A 1 8.90 26.13 0.42
N SER A 2 10.07 25.61 0.82
CA SER A 2 11.34 26.13 0.36
C SER A 2 12.46 25.14 0.60
N SER A 3 12.55 24.64 1.83
CA SER A 3 13.58 23.68 2.20
C SER A 3 13.01 22.58 3.09
N GLY A 4 13.75 21.48 3.21
CA GLY A 4 13.30 20.38 4.02
C GLY A 4 12.04 19.74 3.48
N SER A 5 12.04 19.45 2.18
CA SER A 5 10.87 18.83 1.54
C SER A 5 11.19 18.45 0.10
N SER A 6 10.78 17.25 -0.30
CA SER A 6 11.03 16.77 -1.65
C SER A 6 9.72 16.38 -2.33
N GLY A 7 9.40 17.07 -3.43
CA GLY A 7 8.17 16.79 -4.15
C GLY A 7 6.97 17.46 -3.54
N ASP A 8 5.90 17.60 -4.32
CA ASP A 8 4.68 18.24 -3.84
C ASP A 8 3.83 17.25 -3.05
N PRO A 9 2.95 17.79 -2.19
CA PRO A 9 2.07 16.97 -1.35
C PRO A 9 0.98 16.27 -2.16
N GLU A 10 0.32 17.03 -3.03
CA GLU A 10 -0.75 16.48 -3.86
C GLU A 10 -0.24 15.28 -4.67
N VAL A 11 1.06 15.27 -4.93
CA VAL A 11 1.67 14.18 -5.69
C VAL A 11 1.33 12.83 -5.08
N MET A 12 1.90 12.56 -3.91
CA MET A 12 1.66 11.29 -3.22
C MET A 12 0.26 11.28 -2.60
N ALA A 13 -0.19 12.44 -2.14
CA ALA A 13 -1.51 12.55 -1.53
C ALA A 13 -2.59 12.01 -2.44
N LYS A 14 -2.34 12.05 -3.75
CA LYS A 14 -3.30 11.57 -4.73
C LYS A 14 -3.54 10.08 -4.57
N VAL A 15 -2.51 9.28 -4.83
CA VAL A 15 -2.61 7.83 -4.70
C VAL A 15 -3.16 7.44 -3.34
N LYS A 16 -4.02 6.42 -3.31
CA LYS A 16 -4.62 5.95 -2.07
C LYS A 16 -4.51 4.44 -1.97
N VAL A 17 -3.48 3.86 -2.57
CA VAL A 17 -3.28 2.43 -2.55
C VAL A 17 -1.91 2.08 -1.97
N LEU A 18 -1.92 1.38 -0.83
CA LEU A 18 -0.68 1.00 -0.16
C LEU A 18 -0.22 -0.37 -0.66
N PHE A 19 1.08 -0.49 -0.92
CA PHE A 19 1.65 -1.74 -1.41
C PHE A 19 2.35 -2.48 -0.28
N VAL A 20 1.65 -3.44 0.32
CA VAL A 20 2.20 -4.23 1.42
C VAL A 20 2.97 -5.44 0.89
N ARG A 21 4.28 -5.44 1.10
CA ARG A 21 5.13 -6.52 0.65
C ARG A 21 5.54 -7.42 1.82
N ASN A 22 6.15 -8.55 1.50
CA ASN A 22 6.59 -9.49 2.53
C ASN A 22 5.45 -9.85 3.47
N LEU A 23 4.54 -10.70 2.99
CA LEU A 23 3.40 -11.13 3.79
C LEU A 23 3.62 -12.52 4.37
N ALA A 24 2.66 -12.99 5.15
CA ALA A 24 2.75 -14.31 5.76
C ALA A 24 1.86 -15.31 5.03
N THR A 25 2.29 -16.57 4.99
CA THR A 25 1.55 -17.63 4.32
C THR A 25 0.48 -18.21 5.25
N THR A 26 0.71 -18.10 6.55
CA THR A 26 -0.23 -18.61 7.54
C THR A 26 -1.40 -17.65 7.74
N VAL A 27 -1.14 -16.37 7.55
CA VAL A 27 -2.18 -15.35 7.71
C VAL A 27 -3.21 -15.45 6.60
N THR A 28 -4.38 -14.84 6.83
CA THR A 28 -5.46 -14.86 5.86
C THR A 28 -5.93 -13.45 5.52
N GLU A 29 -6.67 -13.33 4.42
CA GLU A 29 -7.18 -12.03 4.00
C GLU A 29 -7.99 -11.36 5.11
N GLU A 30 -8.59 -12.19 5.97
CA GLU A 30 -9.39 -11.67 7.07
C GLU A 30 -8.53 -10.89 8.06
N ILE A 31 -7.41 -11.48 8.46
CA ILE A 31 -6.50 -10.84 9.40
C ILE A 31 -5.95 -9.54 8.82
N LEU A 32 -5.43 -9.62 7.59
CA LEU A 32 -4.87 -8.44 6.93
C LEU A 32 -5.89 -7.31 6.87
N GLU A 33 -7.17 -7.66 6.89
CA GLU A 33 -8.24 -6.68 6.84
C GLU A 33 -8.49 -6.09 8.22
N LYS A 34 -8.69 -6.95 9.21
CA LYS A 34 -8.95 -6.51 10.58
C LYS A 34 -7.83 -5.58 11.06
N SER A 35 -6.65 -5.74 10.49
CA SER A 35 -5.50 -4.92 10.87
C SER A 35 -5.72 -3.46 10.47
N PHE A 36 -5.67 -3.20 9.17
CA PHE A 36 -5.87 -1.84 8.65
C PHE A 36 -7.25 -1.32 9.02
N SER A 37 -8.21 -2.23 9.15
CA SER A 37 -9.58 -1.86 9.49
C SER A 37 -9.61 -1.04 10.78
N GLU A 38 -8.69 -1.35 11.69
CA GLU A 38 -8.62 -0.64 12.96
C GLU A 38 -8.26 0.82 12.76
N PHE A 39 -7.58 1.10 11.65
CA PHE A 39 -7.18 2.48 11.33
C PHE A 39 -8.32 3.23 10.66
N GLY A 40 -8.89 2.63 9.61
CA GLY A 40 -9.98 3.26 8.89
C GLY A 40 -10.80 2.27 8.10
N LYS A 41 -12.00 2.67 7.70
CA LYS A 41 -12.89 1.81 6.93
C LYS A 41 -12.24 1.38 5.62
N LEU A 42 -11.79 0.13 5.58
CA LEU A 42 -11.14 -0.40 4.38
C LEU A 42 -12.13 -0.49 3.23
N GLU A 43 -11.61 -0.83 2.04
CA GLU A 43 -12.46 -0.95 0.86
C GLU A 43 -12.47 -2.39 0.35
N ARG A 44 -11.29 -2.98 0.23
CA ARG A 44 -11.16 -4.35 -0.24
C ARG A 44 -9.70 -4.79 -0.26
N VAL A 45 -9.47 -6.06 0.05
CA VAL A 45 -8.11 -6.60 0.07
C VAL A 45 -8.01 -7.84 -0.81
N LYS A 46 -6.82 -8.06 -1.38
CA LYS A 46 -6.60 -9.21 -2.24
C LYS A 46 -5.19 -9.76 -2.05
N LYS A 47 -5.07 -11.08 -1.97
CA LYS A 47 -3.78 -11.73 -1.79
C LYS A 47 -3.12 -12.02 -3.14
N LEU A 48 -2.17 -11.17 -3.51
CA LEU A 48 -1.46 -11.34 -4.78
C LEU A 48 0.05 -11.38 -4.56
N LYS A 49 0.63 -12.55 -4.77
CA LYS A 49 2.07 -12.74 -4.59
C LYS A 49 2.48 -12.49 -3.14
N ASP A 50 3.77 -12.29 -2.92
CA ASP A 50 4.28 -12.04 -1.58
C ASP A 50 3.68 -10.78 -0.99
N TYR A 51 3.09 -9.95 -1.84
CA TYR A 51 2.47 -8.71 -1.40
C TYR A 51 0.95 -8.81 -1.44
N ALA A 52 0.28 -7.70 -1.16
CA ALA A 52 -1.18 -7.66 -1.15
C ALA A 52 -1.69 -6.33 -1.68
N PHE A 53 -2.95 -6.31 -2.11
CA PHE A 53 -3.56 -5.11 -2.64
C PHE A 53 -4.77 -4.71 -1.81
N VAL A 54 -4.62 -3.64 -1.02
CA VAL A 54 -5.71 -3.15 -0.18
C VAL A 54 -6.17 -1.76 -0.62
N HIS A 55 -7.46 -1.51 -0.49
CA HIS A 55 -8.03 -0.21 -0.87
C HIS A 55 -8.66 0.47 0.32
N PHE A 56 -8.77 1.80 0.26
CA PHE A 56 -9.35 2.57 1.34
C PHE A 56 -10.47 3.48 0.81
N GLU A 57 -11.31 3.96 1.72
CA GLU A 57 -12.42 4.83 1.35
C GLU A 57 -12.05 6.29 1.55
N ASP A 58 -10.75 6.58 1.47
CA ASP A 58 -10.26 7.95 1.64
C ASP A 58 -8.74 8.00 1.49
N ARG A 59 -8.18 9.19 1.69
CA ARG A 59 -6.74 9.37 1.57
C ARG A 59 -6.04 9.19 2.92
N GLY A 60 -6.43 10.01 3.89
CA GLY A 60 -5.84 9.93 5.21
C GLY A 60 -5.92 8.53 5.79
N ALA A 61 -6.96 7.78 5.41
CA ALA A 61 -7.14 6.42 5.89
C ALA A 61 -5.95 5.54 5.53
N ALA A 62 -5.39 5.78 4.34
CA ALA A 62 -4.24 5.00 3.87
C ALA A 62 -2.93 5.63 4.35
N VAL A 63 -2.84 6.95 4.24
CA VAL A 63 -1.64 7.67 4.65
C VAL A 63 -1.37 7.48 6.14
N LYS A 64 -2.32 7.92 6.97
CA LYS A 64 -2.19 7.80 8.41
C LYS A 64 -1.90 6.35 8.81
N ALA A 65 -2.54 5.42 8.11
CA ALA A 65 -2.36 4.01 8.39
C ALA A 65 -0.95 3.55 8.06
N MET A 66 -0.57 3.68 6.78
CA MET A 66 0.76 3.28 6.33
C MET A 66 1.83 3.99 7.14
N ASP A 67 1.50 5.16 7.66
CA ASP A 67 2.45 5.94 8.46
C ASP A 67 2.92 5.15 9.66
N GLU A 68 1.99 4.47 10.33
CA GLU A 68 2.32 3.68 11.51
C GLU A 68 2.62 2.23 11.12
N MET A 69 1.75 1.65 10.30
CA MET A 69 1.93 0.27 9.85
C MET A 69 3.32 0.06 9.27
N ASN A 70 3.86 1.11 8.66
CA ASN A 70 5.20 1.03 8.06
C ASN A 70 6.22 0.50 9.07
N GLY A 71 6.65 -0.74 8.87
CA GLY A 71 7.62 -1.34 9.76
C GLY A 71 6.97 -2.06 10.92
N LYS A 72 5.95 -2.87 10.63
CA LYS A 72 5.24 -3.62 11.66
C LYS A 72 5.55 -5.10 11.56
N GLU A 73 5.09 -5.86 12.55
CA GLU A 73 5.32 -7.30 12.58
C GLU A 73 4.00 -8.07 12.64
N ILE A 74 3.63 -8.67 11.51
CA ILE A 74 2.39 -9.44 11.42
C ILE A 74 2.66 -10.93 11.42
N GLU A 75 2.18 -11.62 12.44
CA GLU A 75 2.38 -13.07 12.56
C GLU A 75 3.86 -13.41 12.63
N GLY A 76 4.64 -12.50 13.18
CA GLY A 76 6.07 -12.72 13.31
C GLY A 76 6.79 -12.66 11.97
N GLU A 77 6.24 -11.87 11.06
CA GLU A 77 6.84 -11.71 9.73
C GLU A 77 7.05 -10.25 9.39
N GLU A 78 8.28 -9.91 9.02
CA GLU A 78 8.63 -8.53 8.67
C GLU A 78 7.85 -8.08 7.44
N ILE A 79 6.79 -7.32 7.66
CA ILE A 79 5.97 -6.81 6.56
C ILE A 79 6.43 -5.44 6.11
N GLU A 80 6.51 -5.24 4.80
CA GLU A 80 6.94 -3.97 4.23
C GLU A 80 5.75 -3.18 3.68
N ILE A 81 5.90 -1.87 3.60
CA ILE A 81 4.84 -1.01 3.08
C ILE A 81 5.42 0.14 2.25
N VAL A 82 5.01 0.20 0.99
CA VAL A 82 5.48 1.25 0.09
C VAL A 82 4.34 1.80 -0.76
N LEU A 83 4.30 3.12 -0.91
CA LEU A 83 3.26 3.77 -1.69
C LEU A 83 3.32 3.33 -3.15
N ALA A 84 2.30 2.60 -3.58
CA ALA A 84 2.24 2.12 -4.97
C ALA A 84 2.13 3.28 -5.94
N LYS A 85 2.63 3.08 -7.15
CA LYS A 85 2.59 4.10 -8.19
C LYS A 85 1.24 4.09 -8.90
N PRO A 86 0.83 5.28 -9.41
CA PRO A 86 -0.43 5.43 -10.13
C PRO A 86 -0.42 4.74 -11.49
N PRO A 87 -1.60 4.61 -12.11
CA PRO A 87 -1.75 3.97 -13.42
C PRO A 87 -1.14 4.81 -14.54
N ASP A 88 -0.58 4.14 -15.53
CA ASP A 88 0.03 4.82 -16.67
C ASP A 88 1.15 5.75 -16.21
N LYS A 89 1.76 6.46 -17.16
CA LYS A 89 2.84 7.39 -16.85
C LYS A 89 3.25 8.17 -18.09
N LYS A 90 3.26 9.50 -17.96
CA LYS A 90 3.64 10.37 -19.07
C LYS A 90 5.11 10.19 -19.44
N ARG A 91 5.36 9.63 -20.60
CA ARG A 91 6.72 9.39 -21.07
C ARG A 91 6.80 9.53 -22.58
N SER A 92 7.97 9.98 -23.07
CA SER A 92 8.17 10.15 -24.50
C SER A 92 9.35 9.32 -24.99
N GLY A 93 9.06 8.23 -25.68
CA GLY A 93 10.10 7.35 -26.18
C GLY A 93 9.60 5.94 -26.47
N PRO A 94 10.52 5.07 -26.90
CA PRO A 94 10.19 3.68 -27.22
C PRO A 94 9.85 2.87 -25.97
N SER A 95 8.65 2.31 -25.94
CA SER A 95 8.21 1.51 -24.80
C SER A 95 6.89 0.80 -25.11
N SER A 96 6.41 0.02 -24.15
CA SER A 96 5.15 -0.72 -24.33
C SER A 96 5.23 -1.63 -25.55
N GLY A 97 4.10 -2.24 -25.89
CA GLY A 97 4.05 -3.13 -27.04
C GLY A 97 4.45 -2.44 -28.33
N GLY A 1 10.39 13.17 4.12
CA GLY A 1 11.29 14.14 4.70
C GLY A 1 11.00 15.55 4.20
N SER A 2 10.96 15.73 2.89
CA SER A 2 10.69 17.03 2.30
C SER A 2 11.76 18.04 2.72
N SER A 3 13.01 17.61 2.72
CA SER A 3 14.13 18.48 3.10
C SER A 3 14.36 19.57 2.05
N GLY A 4 14.10 19.22 0.79
CA GLY A 4 14.29 20.17 -0.29
C GLY A 4 13.32 19.96 -1.43
N SER A 5 12.02 20.03 -1.11
CA SER A 5 10.98 19.84 -2.12
C SER A 5 11.12 18.49 -2.80
N SER A 6 10.59 17.46 -2.16
CA SER A 6 10.67 16.10 -2.70
C SER A 6 9.28 15.61 -3.10
N GLY A 7 8.30 15.80 -2.22
CA GLY A 7 6.94 15.37 -2.49
C GLY A 7 5.91 16.32 -1.94
N ASP A 8 4.94 16.69 -2.76
CA ASP A 8 3.88 17.61 -2.35
C ASP A 8 2.65 16.84 -1.90
N PRO A 9 1.80 17.49 -1.08
CA PRO A 9 0.58 16.88 -0.56
C PRO A 9 -0.48 16.70 -1.64
N GLU A 10 -0.37 17.48 -2.71
CA GLU A 10 -1.31 17.41 -3.81
C GLU A 10 -1.01 16.21 -4.71
N VAL A 11 0.28 15.93 -4.91
CA VAL A 11 0.71 14.82 -5.73
C VAL A 11 0.62 13.50 -4.97
N MET A 12 0.73 13.57 -3.65
CA MET A 12 0.66 12.38 -2.81
C MET A 12 -0.78 12.05 -2.46
N ALA A 13 -1.64 13.07 -2.46
CA ALA A 13 -3.05 12.90 -2.14
C ALA A 13 -3.74 12.05 -3.20
N LYS A 14 -3.23 12.10 -4.42
CA LYS A 14 -3.81 11.34 -5.53
C LYS A 14 -3.81 9.84 -5.22
N VAL A 15 -2.62 9.27 -5.04
CA VAL A 15 -2.48 7.86 -4.73
C VAL A 15 -3.18 7.51 -3.43
N LYS A 16 -3.91 6.39 -3.42
CA LYS A 16 -4.62 5.95 -2.24
C LYS A 16 -4.53 4.44 -2.08
N VAL A 17 -3.47 3.85 -2.64
CA VAL A 17 -3.28 2.40 -2.56
C VAL A 17 -1.92 2.07 -1.92
N LEU A 18 -1.97 1.38 -0.79
CA LEU A 18 -0.76 1.01 -0.09
C LEU A 18 -0.26 -0.36 -0.55
N PHE A 19 1.01 -0.40 -0.96
CA PHE A 19 1.61 -1.64 -1.44
C PHE A 19 2.33 -2.37 -0.30
N VAL A 20 1.66 -3.36 0.28
CA VAL A 20 2.24 -4.13 1.38
C VAL A 20 3.00 -5.34 0.85
N ARG A 21 4.31 -5.33 1.02
CA ARG A 21 5.15 -6.44 0.57
C ARG A 21 5.61 -7.29 1.75
N ASN A 22 6.21 -8.44 1.45
CA ASN A 22 6.70 -9.34 2.48
C ASN A 22 5.58 -9.72 3.45
N LEU A 23 4.64 -10.53 2.97
CA LEU A 23 3.52 -10.97 3.79
C LEU A 23 3.73 -12.40 4.27
N ALA A 24 2.79 -12.88 5.09
CA ALA A 24 2.87 -14.24 5.62
C ALA A 24 1.87 -15.16 4.91
N THR A 25 2.25 -16.43 4.77
CA THR A 25 1.41 -17.41 4.11
C THR A 25 0.39 -18.01 5.08
N THR A 26 0.74 -17.99 6.36
CA THR A 26 -0.15 -18.53 7.40
C THR A 26 -1.34 -17.62 7.63
N VAL A 27 -1.15 -16.33 7.41
CA VAL A 27 -2.22 -15.36 7.59
C VAL A 27 -3.24 -15.43 6.46
N THR A 28 -4.42 -14.88 6.69
CA THR A 28 -5.49 -14.89 5.69
C THR A 28 -5.99 -13.47 5.41
N GLU A 29 -6.70 -13.32 4.29
CA GLU A 29 -7.24 -12.02 3.92
C GLU A 29 -8.10 -11.44 5.03
N GLU A 30 -8.67 -12.32 5.86
CA GLU A 30 -9.52 -11.90 6.96
C GLU A 30 -8.70 -11.16 8.02
N ILE A 31 -7.49 -11.63 8.27
CA ILE A 31 -6.61 -11.02 9.25
C ILE A 31 -6.12 -9.65 8.77
N LEU A 32 -5.53 -9.63 7.58
CA LEU A 32 -5.02 -8.38 7.00
C LEU A 32 -6.11 -7.32 6.95
N GLU A 33 -7.36 -7.76 6.78
CA GLU A 33 -8.49 -6.84 6.72
C GLU A 33 -8.75 -6.21 8.08
N LYS A 34 -8.38 -6.92 9.14
CA LYS A 34 -8.58 -6.43 10.50
C LYS A 34 -7.34 -5.68 10.99
N SER A 35 -6.19 -6.01 10.43
CA SER A 35 -4.94 -5.36 10.82
C SER A 35 -4.95 -3.89 10.41
N PHE A 36 -5.57 -3.60 9.26
CA PHE A 36 -5.65 -2.23 8.77
C PHE A 36 -6.95 -1.56 9.20
N SER A 37 -8.01 -2.36 9.33
CA SER A 37 -9.31 -1.85 9.73
C SER A 37 -9.20 -1.07 11.05
N GLU A 38 -8.23 -1.45 11.87
CA GLU A 38 -8.02 -0.79 13.15
C GLU A 38 -7.76 0.71 12.95
N PHE A 39 -7.22 1.06 11.79
CA PHE A 39 -6.92 2.45 11.48
C PHE A 39 -8.12 3.14 10.84
N GLY A 40 -8.68 2.53 9.81
CA GLY A 40 -9.84 3.09 9.14
C GLY A 40 -10.63 2.06 8.35
N LYS A 41 -11.91 2.32 8.17
CA LYS A 41 -12.78 1.41 7.43
C LYS A 41 -12.17 1.06 6.07
N LEU A 42 -11.63 -0.15 5.97
CA LEU A 42 -11.02 -0.61 4.73
C LEU A 42 -12.05 -0.70 3.61
N GLU A 43 -11.58 -0.77 2.37
CA GLU A 43 -12.46 -0.85 1.22
C GLU A 43 -12.48 -2.27 0.66
N ARG A 44 -11.31 -2.87 0.51
CA ARG A 44 -11.20 -4.22 -0.01
C ARG A 44 -9.74 -4.66 -0.06
N VAL A 45 -9.50 -5.94 0.27
CA VAL A 45 -8.14 -6.48 0.27
C VAL A 45 -8.07 -7.72 -0.62
N LYS A 46 -6.89 -7.94 -1.21
CA LYS A 46 -6.68 -9.08 -2.09
C LYS A 46 -5.26 -9.64 -1.92
N LYS A 47 -5.15 -10.96 -1.88
CA LYS A 47 -3.85 -11.61 -1.73
C LYS A 47 -3.22 -11.89 -3.08
N LEU A 48 -2.28 -11.04 -3.48
CA LEU A 48 -1.60 -11.19 -4.76
C LEU A 48 -0.08 -11.24 -4.57
N LYS A 49 0.50 -12.42 -4.80
CA LYS A 49 1.94 -12.60 -4.66
C LYS A 49 2.37 -12.37 -3.22
N ASP A 50 3.67 -12.17 -3.02
CA ASP A 50 4.22 -11.94 -1.69
C ASP A 50 3.62 -10.67 -1.07
N TYR A 51 3.01 -9.85 -1.90
CA TYR A 51 2.41 -8.60 -1.44
C TYR A 51 0.89 -8.71 -1.44
N ALA A 52 0.23 -7.59 -1.14
CA ALA A 52 -1.22 -7.55 -1.10
C ALA A 52 -1.76 -6.21 -1.61
N PHE A 53 -3.01 -6.21 -2.04
CA PHE A 53 -3.64 -4.98 -2.54
C PHE A 53 -4.84 -4.59 -1.69
N VAL A 54 -4.67 -3.52 -0.90
CA VAL A 54 -5.73 -3.05 -0.03
C VAL A 54 -6.20 -1.65 -0.45
N HIS A 55 -7.50 -1.40 -0.33
CA HIS A 55 -8.06 -0.10 -0.69
C HIS A 55 -8.65 0.60 0.53
N PHE A 56 -8.68 1.92 0.49
CA PHE A 56 -9.22 2.71 1.60
C PHE A 56 -10.30 3.67 1.10
N GLU A 57 -11.20 4.04 2.01
CA GLU A 57 -12.28 4.96 1.67
C GLU A 57 -11.74 6.25 1.07
N ASP A 58 -10.51 6.60 1.44
CA ASP A 58 -9.88 7.81 0.95
C ASP A 58 -8.35 7.71 1.06
N ARG A 59 -7.68 8.84 0.83
CA ARG A 59 -6.22 8.87 0.91
C ARG A 59 -5.76 8.95 2.35
N GLY A 60 -6.38 9.83 3.13
CA GLY A 60 -6.01 9.98 4.53
C GLY A 60 -6.01 8.66 5.27
N ALA A 61 -7.08 7.89 5.12
CA ALA A 61 -7.20 6.60 5.78
C ALA A 61 -6.04 5.68 5.41
N ALA A 62 -5.45 5.93 4.24
CA ALA A 62 -4.32 5.14 3.76
C ALA A 62 -3.01 5.65 4.32
N VAL A 63 -2.80 6.96 4.24
CA VAL A 63 -1.58 7.58 4.73
C VAL A 63 -1.46 7.41 6.25
N LYS A 64 -2.48 7.86 6.97
CA LYS A 64 -2.49 7.76 8.43
C LYS A 64 -2.24 6.32 8.87
N ALA A 65 -2.61 5.37 8.02
CA ALA A 65 -2.42 3.96 8.34
C ALA A 65 -0.99 3.52 8.06
N MET A 66 -0.58 3.64 6.80
CA MET A 66 0.77 3.26 6.40
C MET A 66 1.82 3.96 7.26
N ASP A 67 1.47 5.15 7.75
CA ASP A 67 2.37 5.93 8.59
C ASP A 67 2.88 5.09 9.76
N GLU A 68 1.96 4.41 10.45
CA GLU A 68 2.32 3.58 11.59
C GLU A 68 2.56 2.13 11.15
N MET A 69 1.68 1.64 10.28
CA MET A 69 1.81 0.27 9.78
C MET A 69 3.21 0.01 9.24
N ASN A 70 3.77 1.00 8.55
CA ASN A 70 5.10 0.87 7.98
C ASN A 70 6.12 0.50 9.06
N GLY A 71 6.62 -0.72 8.99
CA GLY A 71 7.60 -1.18 9.96
C GLY A 71 6.96 -1.89 11.14
N LYS A 72 5.98 -2.74 10.84
CA LYS A 72 5.28 -3.49 11.88
C LYS A 72 5.59 -4.97 11.79
N GLU A 73 5.17 -5.73 12.81
CA GLU A 73 5.41 -7.17 12.83
C GLU A 73 4.09 -7.94 12.87
N ILE A 74 3.70 -8.49 11.72
CA ILE A 74 2.46 -9.24 11.63
C ILE A 74 2.75 -10.74 11.51
N GLU A 75 2.12 -11.53 12.39
CA GLU A 75 2.30 -12.97 12.38
C GLU A 75 3.78 -13.33 12.53
N GLY A 76 4.50 -12.55 13.32
CA GLY A 76 5.92 -12.80 13.53
C GLY A 76 6.72 -12.72 12.25
N GLU A 77 6.17 -12.05 11.24
CA GLU A 77 6.83 -11.91 9.95
C GLU A 77 7.09 -10.44 9.63
N GLU A 78 8.32 -10.13 9.25
CA GLU A 78 8.70 -8.76 8.91
C GLU A 78 7.93 -8.27 7.69
N ILE A 79 6.95 -7.40 7.93
CA ILE A 79 6.13 -6.86 6.85
C ILE A 79 6.65 -5.49 6.41
N GLU A 80 6.45 -5.17 5.14
CA GLU A 80 6.89 -3.90 4.59
C GLU A 80 5.75 -3.18 3.88
N ILE A 81 5.87 -1.86 3.77
CA ILE A 81 4.84 -1.06 3.11
C ILE A 81 5.46 0.07 2.30
N VAL A 82 4.98 0.26 1.07
CA VAL A 82 5.49 1.31 0.21
C VAL A 82 4.37 1.92 -0.63
N LEU A 83 4.51 3.20 -0.96
CA LEU A 83 3.52 3.89 -1.76
C LEU A 83 3.47 3.35 -3.18
N ALA A 84 2.35 2.74 -3.54
CA ALA A 84 2.17 2.17 -4.88
C ALA A 84 1.97 3.27 -5.92
N LYS A 85 3.03 3.57 -6.66
CA LYS A 85 2.98 4.60 -7.69
C LYS A 85 2.68 3.98 -9.06
N PRO A 86 2.02 4.77 -9.93
CA PRO A 86 1.68 4.32 -11.29
C PRO A 86 2.90 4.17 -12.18
N PRO A 87 2.71 3.53 -13.35
CA PRO A 87 3.78 3.31 -14.31
C PRO A 87 4.24 4.59 -14.99
N ASP A 88 5.55 4.74 -15.16
CA ASP A 88 6.11 5.93 -15.79
C ASP A 88 7.53 5.67 -16.27
N LYS A 89 8.47 5.57 -15.33
CA LYS A 89 9.86 5.32 -15.66
C LYS A 89 10.44 6.46 -16.49
N LYS A 90 11.72 6.36 -16.81
CA LYS A 90 12.39 7.38 -17.60
C LYS A 90 12.45 6.98 -19.07
N ARG A 91 12.43 5.67 -19.31
CA ARG A 91 12.47 5.16 -20.69
C ARG A 91 13.77 5.56 -21.38
N SER A 92 13.92 5.15 -22.63
CA SER A 92 15.12 5.46 -23.39
C SER A 92 16.38 4.94 -22.68
N GLY A 93 17.53 5.19 -23.29
CA GLY A 93 18.78 4.74 -22.70
C GLY A 93 19.74 4.20 -23.74
N PRO A 94 21.02 4.04 -23.34
CA PRO A 94 22.06 3.52 -24.22
C PRO A 94 21.87 2.05 -24.55
N SER A 95 22.16 1.67 -25.80
CA SER A 95 22.01 0.29 -26.24
C SER A 95 23.36 -0.31 -26.59
N SER A 96 23.87 -1.17 -25.71
CA SER A 96 25.16 -1.82 -25.92
C SER A 96 25.29 -3.08 -25.07
N GLY A 97 24.16 -3.73 -24.83
CA GLY A 97 24.16 -4.95 -24.04
C GLY A 97 22.77 -5.35 -23.58
N GLY A 1 20.70 15.94 3.49
CA GLY A 1 19.74 15.95 2.39
C GLY A 1 19.83 17.22 1.56
N SER A 2 20.08 17.06 0.27
CA SER A 2 20.19 18.20 -0.64
C SER A 2 19.44 17.94 -1.94
N SER A 3 19.67 16.76 -2.52
CA SER A 3 19.02 16.38 -3.78
C SER A 3 18.35 15.03 -3.65
N GLY A 4 17.27 14.84 -4.40
CA GLY A 4 16.54 13.58 -4.37
C GLY A 4 15.32 13.58 -5.26
N SER A 5 14.15 13.72 -4.67
CA SER A 5 12.90 13.74 -5.42
C SER A 5 11.80 14.44 -4.64
N SER A 6 11.44 15.64 -5.08
CA SER A 6 10.40 16.41 -4.41
C SER A 6 9.17 16.57 -5.31
N GLY A 7 8.01 16.79 -4.70
CA GLY A 7 6.79 16.95 -5.46
C GLY A 7 5.70 17.64 -4.66
N ASP A 8 4.55 17.85 -5.29
CA ASP A 8 3.42 18.49 -4.64
C ASP A 8 2.63 17.50 -3.79
N PRO A 9 1.90 18.02 -2.80
CA PRO A 9 1.09 17.18 -1.90
C PRO A 9 -0.11 16.58 -2.60
N GLU A 10 -0.76 17.37 -3.46
CA GLU A 10 -1.92 16.89 -4.20
C GLU A 10 -1.60 15.63 -4.99
N VAL A 11 -0.41 15.59 -5.58
CA VAL A 11 0.02 14.44 -6.35
C VAL A 11 -0.02 13.17 -5.52
N MET A 12 0.45 13.28 -4.28
CA MET A 12 0.47 12.13 -3.38
C MET A 12 -0.92 11.88 -2.78
N ALA A 13 -1.70 12.94 -2.64
CA ALA A 13 -3.04 12.85 -2.08
C ALA A 13 -3.92 11.93 -2.93
N LYS A 14 -3.62 11.88 -4.23
CA LYS A 14 -4.39 11.05 -5.16
C LYS A 14 -4.20 9.57 -4.83
N VAL A 15 -2.99 9.21 -4.40
CA VAL A 15 -2.69 7.82 -4.06
C VAL A 15 -3.55 7.34 -2.90
N LYS A 16 -4.16 6.18 -3.06
CA LYS A 16 -5.02 5.59 -2.04
C LYS A 16 -4.84 4.08 -1.97
N VAL A 17 -3.67 3.61 -2.38
CA VAL A 17 -3.37 2.18 -2.36
C VAL A 17 -1.99 1.91 -1.75
N LEU A 18 -1.97 1.20 -0.63
CA LEU A 18 -0.73 0.88 0.04
C LEU A 18 -0.20 -0.47 -0.42
N PHE A 19 1.03 -0.48 -0.93
CA PHE A 19 1.66 -1.70 -1.40
C PHE A 19 2.39 -2.42 -0.26
N VAL A 20 1.72 -3.42 0.31
CA VAL A 20 2.31 -4.18 1.41
C VAL A 20 3.11 -5.37 0.88
N ARG A 21 4.41 -5.38 1.18
CA ARG A 21 5.29 -6.45 0.74
C ARG A 21 5.66 -7.36 1.92
N ASN A 22 6.28 -8.49 1.59
CA ASN A 22 6.70 -9.45 2.62
C ASN A 22 5.52 -9.82 3.52
N LEU A 23 4.61 -10.62 2.99
CA LEU A 23 3.44 -11.04 3.75
C LEU A 23 3.64 -12.46 4.31
N ALA A 24 2.66 -12.94 5.06
CA ALA A 24 2.72 -14.27 5.64
C ALA A 24 1.73 -15.22 4.97
N THR A 25 2.09 -16.49 4.90
CA THR A 25 1.25 -17.49 4.28
C THR A 25 0.22 -18.04 5.28
N THR A 26 0.56 -17.96 6.56
CA THR A 26 -0.32 -18.45 7.61
C THR A 26 -1.52 -17.53 7.81
N VAL A 27 -1.31 -16.24 7.53
CA VAL A 27 -2.37 -15.25 7.67
C VAL A 27 -3.39 -15.37 6.54
N THR A 28 -4.57 -14.79 6.74
CA THR A 28 -5.62 -14.83 5.74
C THR A 28 -6.18 -13.43 5.46
N GLU A 29 -6.89 -13.30 4.36
CA GLU A 29 -7.47 -12.00 3.98
C GLU A 29 -8.29 -11.43 5.14
N GLU A 30 -8.85 -12.31 5.95
CA GLU A 30 -9.67 -11.89 7.09
C GLU A 30 -8.82 -11.14 8.11
N ILE A 31 -7.62 -11.66 8.38
CA ILE A 31 -6.71 -11.04 9.34
C ILE A 31 -6.16 -9.73 8.80
N LEU A 32 -5.59 -9.77 7.60
CA LEU A 32 -5.02 -8.58 6.98
C LEU A 32 -6.05 -7.46 6.91
N GLU A 33 -7.32 -7.84 6.79
CA GLU A 33 -8.41 -6.86 6.73
C GLU A 33 -8.70 -6.27 8.09
N LYS A 34 -8.44 -7.06 9.13
CA LYS A 34 -8.68 -6.61 10.51
C LYS A 34 -7.51 -5.78 11.01
N SER A 35 -6.33 -6.02 10.45
CA SER A 35 -5.13 -5.29 10.85
C SER A 35 -5.25 -3.80 10.50
N PHE A 36 -5.51 -3.53 9.22
CA PHE A 36 -5.65 -2.17 8.75
C PHE A 36 -6.97 -1.56 9.22
N SER A 37 -7.98 -2.41 9.40
CA SER A 37 -9.29 -1.95 9.85
C SER A 37 -9.18 -1.17 11.15
N GLU A 38 -8.15 -1.45 11.93
CA GLU A 38 -7.93 -0.77 13.19
C GLU A 38 -7.67 0.72 12.98
N PHE A 39 -7.08 1.05 11.82
CA PHE A 39 -6.77 2.44 11.50
C PHE A 39 -7.98 3.12 10.86
N GLY A 40 -8.55 2.48 9.84
CA GLY A 40 -9.70 3.03 9.16
C GLY A 40 -10.48 2.00 8.38
N LYS A 41 -11.77 2.26 8.16
CA LYS A 41 -12.62 1.33 7.44
C LYS A 41 -12.05 1.02 6.06
N LEU A 42 -11.49 -0.18 5.93
CA LEU A 42 -10.90 -0.60 4.66
C LEU A 42 -11.94 -0.62 3.55
N GLU A 43 -11.50 -0.88 2.32
CA GLU A 43 -12.40 -0.92 1.18
C GLU A 43 -12.43 -2.31 0.56
N ARG A 44 -11.24 -2.89 0.36
CA ARG A 44 -11.13 -4.23 -0.23
C ARG A 44 -9.69 -4.69 -0.25
N VAL A 45 -9.47 -5.94 0.14
CA VAL A 45 -8.13 -6.51 0.17
C VAL A 45 -8.03 -7.74 -0.72
N LYS A 46 -6.86 -7.95 -1.31
CA LYS A 46 -6.64 -9.09 -2.19
C LYS A 46 -5.22 -9.64 -2.03
N LYS A 47 -5.11 -10.96 -1.99
CA LYS A 47 -3.81 -11.60 -1.83
C LYS A 47 -3.17 -11.88 -3.19
N LEU A 48 -2.24 -11.03 -3.59
CA LEU A 48 -1.55 -11.18 -4.87
C LEU A 48 -0.03 -11.23 -4.68
N LYS A 49 0.55 -12.40 -4.90
CA LYS A 49 1.99 -12.58 -4.76
C LYS A 49 2.42 -12.37 -3.31
N ASP A 50 3.72 -12.16 -3.12
CA ASP A 50 4.26 -11.93 -1.78
C ASP A 50 3.66 -10.67 -1.16
N TYR A 51 3.06 -9.84 -1.99
CA TYR A 51 2.45 -8.59 -1.54
C TYR A 51 0.93 -8.71 -1.53
N ALA A 52 0.27 -7.59 -1.24
CA ALA A 52 -1.19 -7.56 -1.20
C ALA A 52 -1.72 -6.21 -1.69
N PHE A 53 -2.99 -6.19 -2.10
CA PHE A 53 -3.61 -4.96 -2.59
C PHE A 53 -4.80 -4.58 -1.72
N VAL A 54 -4.64 -3.54 -0.92
CA VAL A 54 -5.71 -3.07 -0.05
C VAL A 54 -6.16 -1.67 -0.44
N HIS A 55 -7.47 -1.44 -0.35
CA HIS A 55 -8.05 -0.14 -0.70
C HIS A 55 -8.60 0.56 0.54
N PHE A 56 -8.63 1.89 0.50
CA PHE A 56 -9.14 2.67 1.62
C PHE A 56 -10.22 3.64 1.16
N GLU A 57 -11.09 4.02 2.08
CA GLU A 57 -12.18 4.94 1.77
C GLU A 57 -11.65 6.23 1.16
N ASP A 58 -10.41 6.57 1.50
CA ASP A 58 -9.78 7.78 0.99
C ASP A 58 -8.26 7.72 1.18
N ARG A 59 -7.60 8.85 0.93
CA ARG A 59 -6.15 8.91 1.07
C ARG A 59 -5.75 9.15 2.52
N GLY A 60 -6.61 9.85 3.26
CA GLY A 60 -6.33 10.13 4.65
C GLY A 60 -6.28 8.87 5.50
N ALA A 61 -7.01 7.85 5.08
CA ALA A 61 -7.05 6.58 5.80
C ALA A 61 -5.86 5.70 5.42
N ALA A 62 -5.33 5.91 4.22
CA ALA A 62 -4.20 5.14 3.74
C ALA A 62 -2.88 5.70 4.28
N VAL A 63 -2.74 7.03 4.21
CA VAL A 63 -1.53 7.68 4.69
C VAL A 63 -1.37 7.52 6.20
N LYS A 64 -2.38 7.96 6.94
CA LYS A 64 -2.37 7.86 8.41
C LYS A 64 -2.11 6.43 8.85
N ALA A 65 -2.56 5.48 8.03
CA ALA A 65 -2.38 4.06 8.35
C ALA A 65 -0.96 3.60 8.03
N MET A 66 -0.57 3.72 6.76
CA MET A 66 0.76 3.33 6.32
C MET A 66 1.83 4.04 7.13
N ASP A 67 1.49 5.22 7.65
CA ASP A 67 2.42 6.01 8.44
C ASP A 67 2.99 5.19 9.60
N GLU A 68 2.10 4.54 10.35
CA GLU A 68 2.51 3.71 11.48
C GLU A 68 2.72 2.26 11.05
N MET A 69 1.79 1.75 10.25
CA MET A 69 1.87 0.38 9.77
C MET A 69 3.23 0.09 9.14
N ASN A 70 3.83 1.13 8.57
CA ASN A 70 5.14 0.99 7.93
C ASN A 70 6.18 0.49 8.92
N GLY A 71 6.56 -0.78 8.79
CA GLY A 71 7.54 -1.36 9.68
C GLY A 71 6.91 -2.04 10.88
N LYS A 72 5.87 -2.85 10.63
CA LYS A 72 5.18 -3.56 11.69
C LYS A 72 5.50 -5.05 11.65
N GLU A 73 5.09 -5.77 12.69
CA GLU A 73 5.32 -7.20 12.78
C GLU A 73 4.00 -7.97 12.82
N ILE A 74 3.61 -8.52 11.67
CA ILE A 74 2.37 -9.28 11.59
C ILE A 74 2.65 -10.78 11.49
N GLU A 75 2.18 -11.53 12.49
CA GLU A 75 2.38 -12.97 12.52
C GLU A 75 3.87 -13.31 12.57
N GLY A 76 4.62 -12.51 13.30
CA GLY A 76 6.05 -12.74 13.43
C GLY A 76 6.77 -12.62 12.10
N GLU A 77 6.16 -11.92 11.15
CA GLU A 77 6.75 -11.73 9.83
C GLU A 77 6.97 -10.24 9.54
N GLU A 78 8.19 -9.90 9.17
CA GLU A 78 8.54 -8.51 8.86
C GLU A 78 7.81 -8.04 7.60
N ILE A 79 6.69 -7.34 7.81
CA ILE A 79 5.90 -6.83 6.69
C ILE A 79 6.36 -5.43 6.30
N GLU A 80 6.45 -5.20 4.98
CA GLU A 80 6.88 -3.91 4.47
C GLU A 80 5.71 -3.16 3.85
N ILE A 81 5.83 -1.84 3.75
CA ILE A 81 4.79 -1.00 3.18
C ILE A 81 5.38 0.14 2.36
N VAL A 82 4.91 0.29 1.13
CA VAL A 82 5.39 1.35 0.25
C VAL A 82 4.26 1.91 -0.60
N LEU A 83 4.31 3.21 -0.88
CA LEU A 83 3.29 3.87 -1.69
C LEU A 83 3.31 3.35 -3.12
N ALA A 84 2.16 2.91 -3.60
CA ALA A 84 2.05 2.40 -4.97
C ALA A 84 1.64 3.50 -5.94
N LYS A 85 2.28 3.52 -7.09
CA LYS A 85 1.99 4.52 -8.12
C LYS A 85 1.43 3.87 -9.37
N PRO A 86 0.60 4.61 -10.11
CA PRO A 86 -0.02 4.13 -11.35
C PRO A 86 1.00 3.98 -12.48
N PRO A 87 0.57 3.30 -13.56
CA PRO A 87 1.43 3.07 -14.73
C PRO A 87 1.70 4.35 -15.51
N ASP A 88 2.93 4.48 -16.02
CA ASP A 88 3.32 5.66 -16.78
C ASP A 88 3.45 5.32 -18.28
N LYS A 89 3.22 6.30 -19.12
CA LYS A 89 3.32 6.12 -20.56
C LYS A 89 4.53 6.84 -21.13
N LYS A 90 4.68 8.11 -20.76
CA LYS A 90 5.80 8.92 -21.22
C LYS A 90 5.79 9.03 -22.75
N ARG A 91 6.79 9.71 -23.29
CA ARG A 91 6.90 9.89 -24.74
C ARG A 91 7.33 8.59 -25.41
N SER A 92 7.18 8.53 -26.73
CA SER A 92 7.54 7.35 -27.50
C SER A 92 8.46 7.70 -28.65
N GLY A 93 9.63 7.07 -28.69
CA GLY A 93 10.58 7.34 -29.75
C GLY A 93 12.02 7.09 -29.33
N PRO A 94 12.38 5.80 -29.21
CA PRO A 94 13.73 5.40 -28.80
C PRO A 94 14.78 5.70 -29.87
N SER A 95 16.03 5.39 -29.58
CA SER A 95 17.12 5.63 -30.51
C SER A 95 17.64 4.33 -31.10
N SER A 96 18.58 4.44 -32.03
CA SER A 96 19.16 3.26 -32.68
C SER A 96 18.08 2.49 -33.44
N GLY A 97 18.51 1.45 -34.16
CA GLY A 97 17.58 0.65 -34.92
C GLY A 97 18.22 -0.60 -35.49
N GLY A 1 9.08 16.12 2.15
CA GLY A 1 8.47 15.79 3.42
C GLY A 1 9.33 14.86 4.26
N SER A 2 10.23 14.14 3.60
CA SER A 2 11.11 13.20 4.28
C SER A 2 12.56 13.69 4.26
N SER A 3 13.13 13.75 3.05
CA SER A 3 14.51 14.20 2.89
C SER A 3 14.83 14.44 1.42
N GLY A 4 14.81 13.36 0.63
CA GLY A 4 15.11 13.47 -0.78
C GLY A 4 13.85 13.45 -1.64
N SER A 5 14.03 13.46 -2.95
CA SER A 5 12.91 13.45 -3.88
C SER A 5 11.90 14.55 -3.54
N SER A 6 12.16 15.74 -4.06
CA SER A 6 11.28 16.88 -3.81
C SER A 6 9.98 16.75 -4.59
N GLY A 7 8.90 17.25 -4.02
CA GLY A 7 7.60 17.19 -4.68
C GLY A 7 6.53 17.97 -3.95
N ASP A 8 5.28 17.68 -4.27
CA ASP A 8 4.16 18.38 -3.63
C ASP A 8 3.22 17.38 -2.96
N PRO A 9 2.44 17.87 -1.97
CA PRO A 9 1.49 17.04 -1.24
C PRO A 9 0.30 16.61 -2.09
N GLU A 10 -0.10 17.49 -3.01
CA GLU A 10 -1.23 17.20 -3.88
C GLU A 10 -0.91 16.03 -4.82
N VAL A 11 0.37 15.84 -5.10
CA VAL A 11 0.81 14.75 -5.97
C VAL A 11 0.65 13.40 -5.28
N MET A 12 0.92 13.37 -3.99
CA MET A 12 0.80 12.13 -3.21
C MET A 12 -0.63 11.93 -2.75
N ALA A 13 -1.36 13.02 -2.54
CA ALA A 13 -2.74 12.95 -2.09
C ALA A 13 -3.58 12.09 -3.03
N LYS A 14 -3.15 12.01 -4.29
CA LYS A 14 -3.85 11.23 -5.30
C LYS A 14 -3.72 9.73 -5.01
N VAL A 15 -2.58 9.34 -4.45
CA VAL A 15 -2.34 7.94 -4.13
C VAL A 15 -3.26 7.46 -3.01
N LYS A 16 -4.06 6.44 -3.30
CA LYS A 16 -4.98 5.90 -2.31
C LYS A 16 -4.83 4.38 -2.20
N VAL A 17 -3.65 3.89 -2.53
CA VAL A 17 -3.37 2.45 -2.47
C VAL A 17 -2.02 2.18 -1.84
N LEU A 18 -2.02 1.36 -0.79
CA LEU A 18 -0.79 1.02 -0.09
C LEU A 18 -0.27 -0.34 -0.54
N PHE A 19 0.98 -0.37 -1.00
CA PHE A 19 1.61 -1.60 -1.46
C PHE A 19 2.33 -2.31 -0.32
N VAL A 20 1.69 -3.32 0.25
CA VAL A 20 2.27 -4.07 1.36
C VAL A 20 3.02 -5.30 0.84
N ARG A 21 4.34 -5.27 0.94
CA ARG A 21 5.17 -6.38 0.48
C ARG A 21 5.64 -7.23 1.67
N ASN A 22 6.15 -8.41 1.37
CA ASN A 22 6.64 -9.32 2.40
C ASN A 22 5.54 -9.64 3.41
N LEU A 23 4.61 -10.50 3.01
CA LEU A 23 3.51 -10.89 3.88
C LEU A 23 3.71 -12.30 4.43
N ALA A 24 2.81 -12.72 5.29
CA ALA A 24 2.88 -14.05 5.89
C ALA A 24 1.98 -15.05 5.14
N THR A 25 2.41 -16.30 5.08
CA THR A 25 1.65 -17.34 4.40
C THR A 25 0.60 -17.95 5.33
N THR A 26 0.85 -17.87 6.63
CA THR A 26 -0.07 -18.42 7.61
C THR A 26 -1.27 -17.51 7.80
N VAL A 27 -1.08 -16.22 7.54
CA VAL A 27 -2.16 -15.25 7.67
C VAL A 27 -3.14 -15.35 6.52
N THR A 28 -4.34 -14.79 6.71
CA THR A 28 -5.38 -14.82 5.69
C THR A 28 -5.94 -13.42 5.44
N GLU A 29 -6.68 -13.27 4.34
CA GLU A 29 -7.28 -11.98 4.00
C GLU A 29 -8.07 -11.42 5.17
N GLU A 30 -8.61 -12.30 6.00
CA GLU A 30 -9.39 -11.89 7.16
C GLU A 30 -8.52 -11.12 8.15
N ILE A 31 -7.37 -11.69 8.48
CA ILE A 31 -6.46 -11.06 9.43
C ILE A 31 -5.92 -9.74 8.87
N LEU A 32 -5.34 -9.80 7.67
CA LEU A 32 -4.79 -8.62 7.03
C LEU A 32 -5.83 -7.50 6.95
N GLU A 33 -7.11 -7.90 6.89
CA GLU A 33 -8.20 -6.93 6.82
C GLU A 33 -8.37 -6.19 8.14
N LYS A 34 -8.70 -6.92 9.19
CA LYS A 34 -8.89 -6.34 10.52
C LYS A 34 -7.66 -5.52 10.92
N SER A 35 -6.50 -5.91 10.41
CA SER A 35 -5.26 -5.22 10.72
C SER A 35 -5.36 -3.74 10.36
N PHE A 36 -5.86 -3.46 9.16
CA PHE A 36 -6.01 -2.09 8.70
C PHE A 36 -7.38 -1.53 9.08
N SER A 37 -8.37 -2.42 9.20
CA SER A 37 -9.72 -2.01 9.55
C SER A 37 -9.72 -1.21 10.86
N GLU A 38 -8.73 -1.47 11.71
CA GLU A 38 -8.62 -0.78 12.98
C GLU A 38 -8.28 0.69 12.78
N PHE A 39 -7.63 1.00 11.66
CA PHE A 39 -7.25 2.37 11.35
C PHE A 39 -8.42 3.14 10.74
N GLY A 40 -9.03 2.55 9.71
CA GLY A 40 -10.16 3.19 9.05
C GLY A 40 -10.98 2.22 8.23
N LYS A 41 -12.09 2.71 7.69
CA LYS A 41 -12.97 1.87 6.87
C LYS A 41 -12.29 1.49 5.57
N LEU A 42 -11.82 0.25 5.48
CA LEU A 42 -11.16 -0.25 4.29
C LEU A 42 -12.14 -0.34 3.12
N GLU A 43 -11.60 -0.60 1.93
CA GLU A 43 -12.43 -0.73 0.73
C GLU A 43 -12.47 -2.18 0.25
N ARG A 44 -11.30 -2.79 0.16
CA ARG A 44 -11.21 -4.18 -0.29
C ARG A 44 -9.75 -4.65 -0.29
N VAL A 45 -9.55 -5.90 0.11
CA VAL A 45 -8.21 -6.48 0.16
C VAL A 45 -8.12 -7.71 -0.72
N LYS A 46 -6.92 -7.95 -1.26
CA LYS A 46 -6.69 -9.11 -2.11
C LYS A 46 -5.28 -9.66 -1.93
N LYS A 47 -5.17 -10.97 -1.84
CA LYS A 47 -3.87 -11.63 -1.67
C LYS A 47 -3.23 -11.93 -3.01
N LEU A 48 -2.27 -11.09 -3.40
CA LEU A 48 -1.57 -11.26 -4.67
C LEU A 48 -0.07 -11.32 -4.46
N LYS A 49 0.51 -12.50 -4.66
CA LYS A 49 1.95 -12.69 -4.50
C LYS A 49 2.37 -12.45 -3.05
N ASP A 50 3.67 -12.25 -2.84
CA ASP A 50 4.19 -12.00 -1.50
C ASP A 50 3.59 -10.72 -0.91
N TYR A 51 3.00 -9.90 -1.77
CA TYR A 51 2.39 -8.65 -1.33
C TYR A 51 0.87 -8.75 -1.34
N ALA A 52 0.21 -7.63 -1.07
CA ALA A 52 -1.25 -7.59 -1.06
C ALA A 52 -1.77 -6.24 -1.57
N PHE A 53 -3.02 -6.22 -2.01
CA PHE A 53 -3.63 -5.00 -2.52
C PHE A 53 -4.83 -4.61 -1.69
N VAL A 54 -4.68 -3.55 -0.89
CA VAL A 54 -5.76 -3.06 -0.04
C VAL A 54 -6.17 -1.64 -0.42
N HIS A 55 -7.47 -1.40 -0.42
CA HIS A 55 -8.00 -0.07 -0.77
C HIS A 55 -8.56 0.62 0.46
N PHE A 56 -8.59 1.95 0.42
CA PHE A 56 -9.11 2.74 1.53
C PHE A 56 -10.17 3.73 1.06
N GLU A 57 -11.06 4.12 1.96
CA GLU A 57 -12.12 5.05 1.64
C GLU A 57 -11.56 6.35 1.06
N ASP A 58 -10.32 6.66 1.43
CA ASP A 58 -9.66 7.87 0.95
C ASP A 58 -8.15 7.77 1.12
N ARG A 59 -7.45 8.84 0.76
CA ARG A 59 -5.99 8.87 0.88
C ARG A 59 -5.57 8.96 2.34
N GLY A 60 -6.24 9.82 3.10
CA GLY A 60 -5.91 9.97 4.50
C GLY A 60 -5.90 8.67 5.25
N ALA A 61 -7.01 7.92 5.16
CA ALA A 61 -7.12 6.64 5.84
C ALA A 61 -5.95 5.73 5.50
N ALA A 62 -5.39 5.92 4.30
CA ALA A 62 -4.26 5.11 3.85
C ALA A 62 -2.95 5.66 4.40
N VAL A 63 -2.82 6.98 4.42
CA VAL A 63 -1.61 7.63 4.91
C VAL A 63 -1.46 7.42 6.41
N LYS A 64 -2.49 7.81 7.16
CA LYS A 64 -2.47 7.67 8.61
C LYS A 64 -2.21 6.23 9.02
N ALA A 65 -2.57 5.29 8.14
CA ALA A 65 -2.36 3.88 8.40
C ALA A 65 -0.94 3.45 8.09
N MET A 66 -0.55 3.60 6.82
CA MET A 66 0.80 3.23 6.39
C MET A 66 1.86 3.96 7.22
N ASP A 67 1.48 5.11 7.76
CA ASP A 67 2.40 5.91 8.57
C ASP A 67 2.87 5.12 9.77
N GLU A 68 1.95 4.41 10.42
CA GLU A 68 2.28 3.62 11.59
C GLU A 68 2.61 2.17 11.20
N MET A 69 1.79 1.60 10.34
CA MET A 69 1.99 0.23 9.88
C MET A 69 3.40 0.04 9.34
N ASN A 70 3.92 1.07 8.67
CA ASN A 70 5.26 1.01 8.12
C ASN A 70 6.27 0.59 9.17
N GLY A 71 6.71 -0.66 9.11
CA GLY A 71 7.67 -1.17 10.07
C GLY A 71 7.02 -1.93 11.21
N LYS A 72 5.93 -2.64 10.89
CA LYS A 72 5.22 -3.42 11.89
C LYS A 72 5.57 -4.89 11.79
N GLU A 73 5.15 -5.67 12.79
CA GLU A 73 5.41 -7.10 12.80
C GLU A 73 4.11 -7.90 12.80
N ILE A 74 3.71 -8.39 11.64
CA ILE A 74 2.49 -9.16 11.50
C ILE A 74 2.78 -10.66 11.52
N GLU A 75 2.27 -11.35 12.53
CA GLU A 75 2.47 -12.79 12.66
C GLU A 75 3.96 -13.12 12.79
N GLY A 76 4.71 -12.18 13.37
CA GLY A 76 6.14 -12.38 13.54
C GLY A 76 6.90 -12.34 12.24
N GLU A 77 6.33 -11.65 11.24
CA GLU A 77 6.96 -11.54 9.93
C GLU A 77 7.17 -10.07 9.55
N GLU A 78 8.40 -9.72 9.22
CA GLU A 78 8.73 -8.35 8.84
C GLU A 78 7.96 -7.94 7.60
N ILE A 79 6.93 -7.12 7.79
CA ILE A 79 6.11 -6.65 6.68
C ILE A 79 6.59 -5.29 6.17
N GLU A 80 6.58 -5.12 4.86
CA GLU A 80 7.03 -3.87 4.24
C GLU A 80 5.84 -3.12 3.65
N ILE A 81 5.98 -1.80 3.56
CA ILE A 81 4.92 -0.95 3.00
C ILE A 81 5.50 0.18 2.17
N VAL A 82 5.04 0.30 0.93
CA VAL A 82 5.51 1.34 0.03
C VAL A 82 4.36 1.95 -0.76
N LEU A 83 4.42 3.26 -0.98
CA LEU A 83 3.39 3.96 -1.73
C LEU A 83 3.31 3.46 -3.17
N ALA A 84 2.15 2.94 -3.56
CA ALA A 84 1.95 2.43 -4.90
C ALA A 84 1.52 3.54 -5.85
N LYS A 85 2.28 3.73 -6.92
CA LYS A 85 1.97 4.76 -7.91
C LYS A 85 1.33 4.15 -9.15
N PRO A 86 0.49 4.94 -9.83
CA PRO A 86 -0.20 4.50 -11.05
C PRO A 86 0.75 4.34 -12.23
N PRO A 87 0.27 3.70 -13.30
CA PRO A 87 1.05 3.46 -14.52
C PRO A 87 1.33 4.75 -15.29
N ASP A 88 2.34 4.70 -16.15
CA ASP A 88 2.71 5.87 -16.96
C ASP A 88 3.24 5.45 -18.32
N LYS A 89 2.50 4.56 -18.98
CA LYS A 89 2.89 4.08 -20.30
C LYS A 89 4.31 3.51 -20.27
N LYS A 90 4.46 2.33 -19.68
CA LYS A 90 5.77 1.70 -19.59
C LYS A 90 6.30 1.32 -20.98
N ARG A 91 7.58 0.96 -21.05
CA ARG A 91 8.19 0.58 -22.31
C ARG A 91 7.84 -0.85 -22.68
N SER A 92 6.71 -1.01 -23.37
CA SER A 92 6.25 -2.34 -23.78
C SER A 92 5.87 -2.33 -25.26
N GLY A 93 6.13 -3.44 -25.94
CA GLY A 93 5.79 -3.54 -27.35
C GLY A 93 5.57 -4.98 -27.79
N PRO A 94 4.44 -5.57 -27.35
CA PRO A 94 4.09 -6.95 -27.68
C PRO A 94 3.72 -7.10 -29.16
N SER A 95 3.24 -8.30 -29.51
CA SER A 95 2.85 -8.58 -30.89
C SER A 95 1.39 -8.21 -31.13
N SER A 96 1.15 -6.96 -31.50
CA SER A 96 -0.20 -6.48 -31.76
C SER A 96 -1.08 -6.62 -30.51
N GLY A 97 -2.33 -6.22 -30.63
CA GLY A 97 -3.25 -6.29 -29.50
C GLY A 97 -2.99 -5.22 -28.47
N GLY A 1 14.97 26.45 3.83
CA GLY A 1 14.72 25.06 3.54
C GLY A 1 13.51 24.86 2.66
N SER A 2 13.07 23.60 2.52
CA SER A 2 11.91 23.28 1.69
C SER A 2 12.10 23.82 0.28
N SER A 3 12.89 23.10 -0.51
CA SER A 3 13.15 23.51 -1.89
C SER A 3 12.53 22.52 -2.87
N GLY A 4 11.41 22.91 -3.47
CA GLY A 4 10.74 22.05 -4.42
C GLY A 4 11.52 21.87 -5.70
N SER A 5 11.27 20.77 -6.41
CA SER A 5 11.97 20.48 -7.66
C SER A 5 11.26 19.38 -8.43
N SER A 6 11.16 18.20 -7.80
CA SER A 6 10.52 17.06 -8.43
C SER A 6 10.47 15.87 -7.48
N GLY A 7 9.32 15.19 -7.45
CA GLY A 7 9.16 14.05 -6.56
C GLY A 7 8.90 14.45 -5.13
N ASP A 8 7.68 14.89 -4.85
CA ASP A 8 7.31 15.31 -3.50
C ASP A 8 6.55 14.19 -2.78
N PRO A 9 6.57 14.25 -1.44
CA PRO A 9 5.90 13.25 -0.60
C PRO A 9 4.37 13.36 -0.68
N GLU A 10 3.88 14.59 -0.78
CA GLU A 10 2.45 14.82 -0.87
C GLU A 10 1.86 14.12 -2.09
N VAL A 11 2.63 14.07 -3.17
CA VAL A 11 2.18 13.43 -4.40
C VAL A 11 2.08 11.92 -4.23
N MET A 12 3.21 11.29 -3.93
CA MET A 12 3.25 9.84 -3.73
C MET A 12 2.27 9.41 -2.65
N ALA A 13 1.99 10.32 -1.72
CA ALA A 13 1.07 10.04 -0.62
C ALA A 13 -0.37 10.25 -1.05
N LYS A 14 -0.57 11.13 -2.04
CA LYS A 14 -1.91 11.43 -2.54
C LYS A 14 -2.62 10.16 -2.97
N VAL A 15 -1.85 9.18 -3.44
CA VAL A 15 -2.41 7.91 -3.89
C VAL A 15 -3.30 7.29 -2.81
N LYS A 16 -4.31 6.55 -3.24
CA LYS A 16 -5.24 5.90 -2.33
C LYS A 16 -5.01 4.40 -2.29
N VAL A 17 -3.78 3.98 -2.59
CA VAL A 17 -3.42 2.56 -2.60
C VAL A 17 -2.05 2.34 -1.99
N LEU A 18 -1.94 1.35 -1.11
CA LEU A 18 -0.68 1.04 -0.46
C LEU A 18 -0.18 -0.34 -0.89
N PHE A 19 1.12 -0.42 -1.19
CA PHE A 19 1.73 -1.68 -1.61
C PHE A 19 2.43 -2.36 -0.44
N VAL A 20 1.78 -3.38 0.11
CA VAL A 20 2.34 -4.12 1.24
C VAL A 20 3.02 -5.39 0.77
N ARG A 21 4.35 -5.43 0.86
CA ARG A 21 5.12 -6.59 0.44
C ARG A 21 5.59 -7.39 1.65
N ASN A 22 6.15 -8.57 1.40
CA ASN A 22 6.63 -9.44 2.47
C ASN A 22 5.51 -9.77 3.45
N LEU A 23 4.59 -10.61 3.01
CA LEU A 23 3.46 -11.01 3.84
C LEU A 23 3.64 -12.45 4.34
N ALA A 24 2.71 -12.89 5.18
CA ALA A 24 2.76 -14.24 5.73
C ALA A 24 1.87 -15.20 4.94
N THR A 25 2.27 -16.46 4.85
CA THR A 25 1.51 -17.46 4.13
C THR A 25 0.44 -18.08 5.01
N THR A 26 0.68 -18.06 6.33
CA THR A 26 -0.26 -18.62 7.28
C THR A 26 -1.44 -17.69 7.52
N VAL A 27 -1.19 -16.39 7.38
CA VAL A 27 -2.24 -15.39 7.58
C VAL A 27 -3.29 -15.47 6.48
N THR A 28 -4.46 -14.89 6.74
CA THR A 28 -5.55 -14.90 5.76
C THR A 28 -6.03 -13.49 5.47
N GLU A 29 -6.82 -13.34 4.41
CA GLU A 29 -7.35 -12.04 4.02
C GLU A 29 -8.10 -11.39 5.17
N GLU A 30 -8.67 -12.22 6.05
CA GLU A 30 -9.42 -11.72 7.20
C GLU A 30 -8.51 -10.96 8.16
N ILE A 31 -7.46 -11.63 8.63
CA ILE A 31 -6.52 -11.02 9.55
C ILE A 31 -5.98 -9.70 8.99
N LEU A 32 -5.52 -9.74 7.75
CA LEU A 32 -4.99 -8.54 7.09
C LEU A 32 -6.03 -7.43 7.05
N GLU A 33 -7.29 -7.81 6.84
CA GLU A 33 -8.38 -6.85 6.78
C GLU A 33 -8.63 -6.22 8.15
N LYS A 34 -8.28 -6.96 9.20
CA LYS A 34 -8.47 -6.48 10.56
C LYS A 34 -7.26 -5.67 11.03
N SER A 35 -6.11 -5.94 10.44
CA SER A 35 -4.88 -5.25 10.79
C SER A 35 -4.96 -3.77 10.40
N PHE A 36 -5.61 -3.50 9.27
CA PHE A 36 -5.77 -2.14 8.79
C PHE A 36 -7.09 -1.54 9.25
N SER A 37 -8.09 -2.39 9.44
CA SER A 37 -9.40 -1.94 9.88
C SER A 37 -9.30 -1.15 11.18
N GLU A 38 -8.26 -1.42 11.95
CA GLU A 38 -8.04 -0.73 13.22
C GLU A 38 -7.78 0.76 12.99
N PHE A 39 -7.25 1.08 11.81
CA PHE A 39 -6.94 2.46 11.47
C PHE A 39 -8.15 3.15 10.83
N GLY A 40 -8.73 2.50 9.83
CA GLY A 40 -9.89 3.05 9.15
C GLY A 40 -10.61 2.03 8.30
N LYS A 41 -11.90 2.26 8.07
CA LYS A 41 -12.71 1.35 7.28
C LYS A 41 -12.05 1.06 5.93
N LEU A 42 -11.63 -0.18 5.74
CA LEU A 42 -10.98 -0.58 4.50
C LEU A 42 -11.99 -0.63 3.35
N GLU A 43 -11.47 -0.68 2.12
CA GLU A 43 -12.32 -0.73 0.94
C GLU A 43 -12.38 -2.14 0.37
N ARG A 44 -11.21 -2.74 0.18
CA ARG A 44 -11.13 -4.10 -0.37
C ARG A 44 -9.69 -4.60 -0.35
N VAL A 45 -9.50 -5.84 0.09
CA VAL A 45 -8.17 -6.44 0.14
C VAL A 45 -8.08 -7.67 -0.75
N LYS A 46 -6.90 -7.91 -1.30
CA LYS A 46 -6.68 -9.05 -2.19
C LYS A 46 -5.27 -9.61 -2.01
N LYS A 47 -5.17 -10.94 -1.94
CA LYS A 47 -3.89 -11.60 -1.77
C LYS A 47 -3.24 -11.89 -3.12
N LEU A 48 -2.28 -11.05 -3.51
CA LEU A 48 -1.59 -11.22 -4.77
C LEU A 48 -0.08 -11.30 -4.56
N LYS A 49 0.49 -12.47 -4.78
CA LYS A 49 1.93 -12.67 -4.62
C LYS A 49 2.35 -12.45 -3.17
N ASP A 50 3.65 -12.27 -2.96
CA ASP A 50 4.18 -12.05 -1.62
C ASP A 50 3.59 -10.77 -1.01
N TYR A 51 3.00 -9.93 -1.85
CA TYR A 51 2.41 -8.69 -1.39
C TYR A 51 0.89 -8.77 -1.41
N ALA A 52 0.24 -7.65 -1.12
CA ALA A 52 -1.22 -7.59 -1.10
C ALA A 52 -1.73 -6.24 -1.60
N PHE A 53 -2.98 -6.20 -2.03
CA PHE A 53 -3.58 -4.97 -2.53
C PHE A 53 -4.79 -4.58 -1.68
N VAL A 54 -4.62 -3.53 -0.87
CA VAL A 54 -5.70 -3.05 -0.01
C VAL A 54 -6.09 -1.63 -0.37
N HIS A 55 -7.40 -1.38 -0.42
CA HIS A 55 -7.91 -0.05 -0.74
C HIS A 55 -8.49 0.63 0.49
N PHE A 56 -8.56 1.96 0.46
CA PHE A 56 -9.09 2.73 1.56
C PHE A 56 -10.16 3.71 1.09
N GLU A 57 -11.05 4.09 1.99
CA GLU A 57 -12.13 5.03 1.66
C GLU A 57 -11.56 6.30 1.06
N ASP A 58 -10.33 6.64 1.43
CA ASP A 58 -9.68 7.84 0.91
C ASP A 58 -8.16 7.75 1.08
N ARG A 59 -7.48 8.86 0.81
CA ARG A 59 -6.03 8.91 0.95
C ARG A 59 -5.62 9.07 2.41
N GLY A 60 -6.37 9.88 3.14
CA GLY A 60 -6.07 10.11 4.54
C GLY A 60 -6.02 8.82 5.34
N ALA A 61 -6.99 7.94 5.11
CA ALA A 61 -7.06 6.67 5.82
C ALA A 61 -5.87 5.78 5.46
N ALA A 62 -5.45 5.85 4.19
CA ALA A 62 -4.33 5.05 3.72
C ALA A 62 -3.02 5.56 4.30
N VAL A 63 -2.80 6.88 4.21
CA VAL A 63 -1.59 7.49 4.72
C VAL A 63 -1.46 7.31 6.23
N LYS A 64 -2.50 7.73 6.95
CA LYS A 64 -2.50 7.61 8.40
C LYS A 64 -2.24 6.16 8.83
N ALA A 65 -2.67 5.22 8.00
CA ALA A 65 -2.47 3.81 8.29
C ALA A 65 -1.03 3.39 8.02
N MET A 66 -0.61 3.50 6.76
CA MET A 66 0.75 3.13 6.37
C MET A 66 1.77 3.86 7.22
N ASP A 67 1.40 5.04 7.72
CA ASP A 67 2.29 5.83 8.56
C ASP A 67 2.80 5.02 9.75
N GLU A 68 1.89 4.36 10.44
CA GLU A 68 2.25 3.55 11.60
C GLU A 68 2.49 2.10 11.19
N MET A 69 1.62 1.58 10.33
CA MET A 69 1.75 0.21 9.86
C MET A 69 3.14 -0.07 9.32
N ASN A 70 3.72 0.93 8.65
CA ASN A 70 5.06 0.79 8.08
C ASN A 70 6.06 0.36 9.15
N GLY A 71 6.55 -0.88 9.02
CA GLY A 71 7.50 -1.40 9.97
C GLY A 71 6.84 -2.08 11.15
N LYS A 72 5.76 -2.81 10.88
CA LYS A 72 5.02 -3.52 11.93
C LYS A 72 5.29 -5.02 11.86
N GLU A 73 4.85 -5.73 12.89
CA GLU A 73 5.03 -7.18 12.94
C GLU A 73 3.70 -7.90 12.88
N ILE A 74 3.50 -8.69 11.84
CA ILE A 74 2.27 -9.44 11.66
C ILE A 74 2.54 -10.94 11.60
N GLU A 75 1.95 -11.68 12.54
CA GLU A 75 2.12 -13.13 12.59
C GLU A 75 3.60 -13.49 12.72
N GLY A 76 4.37 -12.61 13.35
CA GLY A 76 5.79 -12.85 13.53
C GLY A 76 6.55 -12.76 12.22
N GLU A 77 6.01 -12.02 11.27
CA GLU A 77 6.66 -11.85 9.97
C GLU A 77 6.88 -10.38 9.67
N GLU A 78 8.10 -10.05 9.24
CA GLU A 78 8.45 -8.67 8.91
C GLU A 78 7.69 -8.19 7.67
N ILE A 79 6.68 -7.37 7.88
CA ILE A 79 5.88 -6.85 6.78
C ILE A 79 6.32 -5.44 6.41
N GLU A 80 6.44 -5.18 5.10
CA GLU A 80 6.85 -3.87 4.62
C GLU A 80 5.69 -3.17 3.92
N ILE A 81 5.76 -1.84 3.86
CA ILE A 81 4.72 -1.05 3.22
C ILE A 81 5.32 0.14 2.46
N VAL A 82 4.78 0.41 1.27
CA VAL A 82 5.26 1.52 0.46
C VAL A 82 4.12 2.13 -0.35
N LEU A 83 4.36 3.32 -0.89
CA LEU A 83 3.36 4.02 -1.69
C LEU A 83 3.32 3.47 -3.11
N ALA A 84 2.14 3.05 -3.55
CA ALA A 84 1.97 2.52 -4.89
C ALA A 84 1.67 3.63 -5.89
N LYS A 85 1.98 3.38 -7.17
CA LYS A 85 1.75 4.36 -8.22
C LYS A 85 0.26 4.48 -8.53
N PRO A 86 -0.15 5.67 -8.99
CA PRO A 86 -1.55 5.94 -9.33
C PRO A 86 -1.99 5.20 -10.58
N PRO A 87 -3.31 5.18 -10.82
CA PRO A 87 -3.90 4.51 -12.00
C PRO A 87 -3.56 5.22 -13.30
N ASP A 88 -3.97 4.62 -14.42
CA ASP A 88 -3.71 5.19 -15.73
C ASP A 88 -2.23 5.41 -15.95
N LYS A 89 -1.88 6.03 -17.08
CA LYS A 89 -0.48 6.30 -17.40
C LYS A 89 0.33 5.02 -17.40
N LYS A 90 -0.12 4.03 -18.17
CA LYS A 90 0.57 2.74 -18.25
C LYS A 90 0.97 2.44 -19.69
N ARG A 91 2.05 1.68 -19.85
CA ARG A 91 2.53 1.31 -21.18
C ARG A 91 1.64 0.24 -21.81
N SER A 92 1.70 0.13 -23.13
CA SER A 92 0.89 -0.86 -23.84
C SER A 92 1.79 -1.85 -24.59
N GLY A 93 2.59 -1.33 -25.51
CA GLY A 93 3.48 -2.19 -26.27
C GLY A 93 2.73 -3.09 -27.24
N PRO A 94 2.21 -2.50 -28.31
CA PRO A 94 1.45 -3.24 -29.34
C PRO A 94 2.35 -4.16 -30.16
N SER A 95 1.75 -4.83 -31.15
CA SER A 95 2.50 -5.74 -32.01
C SER A 95 1.90 -5.75 -33.42
N SER A 96 2.67 -6.27 -34.36
CA SER A 96 2.23 -6.35 -35.76
C SER A 96 1.27 -7.52 -35.96
N GLY A 97 0.78 -7.67 -37.19
CA GLY A 97 -0.13 -8.76 -37.49
C GLY A 97 -0.23 -9.03 -38.98
N GLY A 1 13.83 16.89 7.64
CA GLY A 1 12.42 16.54 7.61
C GLY A 1 11.53 17.78 7.63
N SER A 2 11.64 18.61 6.60
CA SER A 2 10.84 19.82 6.51
C SER A 2 9.72 19.66 5.50
N SER A 3 10.08 19.68 4.22
CA SER A 3 9.10 19.54 3.15
C SER A 3 9.27 18.21 2.41
N GLY A 4 10.52 17.88 2.11
CA GLY A 4 10.81 16.64 1.41
C GLY A 4 11.26 16.86 -0.01
N SER A 5 12.24 16.07 -0.45
CA SER A 5 12.77 16.19 -1.80
C SER A 5 12.09 15.19 -2.74
N SER A 6 11.79 15.65 -3.95
CA SER A 6 11.14 14.80 -4.94
C SER A 6 9.86 14.19 -4.38
N GLY A 7 8.84 15.02 -4.21
CA GLY A 7 7.57 14.54 -3.68
C GLY A 7 6.69 15.66 -3.18
N ASP A 8 5.72 16.07 -3.99
CA ASP A 8 4.81 17.14 -3.63
C ASP A 8 3.61 16.59 -2.86
N PRO A 9 2.95 17.47 -2.08
CA PRO A 9 1.78 17.09 -1.29
C PRO A 9 0.55 16.82 -2.16
N GLU A 10 0.38 17.62 -3.20
CA GLU A 10 -0.75 17.46 -4.11
C GLU A 10 -0.69 16.09 -4.80
N VAL A 11 0.50 15.54 -4.93
CA VAL A 11 0.69 14.25 -5.57
C VAL A 11 0.40 13.11 -4.60
N MET A 12 0.76 13.31 -3.33
CA MET A 12 0.54 12.31 -2.30
C MET A 12 -0.94 12.15 -1.99
N ALA A 13 -1.69 13.22 -2.21
CA ALA A 13 -3.14 13.21 -1.97
C ALA A 13 -3.87 12.41 -3.04
N LYS A 14 -3.26 12.33 -4.22
CA LYS A 14 -3.86 11.59 -5.33
C LYS A 14 -3.88 10.10 -5.06
N VAL A 15 -2.70 9.53 -4.83
CA VAL A 15 -2.59 8.10 -4.55
C VAL A 15 -3.46 7.70 -3.36
N LYS A 16 -4.06 6.52 -3.45
CA LYS A 16 -4.91 6.02 -2.38
C LYS A 16 -4.77 4.51 -2.22
N VAL A 17 -3.61 3.98 -2.61
CA VAL A 17 -3.34 2.56 -2.52
C VAL A 17 -1.98 2.29 -1.87
N LEU A 18 -1.95 1.37 -0.92
CA LEU A 18 -0.72 1.03 -0.23
C LEU A 18 -0.21 -0.34 -0.68
N PHE A 19 1.04 -0.38 -1.11
CA PHE A 19 1.65 -1.63 -1.57
C PHE A 19 2.38 -2.33 -0.42
N VAL A 20 1.70 -3.30 0.17
CA VAL A 20 2.27 -4.06 1.28
C VAL A 20 2.98 -5.32 0.78
N ARG A 21 4.30 -5.33 0.91
CA ARG A 21 5.10 -6.48 0.47
C ARG A 21 5.56 -7.32 1.66
N ASN A 22 6.11 -8.49 1.38
CA ASN A 22 6.59 -9.38 2.42
C ASN A 22 5.47 -9.71 3.41
N LEU A 23 4.54 -10.57 2.98
CA LEU A 23 3.42 -10.98 3.82
C LEU A 23 3.63 -12.40 4.34
N ALA A 24 2.68 -12.85 5.16
CA ALA A 24 2.75 -14.19 5.73
C ALA A 24 1.87 -15.17 4.96
N THR A 25 2.30 -16.43 4.88
CA THR A 25 1.56 -17.45 4.16
C THR A 25 0.48 -18.07 5.05
N THR A 26 0.71 -18.02 6.36
CA THR A 26 -0.24 -18.59 7.31
C THR A 26 -1.41 -17.65 7.55
N VAL A 27 -1.17 -16.35 7.41
CA VAL A 27 -2.20 -15.35 7.61
C VAL A 27 -3.26 -15.43 6.51
N THR A 28 -4.43 -14.84 6.77
CA THR A 28 -5.52 -14.86 5.81
C THR A 28 -6.04 -13.44 5.55
N GLU A 29 -6.81 -13.30 4.48
CA GLU A 29 -7.36 -11.99 4.11
C GLU A 29 -8.14 -11.39 5.28
N GLU A 30 -8.69 -12.26 6.13
CA GLU A 30 -9.45 -11.81 7.29
C GLU A 30 -8.58 -11.02 8.25
N ILE A 31 -7.42 -11.60 8.58
CA ILE A 31 -6.49 -10.95 9.50
C ILE A 31 -5.95 -9.65 8.92
N LEU A 32 -5.51 -9.70 7.68
CA LEU A 32 -4.98 -8.52 7.00
C LEU A 32 -6.01 -7.39 6.97
N GLU A 33 -7.28 -7.77 6.94
CA GLU A 33 -8.37 -6.79 6.92
C GLU A 33 -8.60 -6.21 8.31
N LYS A 34 -8.47 -7.04 9.33
CA LYS A 34 -8.66 -6.61 10.71
C LYS A 34 -7.48 -5.78 11.19
N SER A 35 -6.32 -6.00 10.59
CA SER A 35 -5.11 -5.28 10.96
C SER A 35 -5.19 -3.82 10.49
N PHE A 36 -5.83 -3.61 9.35
CA PHE A 36 -5.98 -2.28 8.79
C PHE A 36 -7.31 -1.64 9.21
N SER A 37 -8.33 -2.49 9.36
CA SER A 37 -9.65 -2.01 9.76
C SER A 37 -9.58 -1.22 11.05
N GLU A 38 -8.58 -1.52 11.87
CA GLU A 38 -8.40 -0.83 13.15
C GLU A 38 -8.14 0.66 12.93
N PHE A 39 -7.60 0.99 11.76
CA PHE A 39 -7.29 2.38 11.42
C PHE A 39 -8.49 3.04 10.75
N GLY A 40 -9.02 2.40 9.72
CA GLY A 40 -10.15 2.93 9.00
C GLY A 40 -10.91 1.87 8.23
N LYS A 41 -12.14 2.19 7.83
CA LYS A 41 -12.97 1.27 7.09
C LYS A 41 -12.35 0.94 5.73
N LEU A 42 -11.73 -0.24 5.65
CA LEU A 42 -11.09 -0.68 4.40
C LEU A 42 -12.10 -0.71 3.26
N GLU A 43 -11.58 -0.74 2.03
CA GLU A 43 -12.44 -0.77 0.85
C GLU A 43 -12.46 -2.17 0.23
N ARG A 44 -11.30 -2.79 0.13
CA ARG A 44 -11.18 -4.13 -0.44
C ARG A 44 -9.74 -4.62 -0.40
N VAL A 45 -9.56 -5.89 -0.06
CA VAL A 45 -8.22 -6.48 0.01
C VAL A 45 -8.12 -7.70 -0.89
N LYS A 46 -6.92 -7.95 -1.41
CA LYS A 46 -6.68 -9.09 -2.28
C LYS A 46 -5.27 -9.64 -2.09
N LYS A 47 -5.17 -10.96 -2.02
CA LYS A 47 -3.87 -11.62 -1.84
C LYS A 47 -3.21 -11.91 -3.19
N LEU A 48 -2.25 -11.07 -3.55
CA LEU A 48 -1.55 -11.23 -4.82
C LEU A 48 -0.03 -11.30 -4.59
N LYS A 49 0.54 -12.48 -4.80
CA LYS A 49 1.97 -12.68 -4.62
C LYS A 49 2.38 -12.45 -3.18
N ASP A 50 3.68 -12.26 -2.94
CA ASP A 50 4.18 -12.03 -1.60
C ASP A 50 3.59 -10.76 -1.00
N TYR A 51 3.01 -9.93 -1.85
CA TYR A 51 2.40 -8.68 -1.40
C TYR A 51 0.88 -8.77 -1.44
N ALA A 52 0.21 -7.65 -1.15
CA ALA A 52 -1.24 -7.60 -1.15
C ALA A 52 -1.74 -6.25 -1.65
N PHE A 53 -2.99 -6.22 -2.10
CA PHE A 53 -3.60 -4.99 -2.60
C PHE A 53 -4.81 -4.60 -1.75
N VAL A 54 -4.65 -3.55 -0.95
CA VAL A 54 -5.73 -3.08 -0.10
C VAL A 54 -6.18 -1.69 -0.50
N HIS A 55 -7.48 -1.42 -0.36
CA HIS A 55 -8.04 -0.12 -0.73
C HIS A 55 -8.61 0.58 0.51
N PHE A 56 -8.67 1.91 0.44
CA PHE A 56 -9.19 2.71 1.55
C PHE A 56 -10.24 3.69 1.06
N GLU A 57 -11.14 4.09 1.96
CA GLU A 57 -12.19 5.03 1.62
C GLU A 57 -11.61 6.31 1.03
N ASP A 58 -10.37 6.62 1.40
CA ASP A 58 -9.69 7.82 0.91
C ASP A 58 -8.20 7.71 1.10
N ARG A 59 -7.48 8.77 0.74
CA ARG A 59 -6.02 8.80 0.87
C ARG A 59 -5.61 8.90 2.33
N GLY A 60 -6.30 9.77 3.08
CA GLY A 60 -5.99 9.95 4.49
C GLY A 60 -5.98 8.64 5.25
N ALA A 61 -7.07 7.88 5.14
CA ALA A 61 -7.17 6.61 5.83
C ALA A 61 -6.00 5.68 5.48
N ALA A 62 -5.42 5.90 4.30
CA ALA A 62 -4.29 5.10 3.85
C ALA A 62 -2.98 5.62 4.43
N VAL A 63 -2.75 6.92 4.28
CA VAL A 63 -1.54 7.54 4.79
C VAL A 63 -1.44 7.41 6.31
N LYS A 64 -2.51 7.80 6.99
CA LYS A 64 -2.55 7.72 8.45
C LYS A 64 -2.27 6.30 8.93
N ALA A 65 -2.58 5.32 8.08
CA ALA A 65 -2.36 3.92 8.41
C ALA A 65 -0.93 3.50 8.10
N MET A 66 -0.55 3.58 6.83
CA MET A 66 0.79 3.21 6.40
C MET A 66 1.84 3.94 7.22
N ASP A 67 1.50 5.14 7.70
CA ASP A 67 2.41 5.94 8.50
C ASP A 67 2.94 5.14 9.69
N GLU A 68 2.03 4.46 10.38
CA GLU A 68 2.40 3.66 11.54
C GLU A 68 2.68 2.21 11.15
N MET A 69 1.81 1.65 10.32
CA MET A 69 1.96 0.27 9.85
C MET A 69 3.35 0.05 9.27
N ASN A 70 3.90 1.10 8.66
CA ASN A 70 5.23 1.02 8.05
C ASN A 70 6.26 0.50 9.05
N GLY A 71 6.71 -0.73 8.84
CA GLY A 71 7.69 -1.32 9.73
C GLY A 71 7.05 -1.98 10.94
N LYS A 72 5.98 -2.73 10.71
CA LYS A 72 5.28 -3.42 11.78
C LYS A 72 5.58 -4.91 11.76
N GLU A 73 5.14 -5.62 12.79
CA GLU A 73 5.37 -7.06 12.89
C GLU A 73 4.04 -7.81 12.91
N ILE A 74 3.75 -8.52 11.82
CA ILE A 74 2.52 -9.29 11.70
C ILE A 74 2.82 -10.78 11.60
N GLU A 75 2.24 -11.55 12.51
CA GLU A 75 2.44 -13.00 12.52
C GLU A 75 3.92 -13.35 12.62
N GLY A 76 4.67 -12.50 13.32
CA GLY A 76 6.10 -12.73 13.48
C GLY A 76 6.85 -12.65 12.16
N GLU A 77 6.27 -11.97 11.19
CA GLU A 77 6.89 -11.83 9.88
C GLU A 77 7.14 -10.36 9.54
N GLU A 78 8.39 -10.03 9.22
CA GLU A 78 8.76 -8.66 8.89
C GLU A 78 8.04 -8.20 7.63
N ILE A 79 7.00 -7.39 7.81
CA ILE A 79 6.22 -6.87 6.68
C ILE A 79 6.71 -5.50 6.26
N GLU A 80 6.60 -5.21 4.98
CA GLU A 80 7.04 -3.92 4.45
C GLU A 80 5.87 -3.16 3.83
N ILE A 81 5.99 -1.84 3.75
CA ILE A 81 4.94 -1.00 3.18
C ILE A 81 5.54 0.15 2.38
N VAL A 82 4.94 0.44 1.24
CA VAL A 82 5.40 1.53 0.38
C VAL A 82 4.26 2.13 -0.41
N LEU A 83 4.47 3.33 -0.95
CA LEU A 83 3.46 4.02 -1.73
C LEU A 83 3.39 3.46 -3.15
N ALA A 84 2.19 3.06 -3.56
CA ALA A 84 1.98 2.51 -4.90
C ALA A 84 1.49 3.58 -5.86
N LYS A 85 1.97 3.52 -7.10
CA LYS A 85 1.56 4.49 -8.11
C LYS A 85 0.35 3.98 -8.90
N PRO A 86 -0.46 4.92 -9.41
CA PRO A 86 -1.66 4.60 -10.18
C PRO A 86 -1.32 4.01 -11.55
N PRO A 87 -2.35 3.45 -12.21
CA PRO A 87 -2.18 2.85 -13.54
C PRO A 87 -1.91 3.89 -14.63
N ASP A 88 -1.22 3.47 -15.68
CA ASP A 88 -0.90 4.37 -16.79
C ASP A 88 -2.00 4.34 -17.85
N LYS A 89 -1.94 5.28 -18.77
CA LYS A 89 -2.93 5.37 -19.84
C LYS A 89 -2.90 4.13 -20.71
N LYS A 90 -1.70 3.74 -21.14
CA LYS A 90 -1.53 2.56 -21.98
C LYS A 90 -1.72 1.28 -21.17
N ARG A 91 -2.86 0.62 -21.38
CA ARG A 91 -3.16 -0.62 -20.66
C ARG A 91 -2.26 -1.76 -21.14
N SER A 92 -1.76 -2.55 -20.20
CA SER A 92 -0.88 -3.67 -20.53
C SER A 92 0.35 -3.19 -21.30
N GLY A 93 1.33 -2.69 -20.56
CA GLY A 93 2.55 -2.21 -21.19
C GLY A 93 3.32 -3.31 -21.90
N PRO A 94 4.43 -2.93 -22.56
CA PRO A 94 5.26 -3.88 -23.30
C PRO A 94 6.02 -4.83 -22.37
N SER A 95 5.41 -5.98 -22.10
CA SER A 95 6.02 -6.98 -21.22
C SER A 95 5.44 -8.37 -21.48
N SER A 96 5.95 -9.36 -20.75
CA SER A 96 5.47 -10.73 -20.90
C SER A 96 5.77 -11.26 -22.30
N GLY A 97 5.46 -12.53 -22.52
CA GLY A 97 5.71 -13.13 -23.82
C GLY A 97 4.73 -14.26 -24.13
N GLY A 1 17.82 29.14 2.50
CA GLY A 1 17.57 29.31 3.93
C GLY A 1 18.01 28.11 4.74
N SER A 2 17.09 27.19 4.98
CA SER A 2 17.40 25.99 5.76
C SER A 2 16.78 24.75 5.11
N SER A 3 17.49 24.19 4.13
CA SER A 3 17.01 23.01 3.43
C SER A 3 15.67 23.29 2.74
N GLY A 4 15.12 22.26 2.10
CA GLY A 4 13.85 22.41 1.41
C GLY A 4 13.09 21.11 1.29
N SER A 5 11.77 21.18 1.43
CA SER A 5 10.93 19.99 1.34
C SER A 5 11.04 19.34 -0.04
N SER A 6 10.63 18.08 -0.13
CA SER A 6 10.68 17.35 -1.39
C SER A 6 9.29 16.84 -1.78
N GLY A 7 8.80 17.31 -2.92
CA GLY A 7 7.50 16.89 -3.39
C GLY A 7 6.37 17.74 -2.81
N ASP A 8 5.22 17.72 -3.48
CA ASP A 8 4.07 18.49 -3.03
C ASP A 8 3.04 17.59 -2.36
N PRO A 9 2.18 18.18 -1.51
CA PRO A 9 1.14 17.45 -0.80
C PRO A 9 0.02 16.97 -1.73
N GLU A 10 -0.38 17.84 -2.64
CA GLU A 10 -1.44 17.51 -3.59
C GLU A 10 -1.07 16.28 -4.41
N VAL A 11 0.23 16.11 -4.66
CA VAL A 11 0.72 14.97 -5.42
C VAL A 11 0.48 13.66 -4.68
N MET A 12 0.88 13.62 -3.41
CA MET A 12 0.70 12.43 -2.59
C MET A 12 -0.77 12.08 -2.44
N ALA A 13 -1.62 13.10 -2.47
CA ALA A 13 -3.06 12.91 -2.33
C ALA A 13 -3.61 12.09 -3.49
N LYS A 14 -2.95 12.19 -4.64
CA LYS A 14 -3.38 11.45 -5.83
C LYS A 14 -3.48 9.96 -5.54
N VAL A 15 -2.36 9.37 -5.15
CA VAL A 15 -2.31 7.93 -4.83
C VAL A 15 -3.18 7.61 -3.62
N LYS A 16 -3.82 6.45 -3.65
CA LYS A 16 -4.68 6.01 -2.56
C LYS A 16 -4.62 4.50 -2.39
N VAL A 17 -3.46 3.92 -2.67
CA VAL A 17 -3.27 2.48 -2.54
C VAL A 17 -1.93 2.15 -1.90
N LEU A 18 -1.97 1.39 -0.82
CA LEU A 18 -0.76 1.01 -0.10
C LEU A 18 -0.25 -0.35 -0.58
N PHE A 19 1.02 -0.42 -0.94
CA PHE A 19 1.62 -1.65 -1.41
C PHE A 19 2.35 -2.38 -0.27
N VAL A 20 1.67 -3.35 0.33
CA VAL A 20 2.24 -4.12 1.42
C VAL A 20 3.00 -5.34 0.91
N ARG A 21 4.32 -5.30 1.04
CA ARG A 21 5.16 -6.41 0.58
C ARG A 21 5.61 -7.27 1.76
N ASN A 22 6.16 -8.44 1.45
CA ASN A 22 6.63 -9.35 2.49
C ASN A 22 5.51 -9.69 3.48
N LEU A 23 4.59 -10.53 3.04
CA LEU A 23 3.47 -10.94 3.88
C LEU A 23 3.67 -12.35 4.43
N ALA A 24 2.76 -12.79 5.29
CA ALA A 24 2.85 -14.11 5.88
C ALA A 24 1.99 -15.11 5.11
N THR A 25 2.44 -16.37 5.06
CA THR A 25 1.73 -17.41 4.35
C THR A 25 0.65 -18.03 5.23
N THR A 26 0.84 -17.94 6.54
CA THR A 26 -0.12 -18.49 7.50
C THR A 26 -1.31 -17.56 7.68
N VAL A 27 -1.09 -16.26 7.49
CA VAL A 27 -2.14 -15.27 7.63
C VAL A 27 -3.14 -15.37 6.48
N THR A 28 -4.32 -14.79 6.68
CA THR A 28 -5.37 -14.82 5.66
C THR A 28 -5.87 -13.41 5.36
N GLU A 29 -6.59 -13.28 4.26
CA GLU A 29 -7.14 -11.99 3.85
C GLU A 29 -7.95 -11.36 4.98
N GLU A 30 -8.55 -12.20 5.82
CA GLU A 30 -9.35 -11.73 6.94
C GLU A 30 -8.50 -10.94 7.93
N ILE A 31 -7.41 -11.56 8.38
CA ILE A 31 -6.51 -10.91 9.33
C ILE A 31 -6.03 -9.56 8.80
N LEU A 32 -5.54 -9.55 7.57
CA LEU A 32 -5.06 -8.32 6.95
C LEU A 32 -6.16 -7.27 6.90
N GLU A 33 -7.41 -7.73 6.87
CA GLU A 33 -8.55 -6.83 6.81
C GLU A 33 -8.81 -6.19 8.18
N LYS A 34 -8.44 -6.90 9.24
CA LYS A 34 -8.62 -6.41 10.60
C LYS A 34 -7.41 -5.60 11.05
N SER A 35 -6.25 -5.91 10.47
CA SER A 35 -5.02 -5.20 10.83
C SER A 35 -5.09 -3.74 10.42
N PHE A 36 -5.73 -3.48 9.29
CA PHE A 36 -5.88 -2.12 8.78
C PHE A 36 -7.19 -1.49 9.24
N SER A 37 -8.21 -2.33 9.40
CA SER A 37 -9.52 -1.87 9.82
C SER A 37 -9.42 -1.08 11.12
N GLU A 38 -8.41 -1.40 11.93
CA GLU A 38 -8.20 -0.72 13.20
C GLU A 38 -7.96 0.78 12.98
N PHE A 39 -7.45 1.13 11.81
CA PHE A 39 -7.18 2.52 11.49
C PHE A 39 -8.40 3.18 10.84
N GLY A 40 -8.94 2.53 9.82
CA GLY A 40 -10.10 3.07 9.13
C GLY A 40 -10.83 2.02 8.32
N LYS A 41 -12.12 2.25 8.09
CA LYS A 41 -12.94 1.31 7.32
C LYS A 41 -12.28 1.01 5.98
N LEU A 42 -11.79 -0.22 5.84
CA LEU A 42 -11.14 -0.65 4.60
C LEU A 42 -12.14 -0.70 3.45
N GLU A 43 -11.63 -0.81 2.23
CA GLU A 43 -12.48 -0.87 1.04
C GLU A 43 -12.50 -2.28 0.47
N ARG A 44 -11.32 -2.89 0.35
CA ARG A 44 -11.20 -4.24 -0.19
C ARG A 44 -9.75 -4.69 -0.22
N VAL A 45 -9.53 -5.94 0.17
CA VAL A 45 -8.18 -6.51 0.19
C VAL A 45 -8.08 -7.74 -0.69
N LYS A 46 -6.91 -7.95 -1.28
CA LYS A 46 -6.68 -9.10 -2.14
C LYS A 46 -5.27 -9.65 -1.96
N LYS A 47 -5.16 -10.97 -1.89
CA LYS A 47 -3.86 -11.62 -1.72
C LYS A 47 -3.21 -11.90 -3.07
N LEU A 48 -2.26 -11.05 -3.44
CA LEU A 48 -1.56 -11.20 -4.72
C LEU A 48 -0.05 -11.26 -4.50
N LYS A 49 0.54 -12.43 -4.73
CA LYS A 49 1.97 -12.62 -4.55
C LYS A 49 2.39 -12.40 -3.10
N ASP A 50 3.68 -12.20 -2.88
CA ASP A 50 4.20 -11.96 -1.54
C ASP A 50 3.60 -10.70 -0.94
N TYR A 51 3.01 -9.86 -1.79
CA TYR A 51 2.40 -8.62 -1.33
C TYR A 51 0.87 -8.73 -1.35
N ALA A 52 0.21 -7.61 -1.07
CA ALA A 52 -1.25 -7.57 -1.06
C ALA A 52 -1.77 -6.23 -1.56
N PHE A 53 -3.02 -6.22 -2.01
CA PHE A 53 -3.63 -4.99 -2.52
C PHE A 53 -4.84 -4.60 -1.68
N VAL A 54 -4.69 -3.55 -0.88
CA VAL A 54 -5.77 -3.07 -0.02
C VAL A 54 -6.20 -1.66 -0.42
N HIS A 55 -7.51 -1.42 -0.37
CA HIS A 55 -8.06 -0.12 -0.72
C HIS A 55 -8.65 0.57 0.51
N PHE A 56 -8.67 1.90 0.49
CA PHE A 56 -9.21 2.68 1.59
C PHE A 56 -10.30 3.63 1.10
N GLU A 57 -11.20 4.00 2.01
CA GLU A 57 -12.29 4.91 1.67
C GLU A 57 -11.75 6.22 1.09
N ASP A 58 -10.53 6.56 1.47
CA ASP A 58 -9.90 7.78 0.99
C ASP A 58 -8.38 7.67 1.06
N ARG A 59 -7.69 8.78 0.76
CA ARG A 59 -6.23 8.79 0.78
C ARG A 59 -5.72 8.93 2.21
N GLY A 60 -6.38 9.75 3.01
CA GLY A 60 -5.98 9.95 4.38
C GLY A 60 -5.94 8.66 5.17
N ALA A 61 -7.03 7.91 5.13
CA ALA A 61 -7.11 6.64 5.84
C ALA A 61 -5.94 5.73 5.49
N ALA A 62 -5.42 5.90 4.28
CA ALA A 62 -4.29 5.08 3.82
C ALA A 62 -2.98 5.60 4.39
N VAL A 63 -2.77 6.91 4.31
CA VAL A 63 -1.56 7.53 4.83
C VAL A 63 -1.43 7.33 6.33
N LYS A 64 -2.49 7.68 7.06
CA LYS A 64 -2.51 7.54 8.51
C LYS A 64 -2.21 6.10 8.92
N ALA A 65 -2.60 5.16 8.06
CA ALA A 65 -2.38 3.75 8.34
C ALA A 65 -0.94 3.34 8.04
N MET A 66 -0.53 3.53 6.79
CA MET A 66 0.83 3.19 6.37
C MET A 66 1.86 3.93 7.23
N ASP A 67 1.46 5.07 7.77
CA ASP A 67 2.35 5.87 8.61
C ASP A 67 2.85 5.06 9.80
N GLU A 68 1.93 4.36 10.46
CA GLU A 68 2.28 3.53 11.61
C GLU A 68 2.59 2.11 11.19
N MET A 69 1.75 1.55 10.33
CA MET A 69 1.94 0.19 9.85
C MET A 69 3.35 -0.01 9.30
N ASN A 70 3.91 1.05 8.74
CA ASN A 70 5.25 1.00 8.17
C ASN A 70 6.26 0.51 9.20
N GLY A 71 6.64 -0.76 9.10
CA GLY A 71 7.59 -1.33 10.03
C GLY A 71 6.92 -2.08 11.17
N LYS A 72 5.76 -2.65 10.88
CA LYS A 72 5.01 -3.40 11.88
C LYS A 72 5.37 -4.88 11.84
N GLU A 73 4.91 -5.62 12.85
CA GLU A 73 5.19 -7.06 12.92
C GLU A 73 3.90 -7.86 12.86
N ILE A 74 3.56 -8.34 11.67
CA ILE A 74 2.35 -9.13 11.48
C ILE A 74 2.65 -10.62 11.52
N GLU A 75 2.04 -11.32 12.47
CA GLU A 75 2.25 -12.76 12.60
C GLU A 75 3.73 -13.08 12.80
N GLY A 76 4.43 -12.21 13.51
CA GLY A 76 5.86 -12.41 13.74
C GLY A 76 6.67 -12.38 12.46
N GLU A 77 6.15 -11.69 11.45
CA GLU A 77 6.83 -11.60 10.16
C GLU A 77 7.08 -10.15 9.79
N GLU A 78 8.27 -9.86 9.27
CA GLU A 78 8.62 -8.51 8.88
C GLU A 78 7.84 -8.07 7.64
N ILE A 79 6.88 -7.18 7.84
CA ILE A 79 6.06 -6.69 6.74
C ILE A 79 6.58 -5.35 6.23
N GLU A 80 6.55 -5.18 4.91
CA GLU A 80 7.01 -3.94 4.29
C GLU A 80 5.85 -3.16 3.69
N ILE A 81 6.01 -1.84 3.61
CA ILE A 81 4.96 -0.98 3.06
C ILE A 81 5.56 0.14 2.22
N VAL A 82 4.98 0.38 1.06
CA VAL A 82 5.45 1.43 0.16
C VAL A 82 4.31 2.02 -0.65
N LEU A 83 4.38 3.32 -0.94
CA LEU A 83 3.35 4.00 -1.71
C LEU A 83 3.31 3.47 -3.14
N ALA A 84 2.19 2.87 -3.52
CA ALA A 84 2.02 2.33 -4.86
C ALA A 84 1.74 3.44 -5.86
N LYS A 85 2.75 3.82 -6.63
CA LYS A 85 2.61 4.87 -7.63
C LYS A 85 2.13 4.29 -8.95
N PRO A 86 1.41 5.12 -9.73
CA PRO A 86 0.88 4.72 -11.04
C PRO A 86 1.97 4.54 -12.09
N PRO A 87 1.61 3.92 -13.22
CA PRO A 87 2.56 3.68 -14.32
C PRO A 87 2.98 4.97 -15.02
N ASP A 88 3.98 4.86 -15.88
CA ASP A 88 4.47 6.02 -16.63
C ASP A 88 4.56 5.72 -18.12
N LYS A 89 4.36 6.74 -18.93
CA LYS A 89 4.40 6.59 -20.39
C LYS A 89 5.84 6.49 -20.87
N LYS A 90 6.10 5.51 -21.73
CA LYS A 90 7.43 5.30 -22.28
C LYS A 90 7.59 6.01 -23.63
N ARG A 91 8.82 6.32 -23.99
CA ARG A 91 9.11 6.99 -25.25
C ARG A 91 10.58 6.82 -25.65
N SER A 92 10.80 6.25 -26.83
CA SER A 92 12.15 6.02 -27.32
C SER A 92 12.55 7.09 -28.35
N GLY A 93 13.74 6.95 -28.91
CA GLY A 93 14.21 7.89 -29.91
C GLY A 93 15.71 8.01 -29.93
N PRO A 94 16.39 6.96 -30.41
CA PRO A 94 17.85 6.92 -30.51
C PRO A 94 18.39 7.89 -31.55
N SER A 95 19.71 8.12 -31.52
CA SER A 95 20.34 9.02 -32.47
C SER A 95 20.82 8.26 -33.69
N SER A 96 21.54 8.95 -34.57
CA SER A 96 22.06 8.36 -35.80
C SER A 96 23.58 8.20 -35.74
N GLY A 97 24.04 6.96 -35.81
CA GLY A 97 25.47 6.71 -35.77
C GLY A 97 25.91 5.66 -36.77
N GLY A 1 21.89 22.22 2.33
CA GLY A 1 21.38 20.85 2.40
C GLY A 1 19.86 20.80 2.42
N SER A 2 19.26 20.64 1.25
CA SER A 2 17.81 20.58 1.14
C SER A 2 17.27 19.29 1.74
N SER A 3 15.96 19.22 1.90
CA SER A 3 15.32 18.04 2.47
C SER A 3 15.21 16.93 1.45
N GLY A 4 14.91 17.31 0.20
CA GLY A 4 14.78 16.34 -0.86
C GLY A 4 14.78 16.97 -2.23
N SER A 5 14.22 16.26 -3.22
CA SER A 5 14.17 16.76 -4.58
C SER A 5 12.96 17.66 -4.79
N SER A 6 12.86 18.26 -5.97
CA SER A 6 11.76 19.15 -6.28
C SER A 6 10.45 18.37 -6.42
N GLY A 7 9.63 18.43 -5.38
CA GLY A 7 8.36 17.73 -5.41
C GLY A 7 7.40 18.22 -4.34
N ASP A 8 6.11 18.13 -4.61
CA ASP A 8 5.09 18.56 -3.66
C ASP A 8 4.55 17.39 -2.87
N PRO A 9 3.99 17.68 -1.68
CA PRO A 9 3.41 16.65 -0.80
C PRO A 9 2.14 16.05 -1.36
N GLU A 10 1.22 16.91 -1.80
CA GLU A 10 -0.05 16.46 -2.37
C GLU A 10 0.19 15.50 -3.53
N VAL A 11 1.34 15.63 -4.18
CA VAL A 11 1.69 14.79 -5.31
C VAL A 11 1.54 13.30 -4.95
N MET A 12 2.42 12.83 -4.09
CA MET A 12 2.38 11.43 -3.66
C MET A 12 1.26 11.20 -2.65
N ALA A 13 1.04 12.17 -1.78
CA ALA A 13 0.01 12.08 -0.76
C ALA A 13 -1.34 11.72 -1.39
N LYS A 14 -1.55 12.17 -2.63
CA LYS A 14 -2.79 11.90 -3.34
C LYS A 14 -3.05 10.40 -3.43
N VAL A 15 -1.98 9.62 -3.52
CA VAL A 15 -2.09 8.17 -3.61
C VAL A 15 -2.97 7.61 -2.49
N LYS A 16 -3.93 6.78 -2.85
CA LYS A 16 -4.83 6.17 -1.88
C LYS A 16 -4.72 4.66 -1.90
N VAL A 17 -3.56 4.15 -2.31
CA VAL A 17 -3.32 2.72 -2.38
C VAL A 17 -1.98 2.35 -1.76
N LEU A 18 -2.02 1.50 -0.74
CA LEU A 18 -0.81 1.07 -0.06
C LEU A 18 -0.33 -0.28 -0.61
N PHE A 19 0.99 -0.39 -0.78
CA PHE A 19 1.58 -1.63 -1.30
C PHE A 19 2.34 -2.36 -0.21
N VAL A 20 1.69 -3.35 0.40
CA VAL A 20 2.31 -4.14 1.46
C VAL A 20 3.06 -5.33 0.89
N ARG A 21 4.39 -5.30 1.01
CA ARG A 21 5.23 -6.38 0.51
C ARG A 21 5.68 -7.29 1.65
N ASN A 22 6.18 -8.47 1.29
CA ASN A 22 6.64 -9.44 2.28
C ASN A 22 5.54 -9.75 3.29
N LEU A 23 4.61 -10.60 2.91
CA LEU A 23 3.50 -10.99 3.78
C LEU A 23 3.70 -12.40 4.32
N ALA A 24 2.79 -12.82 5.20
CA ALA A 24 2.86 -14.15 5.79
C ALA A 24 1.95 -15.13 5.05
N THR A 25 2.37 -16.39 4.99
CA THR A 25 1.60 -17.42 4.32
C THR A 25 0.54 -18.02 5.25
N THR A 26 0.79 -17.93 6.55
CA THR A 26 -0.13 -18.46 7.54
C THR A 26 -1.33 -17.54 7.72
N VAL A 27 -1.12 -16.24 7.48
CA VAL A 27 -2.19 -15.26 7.62
C VAL A 27 -3.18 -15.38 6.47
N THR A 28 -4.37 -14.81 6.66
CA THR A 28 -5.41 -14.85 5.65
C THR A 28 -5.97 -13.46 5.38
N GLU A 29 -6.77 -13.34 4.32
CA GLU A 29 -7.36 -12.05 3.95
C GLU A 29 -8.15 -11.48 5.12
N GLU A 30 -8.64 -12.34 6.00
CA GLU A 30 -9.41 -11.92 7.16
C GLU A 30 -8.53 -11.15 8.14
N ILE A 31 -7.41 -11.75 8.53
CA ILE A 31 -6.49 -11.11 9.47
C ILE A 31 -5.96 -9.79 8.90
N LEU A 32 -5.43 -9.85 7.69
CA LEU A 32 -4.88 -8.66 7.05
C LEU A 32 -5.93 -7.55 6.97
N GLU A 33 -7.20 -7.95 6.97
CA GLU A 33 -8.30 -6.99 6.91
C GLU A 33 -8.39 -6.19 8.20
N LYS A 34 -8.74 -6.87 9.29
CA LYS A 34 -8.87 -6.22 10.59
C LYS A 34 -7.62 -5.42 10.93
N SER A 35 -6.47 -5.89 10.42
CA SER A 35 -5.21 -5.21 10.67
C SER A 35 -5.29 -3.73 10.31
N PHE A 36 -5.86 -3.45 9.14
CA PHE A 36 -6.00 -2.07 8.67
C PHE A 36 -7.38 -1.52 9.03
N SER A 37 -8.35 -2.41 9.18
CA SER A 37 -9.71 -2.01 9.52
C SER A 37 -9.73 -1.19 10.81
N GLU A 38 -8.73 -1.41 11.66
CA GLU A 38 -8.64 -0.69 12.93
C GLU A 38 -8.26 0.76 12.70
N PHE A 39 -7.57 1.02 11.59
CA PHE A 39 -7.15 2.37 11.25
C PHE A 39 -8.29 3.17 10.63
N GLY A 40 -8.92 2.59 9.61
CA GLY A 40 -10.03 3.25 8.95
C GLY A 40 -10.84 2.30 8.08
N LYS A 41 -12.04 2.72 7.72
CA LYS A 41 -12.92 1.91 6.89
C LYS A 41 -12.22 1.48 5.61
N LEU A 42 -11.88 0.19 5.53
CA LEU A 42 -11.20 -0.36 4.36
C LEU A 42 -12.16 -0.46 3.18
N GLU A 43 -11.61 -0.66 1.99
CA GLU A 43 -12.40 -0.78 0.78
C GLU A 43 -12.46 -2.24 0.31
N ARG A 44 -11.29 -2.86 0.19
CA ARG A 44 -11.21 -4.25 -0.26
C ARG A 44 -9.76 -4.73 -0.25
N VAL A 45 -9.55 -5.95 0.23
CA VAL A 45 -8.22 -6.53 0.29
C VAL A 45 -8.11 -7.74 -0.62
N LYS A 46 -6.93 -7.92 -1.23
CA LYS A 46 -6.69 -9.04 -2.13
C LYS A 46 -5.28 -9.59 -1.94
N LYS A 47 -5.17 -10.92 -1.95
CA LYS A 47 -3.87 -11.57 -1.78
C LYS A 47 -3.23 -11.85 -3.13
N LEU A 48 -2.28 -11.00 -3.51
CA LEU A 48 -1.58 -11.16 -4.78
C LEU A 48 -0.07 -11.21 -4.58
N LYS A 49 0.50 -12.39 -4.81
CA LYS A 49 1.94 -12.58 -4.64
C LYS A 49 2.36 -12.36 -3.19
N ASP A 50 3.65 -12.16 -2.98
CA ASP A 50 4.18 -11.93 -1.64
C ASP A 50 3.58 -10.68 -1.02
N TYR A 51 2.99 -9.84 -1.86
CA TYR A 51 2.38 -8.60 -1.40
C TYR A 51 0.85 -8.71 -1.42
N ALA A 52 0.19 -7.60 -1.11
CA ALA A 52 -1.27 -7.57 -1.09
C ALA A 52 -1.80 -6.20 -1.53
N PHE A 53 -3.06 -6.16 -1.93
CA PHE A 53 -3.68 -4.91 -2.38
C PHE A 53 -4.88 -4.56 -1.51
N VAL A 54 -4.72 -3.55 -0.67
CA VAL A 54 -5.79 -3.11 0.22
C VAL A 54 -6.20 -1.68 -0.08
N HIS A 55 -7.37 -1.51 -0.70
CA HIS A 55 -7.88 -0.19 -1.04
C HIS A 55 -8.58 0.45 0.15
N PHE A 56 -8.64 1.78 0.15
CA PHE A 56 -9.28 2.51 1.23
C PHE A 56 -10.41 3.40 0.70
N GLU A 57 -11.24 3.89 1.62
CA GLU A 57 -12.36 4.75 1.24
C GLU A 57 -11.98 6.23 1.37
N ASP A 58 -10.69 6.51 1.25
CA ASP A 58 -10.19 7.88 1.35
C ASP A 58 -8.69 7.94 1.08
N ARG A 59 -8.12 9.13 1.21
CA ARG A 59 -6.70 9.33 0.99
C ARG A 59 -5.95 9.37 2.31
N GLY A 60 -6.60 9.88 3.34
CA GLY A 60 -5.97 9.97 4.65
C GLY A 60 -6.01 8.65 5.40
N ALA A 61 -6.97 7.80 5.06
CA ALA A 61 -7.11 6.50 5.71
C ALA A 61 -5.92 5.59 5.38
N ALA A 62 -5.36 5.79 4.19
CA ALA A 62 -4.22 4.99 3.76
C ALA A 62 -2.91 5.54 4.31
N VAL A 63 -2.71 6.85 4.15
CA VAL A 63 -1.50 7.50 4.64
C VAL A 63 -1.36 7.34 6.15
N LYS A 64 -2.41 7.73 6.88
CA LYS A 64 -2.40 7.63 8.33
C LYS A 64 -2.11 6.21 8.78
N ALA A 65 -2.52 5.24 7.96
CA ALA A 65 -2.30 3.84 8.28
C ALA A 65 -0.85 3.43 7.99
N MET A 66 -0.45 3.56 6.72
CA MET A 66 0.90 3.20 6.32
C MET A 66 1.94 3.95 7.16
N ASP A 67 1.54 5.11 7.66
CA ASP A 67 2.44 5.93 8.48
C ASP A 67 2.88 5.17 9.73
N GLU A 68 1.94 4.45 10.34
CA GLU A 68 2.24 3.68 11.54
C GLU A 68 2.62 2.24 11.19
N MET A 69 1.82 1.62 10.33
CA MET A 69 2.08 0.25 9.92
C MET A 69 3.51 0.09 9.40
N ASN A 70 4.03 1.15 8.79
CA ASN A 70 5.39 1.14 8.26
C ASN A 70 6.39 0.70 9.33
N GLY A 71 6.91 -0.51 9.18
CA GLY A 71 7.88 -1.04 10.14
C GLY A 71 7.21 -1.79 11.27
N LYS A 72 6.23 -2.63 10.94
CA LYS A 72 5.52 -3.40 11.94
C LYS A 72 5.85 -4.89 11.81
N GLU A 73 5.50 -5.67 12.83
CA GLU A 73 5.77 -7.10 12.82
C GLU A 73 4.46 -7.89 12.89
N ILE A 74 4.07 -8.47 11.76
CA ILE A 74 2.84 -9.26 11.70
C ILE A 74 3.15 -10.75 11.59
N GLU A 75 2.54 -11.53 12.47
CA GLU A 75 2.75 -12.98 12.48
C GLU A 75 4.23 -13.31 12.56
N GLY A 76 4.98 -12.48 13.27
CA GLY A 76 6.40 -12.71 13.42
C GLY A 76 7.15 -12.61 12.09
N GLU A 77 6.54 -11.93 11.13
CA GLU A 77 7.15 -11.76 9.82
C GLU A 77 7.38 -10.29 9.51
N GLU A 78 8.60 -9.97 9.06
CA GLU A 78 8.95 -8.59 8.73
C GLU A 78 8.18 -8.12 7.51
N ILE A 79 7.08 -7.40 7.74
CA ILE A 79 6.25 -6.89 6.66
C ILE A 79 6.76 -5.54 6.18
N GLU A 80 6.69 -5.32 4.87
CA GLU A 80 7.15 -4.06 4.27
C GLU A 80 5.97 -3.26 3.72
N ILE A 81 6.15 -1.95 3.63
CA ILE A 81 5.11 -1.08 3.12
C ILE A 81 5.70 0.05 2.28
N VAL A 82 5.06 0.32 1.14
CA VAL A 82 5.52 1.39 0.25
C VAL A 82 4.35 2.01 -0.50
N LEU A 83 4.53 3.25 -0.95
CA LEU A 83 3.50 3.96 -1.69
C LEU A 83 3.36 3.41 -3.11
N ALA A 84 2.14 3.02 -3.46
CA ALA A 84 1.88 2.47 -4.79
C ALA A 84 1.55 3.59 -5.78
N LYS A 85 2.53 3.95 -6.60
CA LYS A 85 2.34 5.00 -7.59
C LYS A 85 1.72 4.44 -8.87
N PRO A 86 0.97 5.29 -9.58
CA PRO A 86 0.30 4.90 -10.83
C PRO A 86 1.29 4.67 -11.96
N PRO A 87 0.81 4.07 -13.06
CA PRO A 87 1.63 3.78 -14.24
C PRO A 87 2.04 5.04 -14.99
N ASP A 88 2.85 4.87 -16.02
CA ASP A 88 3.31 5.99 -16.83
C ASP A 88 2.67 5.98 -18.21
N LYS A 89 1.41 6.40 -18.28
CA LYS A 89 0.69 6.42 -19.55
C LYS A 89 -0.66 7.10 -19.37
N LYS A 90 -1.23 7.59 -20.48
CA LYS A 90 -2.52 8.26 -20.45
C LYS A 90 -3.65 7.24 -20.39
N ARG A 91 -3.62 6.26 -21.28
CA ARG A 91 -4.65 5.23 -21.32
C ARG A 91 -6.02 5.84 -21.62
N SER A 92 -6.06 6.70 -22.64
CA SER A 92 -7.31 7.35 -23.02
C SER A 92 -8.37 6.32 -23.38
N GLY A 93 -7.93 5.18 -23.90
CA GLY A 93 -8.86 4.13 -24.26
C GLY A 93 -8.47 2.77 -23.70
N PRO A 94 -9.19 1.73 -24.11
CA PRO A 94 -8.93 0.36 -23.65
C PRO A 94 -7.63 -0.21 -24.18
N SER A 95 -6.54 0.04 -23.45
CA SER A 95 -5.23 -0.45 -23.87
C SER A 95 -4.90 -1.77 -23.20
N SER A 96 -3.83 -2.41 -23.67
CA SER A 96 -3.41 -3.70 -23.11
C SER A 96 -2.06 -3.57 -22.41
N GLY A 97 -2.09 -3.32 -21.11
CA GLY A 97 -0.87 -3.18 -20.34
C GLY A 97 0.05 -2.11 -20.91
N GLY A 1 20.89 6.13 -2.63
CA GLY A 1 20.75 7.39 -3.34
C GLY A 1 21.77 8.42 -2.90
N SER A 2 21.66 9.63 -3.45
CA SER A 2 22.60 10.70 -3.11
C SER A 2 21.94 11.72 -2.18
N SER A 3 20.73 12.13 -2.53
CA SER A 3 19.99 13.10 -1.73
C SER A 3 18.50 12.78 -1.71
N GLY A 4 17.81 13.31 -0.71
CA GLY A 4 16.38 13.07 -0.59
C GLY A 4 15.59 13.62 -1.76
N SER A 5 14.39 13.07 -1.98
CA SER A 5 13.54 13.52 -3.07
C SER A 5 12.49 14.50 -2.59
N SER A 6 11.89 14.19 -1.44
CA SER A 6 10.87 15.06 -0.86
C SER A 6 9.67 15.17 -1.80
N GLY A 7 8.62 14.40 -1.51
CA GLY A 7 7.42 14.42 -2.34
C GLY A 7 6.49 15.55 -1.95
N ASP A 8 5.72 16.03 -2.91
CA ASP A 8 4.77 17.12 -2.68
C ASP A 8 3.47 16.57 -2.08
N PRO A 9 2.73 17.46 -1.39
CA PRO A 9 1.46 17.09 -0.75
C PRO A 9 0.36 16.82 -1.77
N GLU A 10 0.43 17.51 -2.90
CA GLU A 10 -0.57 17.34 -3.96
C GLU A 10 -0.41 15.98 -4.64
N VAL A 11 0.82 15.48 -4.68
CA VAL A 11 1.11 14.20 -5.30
C VAL A 11 0.53 13.06 -4.49
N MET A 12 1.02 12.90 -3.26
CA MET A 12 0.54 11.84 -2.38
C MET A 12 -0.96 11.93 -2.18
N ALA A 13 -1.50 13.14 -2.28
CA ALA A 13 -2.93 13.36 -2.12
C ALA A 13 -3.73 12.58 -3.16
N LYS A 14 -3.10 12.33 -4.31
CA LYS A 14 -3.75 11.59 -5.38
C LYS A 14 -3.77 10.09 -5.09
N VAL A 15 -2.59 9.51 -4.96
CA VAL A 15 -2.47 8.07 -4.68
C VAL A 15 -3.25 7.71 -3.41
N LYS A 16 -3.93 6.57 -3.46
CA LYS A 16 -4.72 6.10 -2.32
C LYS A 16 -4.60 4.58 -2.17
N VAL A 17 -3.49 4.02 -2.66
CA VAL A 17 -3.27 2.59 -2.58
C VAL A 17 -1.91 2.29 -1.94
N LEU A 18 -1.93 1.45 -0.91
CA LEU A 18 -0.70 1.07 -0.22
C LEU A 18 -0.20 -0.30 -0.68
N PHE A 19 1.07 -0.37 -1.02
CA PHE A 19 1.66 -1.62 -1.48
C PHE A 19 2.37 -2.34 -0.34
N VAL A 20 1.68 -3.33 0.23
CA VAL A 20 2.24 -4.11 1.34
C VAL A 20 2.97 -5.34 0.84
N ARG A 21 4.29 -5.33 0.97
CA ARG A 21 5.12 -6.45 0.53
C ARG A 21 5.56 -7.31 1.71
N ASN A 22 6.10 -8.48 1.42
CA ASN A 22 6.55 -9.40 2.46
C ASN A 22 5.43 -9.74 3.42
N LEU A 23 4.51 -10.60 2.97
CA LEU A 23 3.38 -11.02 3.79
C LEU A 23 3.58 -12.43 4.32
N ALA A 24 2.62 -12.89 5.12
CA ALA A 24 2.70 -14.24 5.69
C ALA A 24 1.83 -15.22 4.92
N THR A 25 2.27 -16.47 4.86
CA THR A 25 1.53 -17.51 4.14
C THR A 25 0.45 -18.12 5.03
N THR A 26 0.65 -18.04 6.34
CA THR A 26 -0.31 -18.59 7.29
C THR A 26 -1.48 -17.63 7.51
N VAL A 27 -1.21 -16.33 7.37
CA VAL A 27 -2.24 -15.31 7.54
C VAL A 27 -3.27 -15.38 6.42
N THR A 28 -4.44 -14.78 6.67
CA THR A 28 -5.51 -14.78 5.69
C THR A 28 -6.03 -13.36 5.44
N GLU A 29 -6.84 -13.21 4.40
CA GLU A 29 -7.40 -11.90 4.07
C GLU A 29 -8.12 -11.29 5.26
N GLU A 30 -8.63 -12.15 6.15
CA GLU A 30 -9.34 -11.69 7.32
C GLU A 30 -8.40 -10.96 8.28
N ILE A 31 -7.36 -11.66 8.73
CA ILE A 31 -6.39 -11.09 9.65
C ILE A 31 -5.84 -9.77 9.11
N LEU A 32 -5.40 -9.79 7.85
CA LEU A 32 -4.85 -8.60 7.22
C LEU A 32 -5.82 -7.42 7.34
N GLU A 33 -7.08 -7.65 7.00
CA GLU A 33 -8.10 -6.62 7.08
C GLU A 33 -8.34 -6.20 8.52
N LYS A 34 -8.33 -7.16 9.42
CA LYS A 34 -8.54 -6.89 10.84
C LYS A 34 -7.56 -5.84 11.35
N SER A 35 -6.41 -5.76 10.70
CA SER A 35 -5.38 -4.79 11.09
C SER A 35 -5.75 -3.40 10.62
N PHE A 36 -5.69 -3.18 9.30
CA PHE A 36 -6.01 -1.89 8.73
C PHE A 36 -7.38 -1.41 9.20
N SER A 37 -8.28 -2.36 9.46
CA SER A 37 -9.62 -2.02 9.92
C SER A 37 -9.57 -1.17 11.19
N GLU A 38 -8.49 -1.31 11.95
CA GLU A 38 -8.31 -0.57 13.18
C GLU A 38 -7.96 0.89 12.88
N PHE A 39 -7.34 1.11 11.73
CA PHE A 39 -6.95 2.46 11.33
C PHE A 39 -8.12 3.21 10.68
N GLY A 40 -8.74 2.57 9.70
CA GLY A 40 -9.86 3.18 9.01
C GLY A 40 -10.62 2.19 8.15
N LYS A 41 -11.88 2.51 7.85
CA LYS A 41 -12.71 1.65 7.03
C LYS A 41 -12.01 1.30 5.71
N LEU A 42 -11.83 0.00 5.48
CA LEU A 42 -11.18 -0.46 4.26
C LEU A 42 -12.15 -0.51 3.10
N GLU A 43 -11.62 -0.71 1.89
CA GLU A 43 -12.46 -0.78 0.69
C GLU A 43 -12.48 -2.20 0.13
N ARG A 44 -11.31 -2.80 0.00
CA ARG A 44 -11.20 -4.15 -0.54
C ARG A 44 -9.74 -4.63 -0.51
N VAL A 45 -9.55 -5.89 -0.11
CA VAL A 45 -8.21 -6.46 -0.04
C VAL A 45 -8.10 -7.70 -0.93
N LYS A 46 -6.90 -7.93 -1.46
CA LYS A 46 -6.66 -9.07 -2.33
C LYS A 46 -5.25 -9.61 -2.14
N LYS A 47 -5.13 -10.93 -2.06
CA LYS A 47 -3.84 -11.59 -1.88
C LYS A 47 -3.17 -11.86 -3.23
N LEU A 48 -2.21 -11.00 -3.59
CA LEU A 48 -1.49 -11.16 -4.85
C LEU A 48 0.01 -11.21 -4.62
N LYS A 49 0.59 -12.40 -4.84
CA LYS A 49 2.03 -12.59 -4.65
C LYS A 49 2.42 -12.37 -3.19
N ASP A 50 3.72 -12.17 -2.96
CA ASP A 50 4.23 -11.95 -1.61
C ASP A 50 3.62 -10.69 -1.01
N TYR A 51 3.03 -9.85 -1.85
CA TYR A 51 2.41 -8.60 -1.40
C TYR A 51 0.90 -8.71 -1.45
N ALA A 52 0.23 -7.59 -1.16
CA ALA A 52 -1.23 -7.55 -1.17
C ALA A 52 -1.74 -6.20 -1.66
N PHE A 53 -2.98 -6.18 -2.13
CA PHE A 53 -3.58 -4.96 -2.64
C PHE A 53 -4.81 -4.57 -1.81
N VAL A 54 -4.66 -3.52 -1.01
CA VAL A 54 -5.76 -3.05 -0.17
C VAL A 54 -6.18 -1.64 -0.55
N HIS A 55 -7.49 -1.40 -0.52
CA HIS A 55 -8.02 -0.08 -0.86
C HIS A 55 -8.63 0.60 0.36
N PHE A 56 -8.70 1.93 0.31
CA PHE A 56 -9.25 2.70 1.42
C PHE A 56 -10.30 3.68 0.92
N GLU A 57 -11.22 4.08 1.81
CA GLU A 57 -12.27 5.02 1.45
C GLU A 57 -11.69 6.31 0.90
N ASP A 58 -10.47 6.62 1.32
CA ASP A 58 -9.80 7.83 0.86
C ASP A 58 -8.28 7.71 1.02
N ARG A 59 -7.58 8.81 0.82
CA ARG A 59 -6.12 8.83 0.94
C ARG A 59 -5.70 8.95 2.40
N GLY A 60 -6.38 9.81 3.14
CA GLY A 60 -6.07 10.00 4.55
C GLY A 60 -6.04 8.70 5.32
N ALA A 61 -7.02 7.83 5.07
CA ALA A 61 -7.10 6.55 5.74
C ALA A 61 -5.91 5.66 5.39
N ALA A 62 -5.34 5.88 4.21
CA ALA A 62 -4.19 5.11 3.75
C ALA A 62 -2.90 5.64 4.36
N VAL A 63 -2.67 6.94 4.22
CA VAL A 63 -1.47 7.58 4.75
C VAL A 63 -1.35 7.35 6.25
N LYS A 64 -2.40 7.71 6.98
CA LYS A 64 -2.43 7.55 8.43
C LYS A 64 -2.17 6.09 8.82
N ALA A 65 -2.63 5.17 7.97
CA ALA A 65 -2.44 3.75 8.22
C ALA A 65 -1.00 3.33 7.98
N MET A 66 -0.55 3.47 6.75
CA MET A 66 0.82 3.12 6.38
C MET A 66 1.83 3.83 7.28
N ASP A 67 1.43 4.99 7.80
CA ASP A 67 2.30 5.76 8.67
C ASP A 67 2.78 4.93 9.85
N GLU A 68 1.84 4.24 10.51
CA GLU A 68 2.17 3.40 11.66
C GLU A 68 2.44 1.96 11.22
N MET A 69 1.60 1.46 10.32
CA MET A 69 1.75 0.10 9.83
C MET A 69 3.17 -0.15 9.33
N ASN A 70 3.77 0.88 8.71
CA ASN A 70 5.12 0.77 8.19
C ASN A 70 6.09 0.33 9.27
N GLY A 71 6.71 -0.83 9.08
CA GLY A 71 7.65 -1.35 10.06
C GLY A 71 6.98 -2.10 11.18
N LYS A 72 5.97 -2.89 10.84
CA LYS A 72 5.23 -3.67 11.82
C LYS A 72 5.60 -5.15 11.74
N GLU A 73 5.22 -5.91 12.76
CA GLU A 73 5.51 -7.34 12.79
C GLU A 73 4.23 -8.16 12.85
N ILE A 74 3.77 -8.61 11.70
CA ILE A 74 2.54 -9.40 11.62
C ILE A 74 2.86 -10.89 11.53
N GLU A 75 2.33 -11.66 12.47
CA GLU A 75 2.55 -13.11 12.49
C GLU A 75 4.04 -13.43 12.52
N GLY A 76 4.81 -12.59 13.23
CA GLY A 76 6.24 -12.80 13.32
C GLY A 76 6.93 -12.64 11.98
N GLU A 77 6.28 -11.96 11.05
CA GLU A 77 6.85 -11.75 9.72
C GLU A 77 7.04 -10.27 9.44
N GLU A 78 8.24 -9.90 9.00
CA GLU A 78 8.55 -8.51 8.69
C GLU A 78 7.76 -8.03 7.48
N ILE A 79 6.71 -7.27 7.73
CA ILE A 79 5.87 -6.73 6.67
C ILE A 79 6.33 -5.36 6.24
N GLU A 80 6.49 -5.17 4.93
CA GLU A 80 6.93 -3.90 4.37
C GLU A 80 5.77 -3.14 3.74
N ILE A 81 5.90 -1.83 3.65
CA ILE A 81 4.86 -0.99 3.06
C ILE A 81 5.46 0.16 2.25
N VAL A 82 4.96 0.34 1.04
CA VAL A 82 5.45 1.40 0.16
C VAL A 82 4.32 1.96 -0.70
N LEU A 83 4.37 3.28 -0.94
CA LEU A 83 3.36 3.93 -1.76
C LEU A 83 3.32 3.36 -3.17
N ALA A 84 2.12 3.11 -3.67
CA ALA A 84 1.95 2.56 -5.01
C ALA A 84 1.45 3.63 -5.98
N LYS A 85 2.36 4.14 -6.81
CA LYS A 85 2.02 5.16 -7.79
C LYS A 85 1.76 4.53 -9.16
N PRO A 86 0.90 5.20 -9.95
CA PRO A 86 0.55 4.73 -11.29
C PRO A 86 1.71 4.86 -12.28
N PRO A 87 1.56 4.22 -13.45
CA PRO A 87 2.58 4.25 -14.50
C PRO A 87 2.72 5.62 -15.14
N ASP A 88 3.66 5.74 -16.08
CA ASP A 88 3.88 7.00 -16.78
C ASP A 88 4.11 6.77 -18.26
N LYS A 89 3.04 6.85 -19.05
CA LYS A 89 3.12 6.64 -20.49
C LYS A 89 4.06 7.66 -21.13
N LYS A 90 4.78 7.22 -22.16
CA LYS A 90 5.71 8.09 -22.86
C LYS A 90 5.54 7.97 -24.37
N ARG A 91 6.06 8.96 -25.11
CA ARG A 91 5.96 8.95 -26.56
C ARG A 91 7.32 8.70 -27.20
N SER A 92 7.33 8.00 -28.32
CA SER A 92 8.56 7.69 -29.02
C SER A 92 8.88 8.75 -30.08
N GLY A 93 10.12 9.22 -30.08
CA GLY A 93 10.52 10.23 -31.04
C GLY A 93 11.90 10.80 -30.74
N PRO A 94 12.28 11.84 -31.49
CA PRO A 94 13.59 12.49 -31.33
C PRO A 94 13.70 13.26 -30.01
N SER A 95 14.72 12.96 -29.23
CA SER A 95 14.92 13.62 -27.95
C SER A 95 15.25 15.09 -28.14
N SER A 96 14.67 15.95 -27.31
CA SER A 96 14.89 17.38 -27.40
C SER A 96 16.28 17.75 -26.89
N GLY A 97 16.64 19.03 -27.02
CA GLY A 97 17.94 19.48 -26.56
C GLY A 97 18.66 20.30 -27.61
N GLY A 1 16.95 11.00 7.76
CA GLY A 1 17.80 12.14 7.48
C GLY A 1 17.80 12.52 6.02
N SER A 2 16.65 12.42 5.38
CA SER A 2 16.51 12.75 3.96
C SER A 2 16.78 14.24 3.74
N SER A 3 16.74 14.64 2.47
CA SER A 3 17.00 16.04 2.11
C SER A 3 16.81 16.25 0.61
N GLY A 4 15.96 17.21 0.25
CA GLY A 4 15.71 17.51 -1.15
C GLY A 4 14.23 17.56 -1.47
N SER A 5 13.91 17.94 -2.71
CA SER A 5 12.52 18.03 -3.14
C SER A 5 12.03 16.71 -3.71
N SER A 6 10.88 16.26 -3.24
CA SER A 6 10.30 15.00 -3.70
C SER A 6 9.08 15.26 -4.59
N GLY A 7 9.24 16.12 -5.58
CA GLY A 7 8.16 16.44 -6.48
C GLY A 7 7.05 17.23 -5.81
N ASP A 8 5.89 17.30 -6.45
CA ASP A 8 4.76 18.04 -5.90
C ASP A 8 4.00 17.19 -4.89
N PRO A 9 3.26 17.86 -3.99
CA PRO A 9 2.47 17.18 -2.96
C PRO A 9 1.28 16.44 -3.54
N GLU A 10 0.52 17.11 -4.39
CA GLU A 10 -0.65 16.52 -5.02
C GLU A 10 -0.29 15.22 -5.72
N VAL A 11 0.97 15.11 -6.14
CA VAL A 11 1.44 13.92 -6.85
C VAL A 11 1.14 12.66 -6.04
N MET A 12 1.83 12.49 -4.92
CA MET A 12 1.64 11.34 -4.07
C MET A 12 0.32 11.43 -3.30
N ALA A 13 -0.04 12.66 -2.93
CA ALA A 13 -1.28 12.89 -2.19
C ALA A 13 -2.47 12.25 -2.90
N LYS A 14 -2.39 12.16 -4.22
CA LYS A 14 -3.46 11.57 -5.01
C LYS A 14 -3.53 10.05 -4.79
N VAL A 15 -2.37 9.43 -4.65
CA VAL A 15 -2.30 7.99 -4.42
C VAL A 15 -3.21 7.57 -3.26
N LYS A 16 -3.98 6.50 -3.48
CA LYS A 16 -4.88 6.01 -2.46
C LYS A 16 -4.72 4.50 -2.29
N VAL A 17 -3.54 3.99 -2.61
CA VAL A 17 -3.26 2.57 -2.49
C VAL A 17 -1.93 2.32 -1.79
N LEU A 18 -1.91 1.33 -0.91
CA LEU A 18 -0.71 1.00 -0.16
C LEU A 18 -0.17 -0.38 -0.56
N PHE A 19 1.02 -0.41 -1.14
CA PHE A 19 1.64 -1.65 -1.57
C PHE A 19 2.35 -2.33 -0.42
N VAL A 20 1.68 -3.30 0.21
CA VAL A 20 2.25 -4.03 1.32
C VAL A 20 2.99 -5.28 0.85
N ARG A 21 4.31 -5.27 0.97
CA ARG A 21 5.14 -6.40 0.55
C ARG A 21 5.59 -7.21 1.76
N ASN A 22 6.13 -8.39 1.49
CA ASN A 22 6.61 -9.26 2.56
C ASN A 22 5.49 -9.60 3.54
N LEU A 23 4.57 -10.45 3.12
CA LEU A 23 3.45 -10.85 3.96
C LEU A 23 3.64 -12.27 4.49
N ALA A 24 2.72 -12.71 5.35
CA ALA A 24 2.79 -14.05 5.91
C ALA A 24 1.88 -15.01 5.17
N THR A 25 2.29 -16.28 5.10
CA THR A 25 1.52 -17.30 4.41
C THR A 25 0.48 -17.91 5.33
N THR A 26 0.75 -17.86 6.63
CA THR A 26 -0.16 -18.42 7.62
C THR A 26 -1.37 -17.51 7.85
N VAL A 27 -1.19 -16.22 7.57
CA VAL A 27 -2.26 -15.25 7.73
C VAL A 27 -3.25 -15.34 6.59
N THR A 28 -4.45 -14.78 6.80
CA THR A 28 -5.49 -14.79 5.79
C THR A 28 -6.04 -13.39 5.54
N GLU A 29 -6.82 -13.24 4.48
CA GLU A 29 -7.41 -11.96 4.12
C GLU A 29 -8.19 -11.38 5.30
N GLU A 30 -8.70 -12.26 6.15
CA GLU A 30 -9.47 -11.83 7.32
C GLU A 30 -8.59 -11.05 8.29
N ILE A 31 -7.47 -11.64 8.68
CA ILE A 31 -6.54 -11.00 9.61
C ILE A 31 -6.00 -9.70 9.02
N LEU A 32 -5.52 -9.76 7.78
CA LEU A 32 -4.97 -8.59 7.11
C LEU A 32 -6.01 -7.47 7.03
N GLU A 33 -7.27 -7.86 6.87
CA GLU A 33 -8.36 -6.89 6.78
C GLU A 33 -8.58 -6.20 8.12
N LYS A 34 -8.56 -6.97 9.20
CA LYS A 34 -8.75 -6.43 10.54
C LYS A 34 -7.53 -5.63 10.98
N SER A 35 -6.38 -5.97 10.42
CA SER A 35 -5.14 -5.28 10.76
C SER A 35 -5.20 -3.82 10.35
N PHE A 36 -5.78 -3.56 9.19
CA PHE A 36 -5.90 -2.20 8.67
C PHE A 36 -7.24 -1.59 9.05
N SER A 37 -8.27 -2.44 9.11
CA SER A 37 -9.61 -1.99 9.46
C SER A 37 -9.61 -1.21 10.77
N GLU A 38 -8.65 -1.53 11.64
CA GLU A 38 -8.54 -0.87 12.93
C GLU A 38 -8.28 0.63 12.75
N PHE A 39 -7.69 0.99 11.62
CA PHE A 39 -7.39 2.39 11.33
C PHE A 39 -8.61 3.09 10.73
N GLY A 40 -9.20 2.49 9.70
CA GLY A 40 -10.36 3.07 9.07
C GLY A 40 -11.10 2.08 8.18
N LYS A 41 -12.36 2.37 7.89
CA LYS A 41 -13.17 1.50 7.05
C LYS A 41 -12.46 1.18 5.74
N LEU A 42 -12.01 -0.06 5.60
CA LEU A 42 -11.31 -0.49 4.39
C LEU A 42 -12.25 -0.52 3.20
N GLU A 43 -11.70 -0.74 2.01
CA GLU A 43 -12.49 -0.79 0.79
C GLU A 43 -12.51 -2.22 0.21
N ARG A 44 -11.33 -2.83 0.12
CA ARG A 44 -11.22 -4.17 -0.41
C ARG A 44 -9.77 -4.64 -0.39
N VAL A 45 -9.56 -5.88 0.04
CA VAL A 45 -8.22 -6.46 0.11
C VAL A 45 -8.11 -7.71 -0.75
N LYS A 46 -6.93 -7.93 -1.31
CA LYS A 46 -6.69 -9.09 -2.16
C LYS A 46 -5.29 -9.64 -1.96
N LYS A 47 -5.17 -10.95 -1.86
CA LYS A 47 -3.88 -11.60 -1.67
C LYS A 47 -3.21 -11.90 -3.01
N LEU A 48 -2.26 -11.07 -3.40
CA LEU A 48 -1.55 -11.26 -4.66
C LEU A 48 -0.04 -11.31 -4.43
N LYS A 49 0.55 -12.48 -4.62
CA LYS A 49 1.98 -12.67 -4.44
C LYS A 49 2.39 -12.42 -2.99
N ASP A 50 3.68 -12.22 -2.77
CA ASP A 50 4.19 -11.95 -1.43
C ASP A 50 3.58 -10.68 -0.85
N TYR A 51 3.00 -9.86 -1.72
CA TYR A 51 2.39 -8.61 -1.30
C TYR A 51 0.86 -8.72 -1.33
N ALA A 52 0.19 -7.59 -1.07
CA ALA A 52 -1.27 -7.55 -1.07
C ALA A 52 -1.78 -6.21 -1.59
N PHE A 53 -3.02 -6.20 -2.05
CA PHE A 53 -3.64 -4.99 -2.57
C PHE A 53 -4.85 -4.58 -1.74
N VAL A 54 -4.70 -3.52 -0.96
CA VAL A 54 -5.79 -3.03 -0.12
C VAL A 54 -6.21 -1.63 -0.53
N HIS A 55 -7.52 -1.38 -0.53
CA HIS A 55 -8.05 -0.08 -0.89
C HIS A 55 -8.67 0.62 0.31
N PHE A 56 -8.65 1.95 0.30
CA PHE A 56 -9.22 2.73 1.39
C PHE A 56 -10.25 3.73 0.87
N GLU A 57 -11.16 4.13 1.75
CA GLU A 57 -12.20 5.08 1.38
C GLU A 57 -11.59 6.36 0.80
N ASP A 58 -10.37 6.66 1.22
CA ASP A 58 -9.67 7.85 0.75
C ASP A 58 -8.16 7.70 0.92
N ARG A 59 -7.44 8.79 0.71
CA ARG A 59 -5.98 8.78 0.83
C ARG A 59 -5.56 8.93 2.29
N GLY A 60 -6.35 9.67 3.06
CA GLY A 60 -6.04 9.88 4.46
C GLY A 60 -6.02 8.59 5.25
N ALA A 61 -7.09 7.80 5.12
CA ALA A 61 -7.19 6.52 5.82
C ALA A 61 -6.01 5.62 5.49
N ALA A 62 -5.41 5.83 4.32
CA ALA A 62 -4.27 5.04 3.89
C ALA A 62 -2.97 5.58 4.46
N VAL A 63 -2.80 6.89 4.40
CA VAL A 63 -1.60 7.54 4.92
C VAL A 63 -1.48 7.34 6.43
N LYS A 64 -2.52 7.73 7.15
CA LYS A 64 -2.53 7.60 8.60
C LYS A 64 -2.21 6.17 9.03
N ALA A 65 -2.56 5.22 8.16
CA ALA A 65 -2.30 3.80 8.44
C ALA A 65 -0.86 3.43 8.13
N MET A 66 -0.46 3.64 6.88
CA MET A 66 0.91 3.33 6.46
C MET A 66 1.93 4.05 7.34
N ASP A 67 1.52 5.18 7.91
CA ASP A 67 2.39 5.96 8.77
C ASP A 67 2.91 5.12 9.94
N GLU A 68 1.99 4.39 10.58
CA GLU A 68 2.36 3.54 11.71
C GLU A 68 2.68 2.13 11.24
N MET A 69 1.86 1.60 10.34
CA MET A 69 2.05 0.25 9.82
C MET A 69 3.48 0.07 9.30
N ASN A 70 3.98 1.10 8.63
CA ASN A 70 5.33 1.06 8.08
C ASN A 70 6.34 0.66 9.14
N GLY A 71 6.79 -0.59 9.09
CA GLY A 71 7.75 -1.08 10.06
C GLY A 71 7.10 -1.83 11.21
N LYS A 72 6.02 -2.55 10.91
CA LYS A 72 5.30 -3.32 11.92
C LYS A 72 5.67 -4.80 11.85
N GLU A 73 5.18 -5.56 12.82
CA GLU A 73 5.45 -7.00 12.86
C GLU A 73 4.16 -7.80 12.84
N ILE A 74 3.77 -8.26 11.66
CA ILE A 74 2.55 -9.04 11.51
C ILE A 74 2.85 -10.54 11.55
N GLU A 75 2.25 -11.23 12.51
CA GLU A 75 2.47 -12.68 12.66
C GLU A 75 3.95 -13.01 12.78
N GLY A 76 4.70 -12.11 13.42
CA GLY A 76 6.12 -12.33 13.58
C GLY A 76 6.87 -12.30 12.27
N GLU A 77 6.27 -11.69 11.26
CA GLU A 77 6.90 -11.60 9.94
C GLU A 77 7.10 -10.15 9.53
N GLU A 78 8.33 -9.82 9.14
CA GLU A 78 8.67 -8.46 8.73
C GLU A 78 7.80 -8.03 7.55
N ILE A 79 6.95 -7.03 7.78
CA ILE A 79 6.07 -6.52 6.74
C ILE A 79 6.56 -5.18 6.20
N GLU A 80 6.62 -5.07 4.88
CA GLU A 80 7.08 -3.83 4.25
C GLU A 80 5.91 -3.07 3.62
N ILE A 81 6.06 -1.76 3.52
CA ILE A 81 5.02 -0.92 2.94
C ILE A 81 5.61 0.20 2.09
N VAL A 82 5.01 0.43 0.92
CA VAL A 82 5.48 1.46 0.01
C VAL A 82 4.34 2.04 -0.80
N LEU A 83 4.37 3.35 -1.02
CA LEU A 83 3.33 4.03 -1.80
C LEU A 83 3.27 3.49 -3.21
N ALA A 84 2.13 2.89 -3.57
CA ALA A 84 1.94 2.34 -4.90
C ALA A 84 1.56 3.43 -5.91
N LYS A 85 2.27 3.46 -7.03
CA LYS A 85 2.02 4.44 -8.07
C LYS A 85 1.50 3.78 -9.34
N PRO A 86 0.69 4.52 -10.11
CA PRO A 86 0.12 4.03 -11.36
C PRO A 86 1.17 3.86 -12.46
N PRO A 87 0.77 3.16 -13.54
CA PRO A 87 1.67 2.92 -14.68
C PRO A 87 1.97 4.18 -15.46
N ASP A 88 3.18 4.24 -16.02
CA ASP A 88 3.59 5.41 -16.81
C ASP A 88 3.58 5.08 -18.31
N LYS A 89 2.47 4.54 -18.78
CA LYS A 89 2.33 4.19 -20.19
C LYS A 89 3.47 3.27 -20.64
N LYS A 90 3.81 2.31 -19.78
CA LYS A 90 4.87 1.36 -20.09
C LYS A 90 4.40 -0.07 -19.88
N ARG A 91 3.21 -0.38 -20.38
CA ARG A 91 2.64 -1.72 -20.24
C ARG A 91 3.56 -2.76 -20.88
N SER A 92 3.87 -3.80 -20.10
CA SER A 92 4.75 -4.86 -20.60
C SER A 92 3.99 -6.19 -20.69
N GLY A 93 3.95 -6.76 -21.88
CA GLY A 93 3.25 -8.01 -22.08
C GLY A 93 2.53 -8.08 -23.41
N PRO A 94 3.30 -8.22 -24.50
CA PRO A 94 2.75 -8.29 -25.86
C PRO A 94 1.98 -9.59 -26.11
N SER A 95 1.39 -9.70 -27.29
CA SER A 95 0.63 -10.90 -27.65
C SER A 95 0.81 -11.23 -29.13
N SER A 96 2.06 -11.29 -29.57
CA SER A 96 2.37 -11.60 -30.96
C SER A 96 1.96 -13.02 -31.31
N GLY A 97 2.43 -13.98 -30.51
CA GLY A 97 2.10 -15.37 -30.75
C GLY A 97 0.77 -15.77 -30.14
#